data_1M4A
# 
_entry.id   1M4A 
# 
_audit_conform.dict_name       mmcif_pdbx.dic 
_audit_conform.dict_version    5.399 
_audit_conform.dict_location   http://mmcif.pdb.org/dictionaries/ascii/mmcif_pdbx.dic 
# 
loop_
_database_2.database_id 
_database_2.database_code 
_database_2.pdbx_database_accession 
_database_2.pdbx_DOI 
PDB   1M4A         pdb_00001m4a 10.2210/pdb1m4a/pdb 
RCSB  RCSB016579   ?            ?                   
WWPDB D_1000016579 ?            ?                   
# 
loop_
_pdbx_audit_revision_history.ordinal 
_pdbx_audit_revision_history.data_content_type 
_pdbx_audit_revision_history.major_revision 
_pdbx_audit_revision_history.minor_revision 
_pdbx_audit_revision_history.revision_date 
1 'Structure model' 1 0 2002-07-31 
2 'Structure model' 1 1 2008-04-28 
3 'Structure model' 1 2 2011-07-13 
4 'Structure model' 1 3 2017-10-11 
5 'Structure model' 1 4 2021-10-27 
6 'Structure model' 1 5 2024-11-20 
# 
_pdbx_audit_revision_details.ordinal             1 
_pdbx_audit_revision_details.revision_ordinal    1 
_pdbx_audit_revision_details.data_content_type   'Structure model' 
_pdbx_audit_revision_details.provider            repository 
_pdbx_audit_revision_details.type                'Initial release' 
_pdbx_audit_revision_details.description         ? 
_pdbx_audit_revision_details.details             ? 
# 
loop_
_pdbx_audit_revision_group.ordinal 
_pdbx_audit_revision_group.revision_ordinal 
_pdbx_audit_revision_group.data_content_type 
_pdbx_audit_revision_group.group 
1 2 'Structure model' 'Version format compliance' 
2 3 'Structure model' 'Non-polymer description'   
3 3 'Structure model' 'Version format compliance' 
4 4 'Structure model' 'Refinement description'    
5 5 'Structure model' 'Database references'       
6 5 'Structure model' 'Derived calculations'      
7 6 'Structure model' 'Data collection'           
8 6 'Structure model' 'Structure summary'         
# 
loop_
_pdbx_audit_revision_category.ordinal 
_pdbx_audit_revision_category.revision_ordinal 
_pdbx_audit_revision_category.data_content_type 
_pdbx_audit_revision_category.category 
1 4 'Structure model' software                  
2 5 'Structure model' database_2                
3 5 'Structure model' struct_conn               
4 5 'Structure model' struct_ref_seq_dif        
5 5 'Structure model' struct_site               
6 6 'Structure model' chem_comp_atom            
7 6 'Structure model' chem_comp_bond            
8 6 'Structure model' pdbx_entry_details        
9 6 'Structure model' pdbx_modification_feature 
# 
loop_
_pdbx_audit_revision_item.ordinal 
_pdbx_audit_revision_item.revision_ordinal 
_pdbx_audit_revision_item.data_content_type 
_pdbx_audit_revision_item.item 
1 5 'Structure model' '_database_2.pdbx_DOI'                
2 5 'Structure model' '_database_2.pdbx_database_accession' 
3 5 'Structure model' '_struct_conn.pdbx_leaving_atom_flag' 
4 5 'Structure model' '_struct_ref_seq_dif.details'         
5 5 'Structure model' '_struct_site.pdbx_auth_asym_id'      
6 5 'Structure model' '_struct_site.pdbx_auth_comp_id'      
7 5 'Structure model' '_struct_site.pdbx_auth_seq_id'       
# 
_pdbx_database_status.status_code                     REL 
_pdbx_database_status.entry_id                        1M4A 
_pdbx_database_status.recvd_initial_deposition_date   2002-07-02 
_pdbx_database_status.deposit_site                    RCSB 
_pdbx_database_status.process_site                    RCSB 
_pdbx_database_status.status_code_sf                  REL 
_pdbx_database_status.SG_entry                        . 
_pdbx_database_status.pdb_format_compatible           Y 
_pdbx_database_status.status_code_mr                  ? 
_pdbx_database_status.status_code_cs                  ? 
_pdbx_database_status.methods_development_category    ? 
_pdbx_database_status.status_code_nmr_data            ? 
# 
loop_
_pdbx_database_related.db_name 
_pdbx_database_related.db_id 
_pdbx_database_related.details 
_pdbx_database_related.content_type 
PDB 1M47 '1M47 IS the Crystal Structure of Human Interleukin-2' unspecified 
PDB 1M48 
;1m48 is the crystal structure of human IL-2 complexed with (R)-N-[2-[1-(Aminoiminomethyl)-3-piperidinyl]-1-oxoethyl]-4-(phenylethynyl)-L-phenylalanine methyl ester
;
unspecified 
PDB 1M49 '1m49 is the crystal structure of human interleukin-2 complexed with SP-1985' unspecified 
PDB 1M4B 
;1m4b is the crystal structure of human interleukin-2 K43C covalently modified at C43 with 2-[2-(2-Cyclohexyl-2-guanidino-acetylamino)-acetylamino]-N-(3-mercapto-propyl)-propionamide
;
unspecified 
PDB 1M4C '1M4C is the crystal structure of human interleukin-2' unspecified 
# 
loop_
_audit_author.name 
_audit_author.pdbx_ordinal 
'Arkin, M.A.'    1  
'Randal, M.'     2  
'DeLano, W.L.'   3  
'Hyde, J.'       4  
'Luong, T.N.'    5  
'Oslob, J.D.'    6  
'Raphael, D.R.'  7  
'Taylor, L.'     8  
'Wang, J.'       9  
'McDowell, R.S.' 10 
'Wells, J.A.'    11 
'Braisted, A.C.' 12 
# 
_citation.id                        primary 
_citation.title                     
;Binding of small molecules to an adaptive 
protein-protein interface
;
_citation.journal_abbrev            Proc.Natl.Acad.Sci.USA 
_citation.journal_volume            100 
_citation.page_first                1603 
_citation.page_last                 1608 
_citation.year                      2003 
_citation.journal_id_ASTM           PNASA6 
_citation.country                   US 
_citation.journal_id_ISSN           0027-8424 
_citation.journal_id_CSD            0040 
_citation.book_publisher            ? 
_citation.pdbx_database_id_PubMed   12582206 
_citation.pdbx_database_id_DOI      10.1073/pnas.252756299 
# 
loop_
_citation_author.citation_id 
_citation_author.name 
_citation_author.ordinal 
_citation_author.identifier_ORCID 
primary 'Arkin, M.A.'    1  ? 
primary 'Randal, M.'     2  ? 
primary 'DeLano, W.L.'   3  ? 
primary 'Hyde, J.'       4  ? 
primary 'Luong, T.N.'    5  ? 
primary 'Oslob, J.D.'    6  ? 
primary 'Raphael, D.R.'  7  ? 
primary 'Taylor, L.'     8  ? 
primary 'Wang, J.'       9  ? 
primary 'McDowell, R.S.' 10 ? 
primary 'Wells, J.A.'    11 ? 
primary 'Braisted, A.C.' 12 ? 
# 
loop_
_entity.id 
_entity.type 
_entity.src_method 
_entity.pdbx_description 
_entity.formula_weight 
_entity.pdbx_number_of_molecules 
_entity.pdbx_ec 
_entity.pdbx_mutation 
_entity.pdbx_fragment 
_entity.details 
1 polymer     man interleukin-2                                          15375.948 1  ? Y31C ? ? 
2 non-polymer syn '(1H-INDOL-3-YL)-(2-MERCAPTO-ETHOXYIMINO)-ACETIC ACID' 266.316   1  ? ?    ? ? 
3 non-polymer syn GLYCEROL                                               92.094    1  ? ?    ? ? 
4 water       nat water                                                  18.015    13 ? ?    ? ? 
# 
_entity_name_com.entity_id   1 
_entity_name_com.name        'IL-2, T-CELL GROWTH FACTOR, TCGF, ALDESLEUKIN' 
# 
_entity_poly.entity_id                      1 
_entity_poly.type                           'polypeptide(L)' 
_entity_poly.nstd_linkage                   no 
_entity_poly.nstd_monomer                   no 
_entity_poly.pdbx_seq_one_letter_code       
;APTSSSTKKTQLQLEHLLLDLQMILNGINNCKNPKLTRMLTFKFYMPKKATELKHLQCLEEELKPLEEVLNLAQSKNFHL
RPRDLISNINVIVLELKGSETTFMCEYADETATIVEFLNRWITFCQSIISTLT
;
_entity_poly.pdbx_seq_one_letter_code_can   
;APTSSSTKKTQLQLEHLLLDLQMILNGINNCKNPKLTRMLTFKFYMPKKATELKHLQCLEEELKPLEEVLNLAQSKNFHL
RPRDLISNINVIVLELKGSETTFMCEYADETATIVEFLNRWITFCQSIISTLT
;
_entity_poly.pdbx_strand_id                 A 
_entity_poly.pdbx_target_identifier         ? 
# 
loop_
_pdbx_entity_nonpoly.entity_id 
_pdbx_entity_nonpoly.name 
_pdbx_entity_nonpoly.comp_id 
2 '(1H-INDOL-3-YL)-(2-MERCAPTO-ETHOXYIMINO)-ACETIC ACID' MPE 
3 GLYCEROL                                               GOL 
4 water                                                  HOH 
# 
loop_
_entity_poly_seq.entity_id 
_entity_poly_seq.num 
_entity_poly_seq.mon_id 
_entity_poly_seq.hetero 
1 1   ALA n 
1 2   PRO n 
1 3   THR n 
1 4   SER n 
1 5   SER n 
1 6   SER n 
1 7   THR n 
1 8   LYS n 
1 9   LYS n 
1 10  THR n 
1 11  GLN n 
1 12  LEU n 
1 13  GLN n 
1 14  LEU n 
1 15  GLU n 
1 16  HIS n 
1 17  LEU n 
1 18  LEU n 
1 19  LEU n 
1 20  ASP n 
1 21  LEU n 
1 22  GLN n 
1 23  MET n 
1 24  ILE n 
1 25  LEU n 
1 26  ASN n 
1 27  GLY n 
1 28  ILE n 
1 29  ASN n 
1 30  ASN n 
1 31  CYS n 
1 32  LYS n 
1 33  ASN n 
1 34  PRO n 
1 35  LYS n 
1 36  LEU n 
1 37  THR n 
1 38  ARG n 
1 39  MET n 
1 40  LEU n 
1 41  THR n 
1 42  PHE n 
1 43  LYS n 
1 44  PHE n 
1 45  TYR n 
1 46  MET n 
1 47  PRO n 
1 48  LYS n 
1 49  LYS n 
1 50  ALA n 
1 51  THR n 
1 52  GLU n 
1 53  LEU n 
1 54  LYS n 
1 55  HIS n 
1 56  LEU n 
1 57  GLN n 
1 58  CYS n 
1 59  LEU n 
1 60  GLU n 
1 61  GLU n 
1 62  GLU n 
1 63  LEU n 
1 64  LYS n 
1 65  PRO n 
1 66  LEU n 
1 67  GLU n 
1 68  GLU n 
1 69  VAL n 
1 70  LEU n 
1 71  ASN n 
1 72  LEU n 
1 73  ALA n 
1 74  GLN n 
1 75  SER n 
1 76  LYS n 
1 77  ASN n 
1 78  PHE n 
1 79  HIS n 
1 80  LEU n 
1 81  ARG n 
1 82  PRO n 
1 83  ARG n 
1 84  ASP n 
1 85  LEU n 
1 86  ILE n 
1 87  SER n 
1 88  ASN n 
1 89  ILE n 
1 90  ASN n 
1 91  VAL n 
1 92  ILE n 
1 93  VAL n 
1 94  LEU n 
1 95  GLU n 
1 96  LEU n 
1 97  LYS n 
1 98  GLY n 
1 99  SER n 
1 100 GLU n 
1 101 THR n 
1 102 THR n 
1 103 PHE n 
1 104 MET n 
1 105 CYS n 
1 106 GLU n 
1 107 TYR n 
1 108 ALA n 
1 109 ASP n 
1 110 GLU n 
1 111 THR n 
1 112 ALA n 
1 113 THR n 
1 114 ILE n 
1 115 VAL n 
1 116 GLU n 
1 117 PHE n 
1 118 LEU n 
1 119 ASN n 
1 120 ARG n 
1 121 TRP n 
1 122 ILE n 
1 123 THR n 
1 124 PHE n 
1 125 CYS n 
1 126 GLN n 
1 127 SER n 
1 128 ILE n 
1 129 ILE n 
1 130 SER n 
1 131 THR n 
1 132 LEU n 
1 133 THR n 
# 
_entity_src_gen.entity_id                          1 
_entity_src_gen.pdbx_src_id                        1 
_entity_src_gen.pdbx_alt_source_flag               sample 
_entity_src_gen.pdbx_seq_type                      ? 
_entity_src_gen.pdbx_beg_seq_num                   ? 
_entity_src_gen.pdbx_end_seq_num                   ? 
_entity_src_gen.gene_src_common_name               human 
_entity_src_gen.gene_src_genus                     Homo 
_entity_src_gen.pdbx_gene_src_gene                 ? 
_entity_src_gen.gene_src_species                   ? 
_entity_src_gen.gene_src_strain                    ? 
_entity_src_gen.gene_src_tissue                    ? 
_entity_src_gen.gene_src_tissue_fraction           ? 
_entity_src_gen.gene_src_details                   ? 
_entity_src_gen.pdbx_gene_src_fragment             ? 
_entity_src_gen.pdbx_gene_src_scientific_name      'Homo sapiens' 
_entity_src_gen.pdbx_gene_src_ncbi_taxonomy_id     9606 
_entity_src_gen.pdbx_gene_src_variant              ? 
_entity_src_gen.pdbx_gene_src_cell_line            ? 
_entity_src_gen.pdbx_gene_src_atcc                 ? 
_entity_src_gen.pdbx_gene_src_organ                ? 
_entity_src_gen.pdbx_gene_src_organelle            ? 
_entity_src_gen.pdbx_gene_src_cell                 ? 
_entity_src_gen.pdbx_gene_src_cellular_location    ? 
_entity_src_gen.host_org_common_name               ? 
_entity_src_gen.pdbx_host_org_scientific_name      'Escherichia coli BL21' 
_entity_src_gen.pdbx_host_org_ncbi_taxonomy_id     511693 
_entity_src_gen.host_org_genus                     Escherichia 
_entity_src_gen.pdbx_host_org_gene                 ? 
_entity_src_gen.pdbx_host_org_organ                ? 
_entity_src_gen.host_org_species                   'Escherichia coli' 
_entity_src_gen.pdbx_host_org_tissue               ? 
_entity_src_gen.pdbx_host_org_tissue_fraction      ? 
_entity_src_gen.pdbx_host_org_strain               BL21 
_entity_src_gen.pdbx_host_org_variant              ? 
_entity_src_gen.pdbx_host_org_cell_line            ? 
_entity_src_gen.pdbx_host_org_atcc                 ? 
_entity_src_gen.pdbx_host_org_culture_collection   ? 
_entity_src_gen.pdbx_host_org_cell                 ? 
_entity_src_gen.pdbx_host_org_organelle            ? 
_entity_src_gen.pdbx_host_org_cellular_location    ? 
_entity_src_gen.pdbx_host_org_vector_type          plasmid 
_entity_src_gen.pdbx_host_org_vector               ? 
_entity_src_gen.host_org_details                   ? 
_entity_src_gen.expression_system_id               ? 
_entity_src_gen.plasmid_name                       pRSET 
_entity_src_gen.plasmid_details                    ? 
_entity_src_gen.pdbx_description                   ? 
# 
loop_
_chem_comp.id 
_chem_comp.type 
_chem_comp.mon_nstd_flag 
_chem_comp.name 
_chem_comp.pdbx_synonyms 
_chem_comp.formula 
_chem_comp.formula_weight 
ALA 'L-peptide linking' y ALANINE                                                ?                               'C3 H7 N O2'      
89.093  
ARG 'L-peptide linking' y ARGININE                                               ?                               'C6 H15 N4 O2 1'  
175.209 
ASN 'L-peptide linking' y ASPARAGINE                                             ?                               'C4 H8 N2 O3'     
132.118 
ASP 'L-peptide linking' y 'ASPARTIC ACID'                                        ?                               'C4 H7 N O4'      
133.103 
CYS 'L-peptide linking' y CYSTEINE                                               ?                               'C3 H7 N O2 S'    
121.158 
GLN 'L-peptide linking' y GLUTAMINE                                              ?                               'C5 H10 N2 O3'    
146.144 
GLU 'L-peptide linking' y 'GLUTAMIC ACID'                                        ?                               'C5 H9 N O4'      
147.129 
GLY 'peptide linking'   y GLYCINE                                                ?                               'C2 H5 N O2'      
75.067  
GOL non-polymer         . GLYCEROL                                               'GLYCERIN; PROPANE-1,2,3-TRIOL' 'C3 H8 O3'        
92.094  
HIS 'L-peptide linking' y HISTIDINE                                              ?                               'C6 H10 N3 O2 1'  
156.162 
HOH non-polymer         . WATER                                                  ?                               'H2 O'            
18.015  
ILE 'L-peptide linking' y ISOLEUCINE                                             ?                               'C6 H13 N O2'     
131.173 
LEU 'L-peptide linking' y LEUCINE                                                ?                               'C6 H13 N O2'     
131.173 
LYS 'L-peptide linking' y LYSINE                                                 ?                               'C6 H15 N2 O2 1'  
147.195 
MET 'L-peptide linking' y METHIONINE                                             ?                               'C5 H11 N O2 S'   
149.211 
MPE non-polymer         . '(1H-INDOL-3-YL)-(2-MERCAPTO-ETHOXYIMINO)-ACETIC ACID' ?                               'C12 H14 N2 O3 S' 
266.316 
PHE 'L-peptide linking' y PHENYLALANINE                                          ?                               'C9 H11 N O2'     
165.189 
PRO 'L-peptide linking' y PROLINE                                                ?                               'C5 H9 N O2'      
115.130 
SER 'L-peptide linking' y SERINE                                                 ?                               'C3 H7 N O3'      
105.093 
THR 'L-peptide linking' y THREONINE                                              ?                               'C4 H9 N O3'      
119.119 
TRP 'L-peptide linking' y TRYPTOPHAN                                             ?                               'C11 H12 N2 O2'   
204.225 
TYR 'L-peptide linking' y TYROSINE                                               ?                               'C9 H11 N O3'     
181.189 
VAL 'L-peptide linking' y VALINE                                                 ?                               'C5 H11 N O2'     
117.146 
# 
loop_
_pdbx_poly_seq_scheme.asym_id 
_pdbx_poly_seq_scheme.entity_id 
_pdbx_poly_seq_scheme.seq_id 
_pdbx_poly_seq_scheme.mon_id 
_pdbx_poly_seq_scheme.ndb_seq_num 
_pdbx_poly_seq_scheme.pdb_seq_num 
_pdbx_poly_seq_scheme.auth_seq_num 
_pdbx_poly_seq_scheme.pdb_mon_id 
_pdbx_poly_seq_scheme.auth_mon_id 
_pdbx_poly_seq_scheme.pdb_strand_id 
_pdbx_poly_seq_scheme.pdb_ins_code 
_pdbx_poly_seq_scheme.hetero 
A 1 1   ALA 1   1   ?   ?   ?   A . n 
A 1 2   PRO 2   2   ?   ?   ?   A . n 
A 1 3   THR 3   3   ?   ?   ?   A . n 
A 1 4   SER 4   4   ?   ?   ?   A . n 
A 1 5   SER 5   5   ?   ?   ?   A . n 
A 1 6   SER 6   6   ?   ?   ?   A . n 
A 1 7   THR 7   7   7   THR THR A . n 
A 1 8   LYS 8   8   8   LYS LYS A . n 
A 1 9   LYS 9   9   9   LYS LYS A . n 
A 1 10  THR 10  10  10  THR THR A . n 
A 1 11  GLN 11  11  11  GLN GLN A . n 
A 1 12  LEU 12  12  12  LEU LEU A . n 
A 1 13  GLN 13  13  13  GLN GLN A . n 
A 1 14  LEU 14  14  14  LEU LEU A . n 
A 1 15  GLU 15  15  15  GLU GLU A . n 
A 1 16  HIS 16  16  16  HIS HIS A . n 
A 1 17  LEU 17  17  17  LEU LEU A . n 
A 1 18  LEU 18  18  18  LEU LEU A . n 
A 1 19  LEU 19  19  19  LEU LEU A . n 
A 1 20  ASP 20  20  20  ASP ASP A . n 
A 1 21  LEU 21  21  21  LEU LEU A . n 
A 1 22  GLN 22  22  22  GLN GLN A . n 
A 1 23  MET 23  23  23  MET MET A . n 
A 1 24  ILE 24  24  24  ILE ILE A . n 
A 1 25  LEU 25  25  25  LEU LEU A . n 
A 1 26  ASN 26  26  26  ASN ASN A . n 
A 1 27  GLY 27  27  27  GLY GLY A . n 
A 1 28  ILE 28  28  28  ILE ILE A . n 
A 1 29  ASN 29  29  29  ASN ASN A . n 
A 1 30  ASN 30  30  30  ASN ASN A . n 
A 1 31  CYS 31  31  31  CYS CYS A . n 
A 1 32  LYS 32  32  32  LYS LYS A . n 
A 1 33  ASN 33  33  33  ASN ASN A . n 
A 1 34  PRO 34  34  34  PRO PRO A . n 
A 1 35  LYS 35  35  35  LYS LYS A . n 
A 1 36  LEU 36  36  36  LEU LEU A . n 
A 1 37  THR 37  37  37  THR THR A . n 
A 1 38  ARG 38  38  38  ARG ARG A . n 
A 1 39  MET 39  39  39  MET MET A . n 
A 1 40  LEU 40  40  40  LEU LEU A . n 
A 1 41  THR 41  41  41  THR THR A . n 
A 1 42  PHE 42  42  42  PHE PHE A . n 
A 1 43  LYS 43  43  43  LYS LYS A . n 
A 1 44  PHE 44  44  44  PHE PHE A . n 
A 1 45  TYR 45  45  45  TYR TYR A . n 
A 1 46  MET 46  46  46  MET MET A . n 
A 1 47  PRO 47  47  47  PRO PRO A . n 
A 1 48  LYS 48  48  48  LYS LYS A . n 
A 1 49  LYS 49  49  49  LYS LYS A . n 
A 1 50  ALA 50  50  50  ALA ALA A . n 
A 1 51  THR 51  51  51  THR THR A . n 
A 1 52  GLU 52  52  52  GLU GLU A . n 
A 1 53  LEU 53  53  53  LEU LEU A . n 
A 1 54  LYS 54  54  54  LYS LYS A . n 
A 1 55  HIS 55  55  55  HIS HIS A . n 
A 1 56  LEU 56  56  56  LEU LEU A . n 
A 1 57  GLN 57  57  57  GLN GLN A . n 
A 1 58  CYS 58  58  58  CYS CYS A . n 
A 1 59  LEU 59  59  59  LEU LEU A . n 
A 1 60  GLU 60  60  60  GLU GLU A . n 
A 1 61  GLU 61  61  61  GLU GLU A . n 
A 1 62  GLU 62  62  62  GLU GLU A . n 
A 1 63  LEU 63  63  63  LEU LEU A . n 
A 1 64  LYS 64  64  64  LYS LYS A . n 
A 1 65  PRO 65  65  65  PRO PRO A . n 
A 1 66  LEU 66  66  66  LEU LEU A . n 
A 1 67  GLU 67  67  67  GLU GLU A . n 
A 1 68  GLU 68  68  68  GLU GLU A . n 
A 1 69  VAL 69  69  69  VAL VAL A . n 
A 1 70  LEU 70  70  70  LEU LEU A . n 
A 1 71  ASN 71  71  71  ASN ASN A . n 
A 1 72  LEU 72  72  72  LEU LEU A . n 
A 1 73  ALA 73  73  73  ALA ALA A . n 
A 1 74  GLN 74  74  ?   ?   ?   A . n 
A 1 75  SER 75  75  ?   ?   ?   A . n 
A 1 76  LYS 76  76  ?   ?   ?   A . n 
A 1 77  ASN 77  77  ?   ?   ?   A . n 
A 1 78  PHE 78  78  ?   ?   ?   A . n 
A 1 79  HIS 79  79  ?   ?   ?   A . n 
A 1 80  LEU 80  80  80  LEU LEU A . n 
A 1 81  ARG 81  81  81  ARG ARG A . n 
A 1 82  PRO 82  82  82  PRO PRO A . n 
A 1 83  ARG 83  83  83  ARG ARG A . n 
A 1 84  ASP 84  84  84  ASP ASP A . n 
A 1 85  LEU 85  85  85  LEU LEU A . n 
A 1 86  ILE 86  86  86  ILE ILE A . n 
A 1 87  SER 87  87  87  SER SER A . n 
A 1 88  ASN 88  88  88  ASN ASN A . n 
A 1 89  ILE 89  89  89  ILE ILE A . n 
A 1 90  ASN 90  90  90  ASN ASN A . n 
A 1 91  VAL 91  91  91  VAL VAL A . n 
A 1 92  ILE 92  92  92  ILE ILE A . n 
A 1 93  VAL 93  93  93  VAL VAL A . n 
A 1 94  LEU 94  94  94  LEU LEU A . n 
A 1 95  GLU 95  95  95  GLU GLU A . n 
A 1 96  LEU 96  96  96  LEU LEU A . n 
A 1 97  LYS 97  97  ?   ?   ?   A . n 
A 1 98  GLY 98  98  ?   ?   ?   A . n 
A 1 99  SER 99  99  ?   ?   ?   A . n 
A 1 100 GLU 100 100 ?   ?   ?   A . n 
A 1 101 THR 101 101 ?   ?   ?   A . n 
A 1 102 THR 102 102 ?   ?   ?   A . n 
A 1 103 PHE 103 103 103 PHE PHE A . n 
A 1 104 MET 104 104 104 MET MET A . n 
A 1 105 CYS 105 105 105 CYS CYS A . n 
A 1 106 GLU 106 106 106 GLU GLU A . n 
A 1 107 TYR 107 107 107 TYR TYR A . n 
A 1 108 ALA 108 108 108 ALA ALA A . n 
A 1 109 ASP 109 109 109 ASP ASP A . n 
A 1 110 GLU 110 110 110 GLU GLU A . n 
A 1 111 THR 111 111 111 THR THR A . n 
A 1 112 ALA 112 112 112 ALA ALA A . n 
A 1 113 THR 113 113 113 THR THR A . n 
A 1 114 ILE 114 114 114 ILE ILE A . n 
A 1 115 VAL 115 115 115 VAL VAL A . n 
A 1 116 GLU 116 116 116 GLU GLU A . n 
A 1 117 PHE 117 117 117 PHE PHE A . n 
A 1 118 LEU 118 118 118 LEU LEU A . n 
A 1 119 ASN 119 119 119 ASN ASN A . n 
A 1 120 ARG 120 120 120 ARG ARG A . n 
A 1 121 TRP 121 121 121 TRP TRP A . n 
A 1 122 ILE 122 122 122 ILE ILE A . n 
A 1 123 THR 123 123 123 THR THR A . n 
A 1 124 PHE 124 124 124 PHE PHE A . n 
A 1 125 CYS 125 125 125 CYS CYS A . n 
A 1 126 GLN 126 126 126 GLN GLN A . n 
A 1 127 SER 127 127 127 SER SER A . n 
A 1 128 ILE 128 128 128 ILE ILE A . n 
A 1 129 ILE 129 129 129 ILE ILE A . n 
A 1 130 SER 130 130 130 SER SER A . n 
A 1 131 THR 131 131 131 THR THR A . n 
A 1 132 LEU 132 132 132 LEU LEU A . n 
A 1 133 THR 133 133 ?   ?   ?   A . n 
# 
loop_
_pdbx_nonpoly_scheme.asym_id 
_pdbx_nonpoly_scheme.entity_id 
_pdbx_nonpoly_scheme.mon_id 
_pdbx_nonpoly_scheme.ndb_seq_num 
_pdbx_nonpoly_scheme.pdb_seq_num 
_pdbx_nonpoly_scheme.auth_seq_num 
_pdbx_nonpoly_scheme.pdb_mon_id 
_pdbx_nonpoly_scheme.auth_mon_id 
_pdbx_nonpoly_scheme.pdb_strand_id 
_pdbx_nonpoly_scheme.pdb_ins_code 
B 2 MPE 1  201 101 MPE FRG A . 
C 3 GOL 1  202 1   GOL GOL A . 
D 4 HOH 1  203 2   HOH HOH A . 
D 4 HOH 2  204 3   HOH HOH A . 
D 4 HOH 3  205 4   HOH HOH A . 
D 4 HOH 4  206 5   HOH HOH A . 
D 4 HOH 5  207 6   HOH HOH A . 
D 4 HOH 6  208 7   HOH HOH A . 
D 4 HOH 7  209 8   HOH HOH A . 
D 4 HOH 8  210 9   HOH HOH A . 
D 4 HOH 9  211 10  HOH HOH A . 
D 4 HOH 10 212 11  HOH HOH A . 
D 4 HOH 11 213 12  HOH HOH A . 
D 4 HOH 12 214 13  HOH HOH A . 
D 4 HOH 13 215 14  HOH HOH A . 
# 
loop_
_software.name 
_software.classification 
_software.version 
_software.citation_id 
_software.pdbx_ordinal 
d*TREK 'data reduction' .      ? 1 
AMoRE  phasing          .      ? 2 
REFMAC refinement       5.1.19 ? 3 
d*TREK 'data scaling'   .      ? 4 
# 
_cell.entry_id           1M4A 
_cell.length_a           31.150 
_cell.length_b           47.590 
_cell.length_c           42.630 
_cell.angle_alpha        90.00 
_cell.angle_beta         104.84 
_cell.angle_gamma        90.00 
_cell.Z_PDB              2 
_cell.pdbx_unique_axis   ? 
# 
_symmetry.entry_id                         1M4A 
_symmetry.space_group_name_H-M             'P 1 21 1' 
_symmetry.pdbx_full_space_group_name_H-M   ? 
_symmetry.cell_setting                     ? 
_symmetry.Int_Tables_number                4 
# 
_exptl.entry_id          1M4A 
_exptl.method            'X-RAY DIFFRACTION' 
_exptl.crystals_number   1 
# 
_exptl_crystal.id                    1 
_exptl_crystal.density_meas          ? 
_exptl_crystal.density_percent_sol   38.06 
_exptl_crystal.density_Matthews      1.99 
_exptl_crystal.description           ? 
# 
_exptl_crystal_grow.crystal_id      1 
_exptl_crystal_grow.method          'VAPOR DIFFUSION, HANGING DROP' 
_exptl_crystal_grow.temp            298 
_exptl_crystal_grow.temp_details    ? 
_exptl_crystal_grow.pH              7.0 
_exptl_crystal_grow.pdbx_details    'pH 7.0, VAPOR DIFFUSION, HANGING DROP, temperature 298K' 
_exptl_crystal_grow.pdbx_pH_range   . 
# 
_diffrn.id                     1 
_diffrn.ambient_temp           100 
_diffrn.ambient_temp_details   ? 
_diffrn.crystal_id             1 
# 
_diffrn_detector.diffrn_id              1 
_diffrn_detector.detector               'IMAGE PLATE' 
_diffrn_detector.type                   'RIGAKU RAXIS IV' 
_diffrn_detector.pdbx_collection_date   2000-06-02 
_diffrn_detector.details                mirrors 
# 
_diffrn_radiation.diffrn_id                        1 
_diffrn_radiation.wavelength_id                    1 
_diffrn_radiation.pdbx_monochromatic_or_laue_m_l   M 
_diffrn_radiation.monochromator                    'yale mirrors' 
_diffrn_radiation.pdbx_diffrn_protocol             'SINGLE WAVELENGTH' 
_diffrn_radiation.pdbx_scattering_type             x-ray 
# 
_diffrn_radiation_wavelength.id           1 
_diffrn_radiation_wavelength.wavelength   1.5418 
_diffrn_radiation_wavelength.wt           1.0 
# 
_diffrn_source.diffrn_id                   1 
_diffrn_source.source                      'ROTATING ANODE' 
_diffrn_source.type                        RIGAKU 
_diffrn_source.pdbx_synchrotron_site       ? 
_diffrn_source.pdbx_synchrotron_beamline   ? 
_diffrn_source.pdbx_wavelength             ? 
_diffrn_source.pdbx_wavelength_list        1.5418 
# 
_reflns.entry_id                     1M4A 
_reflns.observed_criterion_sigma_F   0 
_reflns.observed_criterion_sigma_I   0 
_reflns.d_resolution_high            2.18 
_reflns.d_resolution_low             10 
_reflns.number_all                   5840 
_reflns.number_obs                   5840 
_reflns.percent_possible_obs         91.7 
_reflns.pdbx_Rmerge_I_obs            0.099 
_reflns.pdbx_Rsym_value              0.099 
_reflns.pdbx_netI_over_sigmaI        16.1 
_reflns.B_iso_Wilson_estimate        32.4 
_reflns.pdbx_redundancy              3.3 
_reflns.R_free_details               ? 
_reflns.limit_h_max                  ? 
_reflns.limit_h_min                  ? 
_reflns.limit_k_max                  ? 
_reflns.limit_k_min                  ? 
_reflns.limit_l_max                  ? 
_reflns.limit_l_min                  ? 
_reflns.observed_criterion_F_max     ? 
_reflns.observed_criterion_F_min     ? 
_reflns.pdbx_ordinal                 1 
_reflns.pdbx_diffrn_id               1 
# 
_reflns_shell.d_res_high             2.18 
_reflns_shell.d_res_low              2.26 
_reflns_shell.percent_possible_all   67.6 
_reflns_shell.Rmerge_I_obs           0.246 
_reflns_shell.pdbx_Rsym_value        0.246 
_reflns_shell.meanI_over_sigI_obs    3.2 
_reflns_shell.pdbx_redundancy        2.0 
_reflns_shell.percent_possible_obs   ? 
_reflns_shell.number_unique_all      438 
_reflns_shell.pdbx_ordinal           1 
_reflns_shell.pdbx_diffrn_id         1 
# 
_refine.entry_id                                 1M4A 
_refine.ls_number_reflns_obs                     5210 
_refine.ls_number_reflns_all                     5210 
_refine.pdbx_ls_sigma_I                          0 
_refine.pdbx_ls_sigma_F                          0 
_refine.pdbx_data_cutoff_high_absF               ? 
_refine.pdbx_data_cutoff_low_absF                ? 
_refine.ls_d_res_low                             10.00 
_refine.ls_d_res_high                            2.18 
_refine.ls_percent_reflns_obs                    91.65 
_refine.ls_R_factor_obs                          0.27625 
_refine.ls_R_factor_all                          0.27625 
_refine.ls_R_factor_R_work                       0.27124 
_refine.ls_R_factor_R_free                       0.32364 
_refine.ls_R_factor_R_free_error                 ? 
_refine.ls_R_factor_R_free_error_details         ? 
_refine.ls_percent_reflns_R_free                 9.7 
_refine.ls_number_reflns_R_free                  561 
_refine.ls_number_parameters                     ? 
_refine.ls_number_restraints                     ? 
_refine.occupancy_min                            ? 
_refine.occupancy_max                            ? 
_refine.correlation_coeff_Fo_to_Fc               0.906 
_refine.correlation_coeff_Fo_to_Fc_free          0.862 
_refine.B_iso_mean                               43.652 
_refine.aniso_B[1][1]                            -3.47 
_refine.aniso_B[2][2]                            -0.76 
_refine.aniso_B[3][3]                            4.37 
_refine.aniso_B[1][2]                            0.00 
_refine.aniso_B[1][3]                            0.28 
_refine.aniso_B[2][3]                            0.00 
_refine.solvent_model_details                    MASK 
_refine.solvent_model_param_ksol                 ? 
_refine.solvent_model_param_bsol                 ? 
_refine.pdbx_solvent_vdw_probe_radii             1.40 
_refine.pdbx_solvent_ion_probe_radii             0.80 
_refine.pdbx_solvent_shrinkage_radii             0.80 
_refine.pdbx_ls_cross_valid_method               THROUGHOUT 
_refine.details                                  ? 
_refine.pdbx_starting_model                      ? 
_refine.pdbx_method_to_determine_struct          'MOLECULAR REPLACEMENT' 
_refine.pdbx_isotropic_thermal_model             isotropic 
_refine.pdbx_stereochemistry_target_values       'MAXIMUM LIKELIHOOD' 
_refine.pdbx_stereochem_target_val_spec_case     ? 
_refine.pdbx_R_Free_selection_details            RANDOM 
_refine.pdbx_overall_ESU_R_Free                  0.325 
_refine.overall_SU_B                             ? 
_refine.ls_redundancy_reflns_obs                 ? 
_refine.B_iso_min                                ? 
_refine.B_iso_max                                ? 
_refine.overall_SU_R_Cruickshank_DPI             ? 
_refine.overall_SU_R_free                        ? 
_refine.overall_SU_ML                            ? 
_refine.pdbx_overall_ESU_R                       0.540 
_refine.pdbx_data_cutoff_high_rms_absF           ? 
_refine.pdbx_refine_id                           'X-RAY DIFFRACTION' 
_refine.pdbx_diffrn_id                           1 
_refine.pdbx_TLS_residual_ADP_flag               ? 
_refine.pdbx_overall_phase_error                 ? 
_refine.pdbx_overall_SU_R_free_Cruickshank_DPI   ? 
_refine.pdbx_overall_SU_R_Blow_DPI               ? 
_refine.pdbx_overall_SU_R_free_Blow_DPI          ? 
# 
_refine_hist.pdbx_refine_id                   'X-RAY DIFFRACTION' 
_refine_hist.cycle_id                         LAST 
_refine_hist.pdbx_number_atoms_protein        935 
_refine_hist.pdbx_number_atoms_nucleic_acid   0 
_refine_hist.pdbx_number_atoms_ligand         24 
_refine_hist.number_atoms_solvent             13 
_refine_hist.number_atoms_total               972 
_refine_hist.d_res_high                       2.18 
_refine_hist.d_res_low                        10.00 
# 
loop_
_refine_ls_restr.type 
_refine_ls_restr.dev_ideal 
_refine_ls_restr.dev_ideal_target 
_refine_ls_restr.weight 
_refine_ls_restr.number 
_refine_ls_restr.pdbx_refine_id 
_refine_ls_restr.pdbx_restraint_function 
r_bond_refined_d         0.008 0.022 ? 972  'X-RAY DIFFRACTION' ? 
r_angle_refined_deg      1.366 2.015 ? 1306 'X-RAY DIFFRACTION' ? 
r_dihedral_angle_1_deg   3.628 5.000 ? 111  'X-RAY DIFFRACTION' ? 
r_chiral_restr           0.095 0.200 ? 158  'X-RAY DIFFRACTION' ? 
r_gen_planes_refined     0.007 0.020 ? 675  'X-RAY DIFFRACTION' ? 
r_nbd_refined            0.266 0.200 ? 499  'X-RAY DIFFRACTION' ? 
r_xyhbond_nbd_refined    0.236 0.200 ? 35   'X-RAY DIFFRACTION' ? 
r_symmetry_vdw_refined   0.233 0.200 ? 31   'X-RAY DIFFRACTION' ? 
r_symmetry_hbond_refined 0.346 0.200 ? 2    'X-RAY DIFFRACTION' ? 
r_mcbond_it              2.358 2.500 ? 570  'X-RAY DIFFRACTION' ? 
r_mcangle_it             4.000 5.000 ? 930  'X-RAY DIFFRACTION' ? 
r_scbond_it              2.117 2.500 ? 402  'X-RAY DIFFRACTION' ? 
r_scangle_it             3.429 5.000 ? 376  'X-RAY DIFFRACTION' ? 
# 
_refine_ls_shell.pdbx_total_number_of_bins_used   15 
_refine_ls_shell.d_res_high                       2.181 
_refine_ls_shell.d_res_low                        2.254 
_refine_ls_shell.number_reflns_R_work             349 
_refine_ls_shell.R_factor_R_work                  0.318 
_refine_ls_shell.percent_reflns_obs               67.6 
_refine_ls_shell.R_factor_R_free                  0.388 
_refine_ls_shell.R_factor_R_free_error            ? 
_refine_ls_shell.percent_reflns_R_free            ? 
_refine_ls_shell.number_reflns_R_free             41 
_refine_ls_shell.number_reflns_obs                390 
_refine_ls_shell.redundancy_reflns_obs            ? 
_refine_ls_shell.number_reflns_all                ? 
_refine_ls_shell.pdbx_refine_id                   'X-RAY DIFFRACTION' 
_refine_ls_shell.R_factor_all                     ? 
# 
_struct.entry_id                  1M4A 
_struct.title                     
'Crystal Structure of Human Interleukin-2 Y31C Covalently Modified at C31 with (1H-Indol-3-yl)-(2-mercapto-ethoxyimino)-acetic acid' 
_struct.pdbx_model_details        ? 
_struct.pdbx_CASP_flag            ? 
_struct.pdbx_model_type_details   ? 
# 
_struct_keywords.entry_id        1M4A 
_struct_keywords.pdbx_keywords   CYTOKINE 
_struct_keywords.text            'cytokine, four-helix bundle, small molecule complex' 
# 
loop_
_struct_asym.id 
_struct_asym.pdbx_blank_PDB_chainid_flag 
_struct_asym.pdbx_modified 
_struct_asym.entity_id 
_struct_asym.details 
A N N 1 ? 
B N N 2 ? 
C N N 3 ? 
D N N 4 ? 
# 
_struct_ref.id                         1 
_struct_ref.db_name                    UNP 
_struct_ref.db_code                    IL2_HUMAN 
_struct_ref.entity_id                  1 
_struct_ref.pdbx_seq_one_letter_code   
;APTSSSTKKTQLQLEHLLLDLQMILNGINNYKNPKLTRMLTFKFYMPKKATELKHLQCLEEELKPLEEVLNLAQSKNFHL
RPRDLISNINVIVLELKGSETTFMCEYADETATIVEFLNRWITFCQSIISTLT
;
_struct_ref.pdbx_align_begin           21 
_struct_ref.pdbx_db_accession          P60568 
_struct_ref.pdbx_db_isoform            ? 
# 
_struct_ref_seq.align_id                      1 
_struct_ref_seq.ref_id                        1 
_struct_ref_seq.pdbx_PDB_id_code              1M4A 
_struct_ref_seq.pdbx_strand_id                A 
_struct_ref_seq.seq_align_beg                 1 
_struct_ref_seq.pdbx_seq_align_beg_ins_code   ? 
_struct_ref_seq.seq_align_end                 133 
_struct_ref_seq.pdbx_seq_align_end_ins_code   ? 
_struct_ref_seq.pdbx_db_accession             P60568 
_struct_ref_seq.db_align_beg                  21 
_struct_ref_seq.pdbx_db_align_beg_ins_code    ? 
_struct_ref_seq.db_align_end                  153 
_struct_ref_seq.pdbx_db_align_end_ins_code    ? 
_struct_ref_seq.pdbx_auth_seq_align_beg       1 
_struct_ref_seq.pdbx_auth_seq_align_end       133 
# 
_struct_ref_seq_dif.align_id                     1 
_struct_ref_seq_dif.pdbx_pdb_id_code             1M4A 
_struct_ref_seq_dif.mon_id                       CYS 
_struct_ref_seq_dif.pdbx_pdb_strand_id           A 
_struct_ref_seq_dif.seq_num                      31 
_struct_ref_seq_dif.pdbx_pdb_ins_code            ? 
_struct_ref_seq_dif.pdbx_seq_db_name             UNP 
_struct_ref_seq_dif.pdbx_seq_db_accession_code   P60568 
_struct_ref_seq_dif.db_mon_id                    TYR 
_struct_ref_seq_dif.pdbx_seq_db_seq_num          51 
_struct_ref_seq_dif.details                      'engineered mutation' 
_struct_ref_seq_dif.pdbx_auth_seq_num            31 
_struct_ref_seq_dif.pdbx_ordinal                 1 
# 
_pdbx_struct_assembly.id                   1 
_pdbx_struct_assembly.details              author_defined_assembly 
_pdbx_struct_assembly.method_details       ? 
_pdbx_struct_assembly.oligomeric_details   monomeric 
_pdbx_struct_assembly.oligomeric_count     1 
# 
_pdbx_struct_assembly_gen.assembly_id       1 
_pdbx_struct_assembly_gen.oper_expression   1 
_pdbx_struct_assembly_gen.asym_id_list      A,B,C,D 
# 
_pdbx_struct_oper_list.id                   1 
_pdbx_struct_oper_list.type                 'identity operation' 
_pdbx_struct_oper_list.name                 1_555 
_pdbx_struct_oper_list.symmetry_operation   x,y,z 
_pdbx_struct_oper_list.matrix[1][1]         1.0000000000 
_pdbx_struct_oper_list.matrix[1][2]         0.0000000000 
_pdbx_struct_oper_list.matrix[1][3]         0.0000000000 
_pdbx_struct_oper_list.vector[1]            0.0000000000 
_pdbx_struct_oper_list.matrix[2][1]         0.0000000000 
_pdbx_struct_oper_list.matrix[2][2]         1.0000000000 
_pdbx_struct_oper_list.matrix[2][3]         0.0000000000 
_pdbx_struct_oper_list.vector[2]            0.0000000000 
_pdbx_struct_oper_list.matrix[3][1]         0.0000000000 
_pdbx_struct_oper_list.matrix[3][2]         0.0000000000 
_pdbx_struct_oper_list.matrix[3][3]         1.0000000000 
_pdbx_struct_oper_list.vector[3]            0.0000000000 
# 
_struct_biol.id   1 
# 
loop_
_struct_conf.conf_type_id 
_struct_conf.id 
_struct_conf.pdbx_PDB_helix_id 
_struct_conf.beg_label_comp_id 
_struct_conf.beg_label_asym_id 
_struct_conf.beg_label_seq_id 
_struct_conf.pdbx_beg_PDB_ins_code 
_struct_conf.end_label_comp_id 
_struct_conf.end_label_asym_id 
_struct_conf.end_label_seq_id 
_struct_conf.pdbx_end_PDB_ins_code 
_struct_conf.beg_auth_comp_id 
_struct_conf.beg_auth_asym_id 
_struct_conf.beg_auth_seq_id 
_struct_conf.end_auth_comp_id 
_struct_conf.end_auth_asym_id 
_struct_conf.end_auth_seq_id 
_struct_conf.pdbx_PDB_helix_class 
_struct_conf.details 
_struct_conf.pdbx_PDB_helix_length 
HELX_P HELX_P1 1 THR A 7   ? ASN A 29  ? THR A 7   ASN A 29  1 ? 23 
HELX_P HELX_P2 2 LYS A 32  ? LEU A 40  ? LYS A 32  LEU A 40  1 ? 9  
HELX_P HELX_P3 3 GLU A 52  ? HIS A 55  ? GLU A 52  HIS A 55  5 ? 4  
HELX_P HELX_P4 4 LEU A 56  ? GLU A 62  ? LEU A 56  GLU A 62  1 ? 7  
HELX_P HELX_P5 5 GLU A 62  ? ALA A 73  ? GLU A 62  ALA A 73  1 ? 12 
HELX_P HELX_P6 6 ARG A 83  ? LEU A 96  ? ARG A 83  LEU A 96  1 ? 14 
HELX_P HELX_P7 7 THR A 113 ? SER A 130 ? THR A 113 SER A 130 1 ? 18 
# 
_struct_conf_type.id          HELX_P 
_struct_conf_type.criteria    ? 
_struct_conf_type.reference   ? 
# 
_struct_conn.id                            covale1 
_struct_conn.conn_type_id                  covale 
_struct_conn.pdbx_leaving_atom_flag        none 
_struct_conn.pdbx_PDB_id                   ? 
_struct_conn.ptnr1_label_asym_id           A 
_struct_conn.ptnr1_label_comp_id           CYS 
_struct_conn.ptnr1_label_seq_id            31 
_struct_conn.ptnr1_label_atom_id           SG 
_struct_conn.pdbx_ptnr1_label_alt_id       ? 
_struct_conn.pdbx_ptnr1_PDB_ins_code       ? 
_struct_conn.pdbx_ptnr1_standard_comp_id   ? 
_struct_conn.ptnr1_symmetry                1_555 
_struct_conn.ptnr2_label_asym_id           B 
_struct_conn.ptnr2_label_comp_id           MPE 
_struct_conn.ptnr2_label_seq_id            . 
_struct_conn.ptnr2_label_atom_id           S1 
_struct_conn.pdbx_ptnr2_label_alt_id       ? 
_struct_conn.pdbx_ptnr2_PDB_ins_code       ? 
_struct_conn.ptnr1_auth_asym_id            A 
_struct_conn.ptnr1_auth_comp_id            CYS 
_struct_conn.ptnr1_auth_seq_id             31 
_struct_conn.ptnr2_auth_asym_id            A 
_struct_conn.ptnr2_auth_comp_id            MPE 
_struct_conn.ptnr2_auth_seq_id             201 
_struct_conn.ptnr2_symmetry                1_555 
_struct_conn.pdbx_ptnr3_label_atom_id      ? 
_struct_conn.pdbx_ptnr3_label_seq_id       ? 
_struct_conn.pdbx_ptnr3_label_comp_id      ? 
_struct_conn.pdbx_ptnr3_label_asym_id      ? 
_struct_conn.pdbx_ptnr3_label_alt_id       ? 
_struct_conn.pdbx_ptnr3_PDB_ins_code       ? 
_struct_conn.details                       ? 
_struct_conn.pdbx_dist_value               2.010 
_struct_conn.pdbx_value_order              ? 
_struct_conn.pdbx_role                     ? 
# 
_struct_conn_type.id          covale 
_struct_conn_type.criteria    ? 
_struct_conn_type.reference   ? 
# 
_pdbx_modification_feature.ordinal                            1 
_pdbx_modification_feature.label_comp_id                      MPE 
_pdbx_modification_feature.label_asym_id                      B 
_pdbx_modification_feature.label_seq_id                       . 
_pdbx_modification_feature.label_alt_id                       ? 
_pdbx_modification_feature.modified_residue_label_comp_id     CYS 
_pdbx_modification_feature.modified_residue_label_asym_id     A 
_pdbx_modification_feature.modified_residue_label_seq_id      31 
_pdbx_modification_feature.modified_residue_label_alt_id      ? 
_pdbx_modification_feature.auth_comp_id                       MPE 
_pdbx_modification_feature.auth_asym_id                       A 
_pdbx_modification_feature.auth_seq_id                        201 
_pdbx_modification_feature.PDB_ins_code                       ? 
_pdbx_modification_feature.symmetry                           1_555 
_pdbx_modification_feature.modified_residue_auth_comp_id      CYS 
_pdbx_modification_feature.modified_residue_auth_asym_id      A 
_pdbx_modification_feature.modified_residue_auth_seq_id       31 
_pdbx_modification_feature.modified_residue_PDB_ins_code      ? 
_pdbx_modification_feature.modified_residue_symmetry          1_555 
_pdbx_modification_feature.comp_id_linking_atom               S1 
_pdbx_modification_feature.modified_residue_id_linking_atom   SG 
_pdbx_modification_feature.modified_residue_id                CYS 
_pdbx_modification_feature.ref_pcm_id                         1 
_pdbx_modification_feature.ref_comp_id                        MPE 
_pdbx_modification_feature.type                               None 
_pdbx_modification_feature.category                           'Covalent chemical modification' 
# 
_struct_mon_prot_cis.pdbx_id                1 
_struct_mon_prot_cis.label_comp_id          LEU 
_struct_mon_prot_cis.label_seq_id           80 
_struct_mon_prot_cis.label_asym_id          A 
_struct_mon_prot_cis.label_alt_id           . 
_struct_mon_prot_cis.pdbx_PDB_ins_code      ? 
_struct_mon_prot_cis.auth_comp_id           LEU 
_struct_mon_prot_cis.auth_seq_id            80 
_struct_mon_prot_cis.auth_asym_id           A 
_struct_mon_prot_cis.pdbx_label_comp_id_2   ARG 
_struct_mon_prot_cis.pdbx_label_seq_id_2    81 
_struct_mon_prot_cis.pdbx_label_asym_id_2   A 
_struct_mon_prot_cis.pdbx_PDB_ins_code_2    ? 
_struct_mon_prot_cis.pdbx_auth_comp_id_2    ARG 
_struct_mon_prot_cis.pdbx_auth_seq_id_2     81 
_struct_mon_prot_cis.pdbx_auth_asym_id_2    A 
_struct_mon_prot_cis.pdbx_PDB_model_num     1 
_struct_mon_prot_cis.pdbx_omega_angle       -17.03 
# 
loop_
_struct_site.id 
_struct_site.pdbx_evidence_code 
_struct_site.pdbx_auth_asym_id 
_struct_site.pdbx_auth_comp_id 
_struct_site.pdbx_auth_seq_id 
_struct_site.pdbx_auth_ins_code 
_struct_site.pdbx_num_residues 
_struct_site.details 
AC1 Software A MPE 201 ? 7 'BINDING SITE FOR RESIDUE MPE A 201' 
AC2 Software A GOL 202 ? 3 'BINDING SITE FOR RESIDUE GOL A 202' 
# 
loop_
_struct_site_gen.id 
_struct_site_gen.site_id 
_struct_site_gen.pdbx_num_res 
_struct_site_gen.label_comp_id 
_struct_site_gen.label_asym_id 
_struct_site_gen.label_seq_id 
_struct_site_gen.pdbx_auth_ins_code 
_struct_site_gen.auth_comp_id 
_struct_site_gen.auth_asym_id 
_struct_site_gen.auth_seq_id 
_struct_site_gen.label_atom_id 
_struct_site_gen.label_alt_id 
_struct_site_gen.symmetry 
_struct_site_gen.details 
1  AC1 7 CYS A 31 ? CYS A 31 . ? 1_555 ? 
2  AC1 7 LYS A 35 ? LYS A 35 . ? 1_555 ? 
3  AC1 7 LEU A 36 ? LEU A 36 . ? 1_555 ? 
4  AC1 7 MET A 39 ? MET A 39 . ? 1_555 ? 
5  AC1 7 PHE A 42 ? PHE A 42 . ? 1_555 ? 
6  AC1 7 LEU A 72 ? LEU A 72 . ? 1_555 ? 
7  AC1 7 ALA A 73 ? ALA A 73 . ? 1_555 ? 
8  AC2 3 ASN A 29 ? ASN A 29 . ? 1_555 ? 
9  AC2 3 CYS A 31 ? CYS A 31 . ? 1_555 ? 
10 AC2 3 ASN A 33 ? ASN A 33 . ? 1_555 ? 
# 
_pdbx_entry_details.entry_id                   1M4A 
_pdbx_entry_details.compound_details           ? 
_pdbx_entry_details.source_details             ? 
_pdbx_entry_details.nonpolymer_details         ? 
_pdbx_entry_details.sequence_details           ? 
_pdbx_entry_details.has_ligand_of_interest     ? 
_pdbx_entry_details.has_protein_modification   Y 
# 
loop_
_pdbx_validate_close_contact.id 
_pdbx_validate_close_contact.PDB_model_num 
_pdbx_validate_close_contact.auth_atom_id_1 
_pdbx_validate_close_contact.auth_asym_id_1 
_pdbx_validate_close_contact.auth_comp_id_1 
_pdbx_validate_close_contact.auth_seq_id_1 
_pdbx_validate_close_contact.PDB_ins_code_1 
_pdbx_validate_close_contact.label_alt_id_1 
_pdbx_validate_close_contact.auth_atom_id_2 
_pdbx_validate_close_contact.auth_asym_id_2 
_pdbx_validate_close_contact.auth_comp_id_2 
_pdbx_validate_close_contact.auth_seq_id_2 
_pdbx_validate_close_contact.PDB_ins_code_2 
_pdbx_validate_close_contact.label_alt_id_2 
_pdbx_validate_close_contact.dist 
1 1 O A MET 39 ? ? O   A HOH 207 ? ? 1.85 
2 1 O A ARG 38 ? ? OG1 A THR 41  ? ? 2.12 
# 
loop_
_pdbx_validate_torsion.id 
_pdbx_validate_torsion.PDB_model_num 
_pdbx_validate_torsion.auth_comp_id 
_pdbx_validate_torsion.auth_asym_id 
_pdbx_validate_torsion.auth_seq_id 
_pdbx_validate_torsion.PDB_ins_code 
_pdbx_validate_torsion.label_alt_id 
_pdbx_validate_torsion.phi 
_pdbx_validate_torsion.psi 
1 1 ALA A 50 ? ? -172.71 74.32  
2 1 ARG A 81 ? ? 159.29  -39.44 
3 1 PRO A 82 ? ? 23.39   -73.36 
4 1 ARG A 83 ? ? -171.95 31.34  
# 
loop_
_pdbx_unobs_or_zero_occ_residues.id 
_pdbx_unobs_or_zero_occ_residues.PDB_model_num 
_pdbx_unobs_or_zero_occ_residues.polymer_flag 
_pdbx_unobs_or_zero_occ_residues.occupancy_flag 
_pdbx_unobs_or_zero_occ_residues.auth_asym_id 
_pdbx_unobs_or_zero_occ_residues.auth_comp_id 
_pdbx_unobs_or_zero_occ_residues.auth_seq_id 
_pdbx_unobs_or_zero_occ_residues.PDB_ins_code 
_pdbx_unobs_or_zero_occ_residues.label_asym_id 
_pdbx_unobs_or_zero_occ_residues.label_comp_id 
_pdbx_unobs_or_zero_occ_residues.label_seq_id 
1  1 Y 1 A ALA 1   ? A ALA 1   
2  1 Y 1 A PRO 2   ? A PRO 2   
3  1 Y 1 A THR 3   ? A THR 3   
4  1 Y 1 A SER 4   ? A SER 4   
5  1 Y 1 A SER 5   ? A SER 5   
6  1 Y 1 A SER 6   ? A SER 6   
7  1 Y 1 A GLN 74  ? A GLN 74  
8  1 Y 1 A SER 75  ? A SER 75  
9  1 Y 1 A LYS 76  ? A LYS 76  
10 1 Y 1 A ASN 77  ? A ASN 77  
11 1 Y 1 A PHE 78  ? A PHE 78  
12 1 Y 1 A HIS 79  ? A HIS 79  
13 1 Y 1 A LYS 97  ? A LYS 97  
14 1 Y 1 A GLY 98  ? A GLY 98  
15 1 Y 1 A SER 99  ? A SER 99  
16 1 Y 1 A GLU 100 ? A GLU 100 
17 1 Y 1 A THR 101 ? A THR 101 
18 1 Y 1 A THR 102 ? A THR 102 
19 1 Y 1 A THR 133 ? A THR 133 
# 
loop_
_chem_comp_atom.comp_id 
_chem_comp_atom.atom_id 
_chem_comp_atom.type_symbol 
_chem_comp_atom.pdbx_aromatic_flag 
_chem_comp_atom.pdbx_stereo_config 
_chem_comp_atom.pdbx_ordinal 
ALA N    N N N 1   
ALA CA   C N S 2   
ALA C    C N N 3   
ALA O    O N N 4   
ALA CB   C N N 5   
ALA OXT  O N N 6   
ALA H    H N N 7   
ALA H2   H N N 8   
ALA HA   H N N 9   
ALA HB1  H N N 10  
ALA HB2  H N N 11  
ALA HB3  H N N 12  
ALA HXT  H N N 13  
ARG N    N N N 14  
ARG CA   C N S 15  
ARG C    C N N 16  
ARG O    O N N 17  
ARG CB   C N N 18  
ARG CG   C N N 19  
ARG CD   C N N 20  
ARG NE   N N N 21  
ARG CZ   C N N 22  
ARG NH1  N N N 23  
ARG NH2  N N N 24  
ARG OXT  O N N 25  
ARG H    H N N 26  
ARG H2   H N N 27  
ARG HA   H N N 28  
ARG HB2  H N N 29  
ARG HB3  H N N 30  
ARG HG2  H N N 31  
ARG HG3  H N N 32  
ARG HD2  H N N 33  
ARG HD3  H N N 34  
ARG HE   H N N 35  
ARG HH11 H N N 36  
ARG HH12 H N N 37  
ARG HH21 H N N 38  
ARG HH22 H N N 39  
ARG HXT  H N N 40  
ASN N    N N N 41  
ASN CA   C N S 42  
ASN C    C N N 43  
ASN O    O N N 44  
ASN CB   C N N 45  
ASN CG   C N N 46  
ASN OD1  O N N 47  
ASN ND2  N N N 48  
ASN OXT  O N N 49  
ASN H    H N N 50  
ASN H2   H N N 51  
ASN HA   H N N 52  
ASN HB2  H N N 53  
ASN HB3  H N N 54  
ASN HD21 H N N 55  
ASN HD22 H N N 56  
ASN HXT  H N N 57  
ASP N    N N N 58  
ASP CA   C N S 59  
ASP C    C N N 60  
ASP O    O N N 61  
ASP CB   C N N 62  
ASP CG   C N N 63  
ASP OD1  O N N 64  
ASP OD2  O N N 65  
ASP OXT  O N N 66  
ASP H    H N N 67  
ASP H2   H N N 68  
ASP HA   H N N 69  
ASP HB2  H N N 70  
ASP HB3  H N N 71  
ASP HD2  H N N 72  
ASP HXT  H N N 73  
CYS N    N N N 74  
CYS CA   C N R 75  
CYS C    C N N 76  
CYS O    O N N 77  
CYS CB   C N N 78  
CYS SG   S N N 79  
CYS OXT  O N N 80  
CYS H    H N N 81  
CYS H2   H N N 82  
CYS HA   H N N 83  
CYS HB2  H N N 84  
CYS HB3  H N N 85  
CYS HG   H N N 86  
CYS HXT  H N N 87  
GLN N    N N N 88  
GLN CA   C N S 89  
GLN C    C N N 90  
GLN O    O N N 91  
GLN CB   C N N 92  
GLN CG   C N N 93  
GLN CD   C N N 94  
GLN OE1  O N N 95  
GLN NE2  N N N 96  
GLN OXT  O N N 97  
GLN H    H N N 98  
GLN H2   H N N 99  
GLN HA   H N N 100 
GLN HB2  H N N 101 
GLN HB3  H N N 102 
GLN HG2  H N N 103 
GLN HG3  H N N 104 
GLN HE21 H N N 105 
GLN HE22 H N N 106 
GLN HXT  H N N 107 
GLU N    N N N 108 
GLU CA   C N S 109 
GLU C    C N N 110 
GLU O    O N N 111 
GLU CB   C N N 112 
GLU CG   C N N 113 
GLU CD   C N N 114 
GLU OE1  O N N 115 
GLU OE2  O N N 116 
GLU OXT  O N N 117 
GLU H    H N N 118 
GLU H2   H N N 119 
GLU HA   H N N 120 
GLU HB2  H N N 121 
GLU HB3  H N N 122 
GLU HG2  H N N 123 
GLU HG3  H N N 124 
GLU HE2  H N N 125 
GLU HXT  H N N 126 
GLY N    N N N 127 
GLY CA   C N N 128 
GLY C    C N N 129 
GLY O    O N N 130 
GLY OXT  O N N 131 
GLY H    H N N 132 
GLY H2   H N N 133 
GLY HA2  H N N 134 
GLY HA3  H N N 135 
GLY HXT  H N N 136 
GOL C1   C N N 137 
GOL O1   O N N 138 
GOL C2   C N N 139 
GOL O2   O N N 140 
GOL C3   C N N 141 
GOL O3   O N N 142 
GOL H11  H N N 143 
GOL H12  H N N 144 
GOL HO1  H N N 145 
GOL H2   H N N 146 
GOL HO2  H N N 147 
GOL H31  H N N 148 
GOL H32  H N N 149 
GOL HO3  H N N 150 
HIS N    N N N 151 
HIS CA   C N S 152 
HIS C    C N N 153 
HIS O    O N N 154 
HIS CB   C N N 155 
HIS CG   C Y N 156 
HIS ND1  N Y N 157 
HIS CD2  C Y N 158 
HIS CE1  C Y N 159 
HIS NE2  N Y N 160 
HIS OXT  O N N 161 
HIS H    H N N 162 
HIS H2   H N N 163 
HIS HA   H N N 164 
HIS HB2  H N N 165 
HIS HB3  H N N 166 
HIS HD1  H N N 167 
HIS HD2  H N N 168 
HIS HE1  H N N 169 
HIS HE2  H N N 170 
HIS HXT  H N N 171 
HOH O    O N N 172 
HOH H1   H N N 173 
HOH H2   H N N 174 
ILE N    N N N 175 
ILE CA   C N S 176 
ILE C    C N N 177 
ILE O    O N N 178 
ILE CB   C N S 179 
ILE CG1  C N N 180 
ILE CG2  C N N 181 
ILE CD1  C N N 182 
ILE OXT  O N N 183 
ILE H    H N N 184 
ILE H2   H N N 185 
ILE HA   H N N 186 
ILE HB   H N N 187 
ILE HG12 H N N 188 
ILE HG13 H N N 189 
ILE HG21 H N N 190 
ILE HG22 H N N 191 
ILE HG23 H N N 192 
ILE HD11 H N N 193 
ILE HD12 H N N 194 
ILE HD13 H N N 195 
ILE HXT  H N N 196 
LEU N    N N N 197 
LEU CA   C N S 198 
LEU C    C N N 199 
LEU O    O N N 200 
LEU CB   C N N 201 
LEU CG   C N N 202 
LEU CD1  C N N 203 
LEU CD2  C N N 204 
LEU OXT  O N N 205 
LEU H    H N N 206 
LEU H2   H N N 207 
LEU HA   H N N 208 
LEU HB2  H N N 209 
LEU HB3  H N N 210 
LEU HG   H N N 211 
LEU HD11 H N N 212 
LEU HD12 H N N 213 
LEU HD13 H N N 214 
LEU HD21 H N N 215 
LEU HD22 H N N 216 
LEU HD23 H N N 217 
LEU HXT  H N N 218 
LYS N    N N N 219 
LYS CA   C N S 220 
LYS C    C N N 221 
LYS O    O N N 222 
LYS CB   C N N 223 
LYS CG   C N N 224 
LYS CD   C N N 225 
LYS CE   C N N 226 
LYS NZ   N N N 227 
LYS OXT  O N N 228 
LYS H    H N N 229 
LYS H2   H N N 230 
LYS HA   H N N 231 
LYS HB2  H N N 232 
LYS HB3  H N N 233 
LYS HG2  H N N 234 
LYS HG3  H N N 235 
LYS HD2  H N N 236 
LYS HD3  H N N 237 
LYS HE2  H N N 238 
LYS HE3  H N N 239 
LYS HZ1  H N N 240 
LYS HZ2  H N N 241 
LYS HZ3  H N N 242 
LYS HXT  H N N 243 
MET N    N N N 244 
MET CA   C N S 245 
MET C    C N N 246 
MET O    O N N 247 
MET CB   C N N 248 
MET CG   C N N 249 
MET SD   S N N 250 
MET CE   C N N 251 
MET OXT  O N N 252 
MET H    H N N 253 
MET H2   H N N 254 
MET HA   H N N 255 
MET HB2  H N N 256 
MET HB3  H N N 257 
MET HG2  H N N 258 
MET HG3  H N N 259 
MET HE1  H N N 260 
MET HE2  H N N 261 
MET HE3  H N N 262 
MET HXT  H N N 263 
MPE O9   O N N 264 
MPE C7   C N N 265 
MPE O8   O N N 266 
MPE C6   C N R 267 
MPE N5   N N N 268 
MPE O4   O N N 269 
MPE C3   C N N 270 
MPE C2   C N N 271 
MPE S1   S N N 272 
MPE C10  C Y N 273 
MPE C11  C Y N 274 
MPE N12  N Y N 275 
MPE C13  C Y N 276 
MPE C15  C Y N 277 
MPE C14  C Y N 278 
MPE C18  C Y N 279 
MPE C17  C Y N 280 
MPE C16  C Y N 281 
MPE H8   H N N 282 
MPE H6   H N N 283 
MPE H5   H N N 284 
MPE H31  H N N 285 
MPE H32  H N N 286 
MPE H21  H N N 287 
MPE H22  H N N 288 
MPE H1   H N N 289 
MPE H11  H N N 290 
MPE H12  H N N 291 
MPE H15  H N N 292 
MPE H18  H N N 293 
MPE H17  H N N 294 
MPE H16  H N N 295 
PHE N    N N N 296 
PHE CA   C N S 297 
PHE C    C N N 298 
PHE O    O N N 299 
PHE CB   C N N 300 
PHE CG   C Y N 301 
PHE CD1  C Y N 302 
PHE CD2  C Y N 303 
PHE CE1  C Y N 304 
PHE CE2  C Y N 305 
PHE CZ   C Y N 306 
PHE OXT  O N N 307 
PHE H    H N N 308 
PHE H2   H N N 309 
PHE HA   H N N 310 
PHE HB2  H N N 311 
PHE HB3  H N N 312 
PHE HD1  H N N 313 
PHE HD2  H N N 314 
PHE HE1  H N N 315 
PHE HE2  H N N 316 
PHE HZ   H N N 317 
PHE HXT  H N N 318 
PRO N    N N N 319 
PRO CA   C N S 320 
PRO C    C N N 321 
PRO O    O N N 322 
PRO CB   C N N 323 
PRO CG   C N N 324 
PRO CD   C N N 325 
PRO OXT  O N N 326 
PRO H    H N N 327 
PRO HA   H N N 328 
PRO HB2  H N N 329 
PRO HB3  H N N 330 
PRO HG2  H N N 331 
PRO HG3  H N N 332 
PRO HD2  H N N 333 
PRO HD3  H N N 334 
PRO HXT  H N N 335 
SER N    N N N 336 
SER CA   C N S 337 
SER C    C N N 338 
SER O    O N N 339 
SER CB   C N N 340 
SER OG   O N N 341 
SER OXT  O N N 342 
SER H    H N N 343 
SER H2   H N N 344 
SER HA   H N N 345 
SER HB2  H N N 346 
SER HB3  H N N 347 
SER HG   H N N 348 
SER HXT  H N N 349 
THR N    N N N 350 
THR CA   C N S 351 
THR C    C N N 352 
THR O    O N N 353 
THR CB   C N R 354 
THR OG1  O N N 355 
THR CG2  C N N 356 
THR OXT  O N N 357 
THR H    H N N 358 
THR H2   H N N 359 
THR HA   H N N 360 
THR HB   H N N 361 
THR HG1  H N N 362 
THR HG21 H N N 363 
THR HG22 H N N 364 
THR HG23 H N N 365 
THR HXT  H N N 366 
TRP N    N N N 367 
TRP CA   C N S 368 
TRP C    C N N 369 
TRP O    O N N 370 
TRP CB   C N N 371 
TRP CG   C Y N 372 
TRP CD1  C Y N 373 
TRP CD2  C Y N 374 
TRP NE1  N Y N 375 
TRP CE2  C Y N 376 
TRP CE3  C Y N 377 
TRP CZ2  C Y N 378 
TRP CZ3  C Y N 379 
TRP CH2  C Y N 380 
TRP OXT  O N N 381 
TRP H    H N N 382 
TRP H2   H N N 383 
TRP HA   H N N 384 
TRP HB2  H N N 385 
TRP HB3  H N N 386 
TRP HD1  H N N 387 
TRP HE1  H N N 388 
TRP HE3  H N N 389 
TRP HZ2  H N N 390 
TRP HZ3  H N N 391 
TRP HH2  H N N 392 
TRP HXT  H N N 393 
TYR N    N N N 394 
TYR CA   C N S 395 
TYR C    C N N 396 
TYR O    O N N 397 
TYR CB   C N N 398 
TYR CG   C Y N 399 
TYR CD1  C Y N 400 
TYR CD2  C Y N 401 
TYR CE1  C Y N 402 
TYR CE2  C Y N 403 
TYR CZ   C Y N 404 
TYR OH   O N N 405 
TYR OXT  O N N 406 
TYR H    H N N 407 
TYR H2   H N N 408 
TYR HA   H N N 409 
TYR HB2  H N N 410 
TYR HB3  H N N 411 
TYR HD1  H N N 412 
TYR HD2  H N N 413 
TYR HE1  H N N 414 
TYR HE2  H N N 415 
TYR HH   H N N 416 
TYR HXT  H N N 417 
VAL N    N N N 418 
VAL CA   C N S 419 
VAL C    C N N 420 
VAL O    O N N 421 
VAL CB   C N N 422 
VAL CG1  C N N 423 
VAL CG2  C N N 424 
VAL OXT  O N N 425 
VAL H    H N N 426 
VAL H2   H N N 427 
VAL HA   H N N 428 
VAL HB   H N N 429 
VAL HG11 H N N 430 
VAL HG12 H N N 431 
VAL HG13 H N N 432 
VAL HG21 H N N 433 
VAL HG22 H N N 434 
VAL HG23 H N N 435 
VAL HXT  H N N 436 
# 
loop_
_chem_comp_bond.comp_id 
_chem_comp_bond.atom_id_1 
_chem_comp_bond.atom_id_2 
_chem_comp_bond.value_order 
_chem_comp_bond.pdbx_aromatic_flag 
_chem_comp_bond.pdbx_stereo_config 
_chem_comp_bond.pdbx_ordinal 
ALA N   CA   sing N N 1   
ALA N   H    sing N N 2   
ALA N   H2   sing N N 3   
ALA CA  C    sing N N 4   
ALA CA  CB   sing N N 5   
ALA CA  HA   sing N N 6   
ALA C   O    doub N N 7   
ALA C   OXT  sing N N 8   
ALA CB  HB1  sing N N 9   
ALA CB  HB2  sing N N 10  
ALA CB  HB3  sing N N 11  
ALA OXT HXT  sing N N 12  
ARG N   CA   sing N N 13  
ARG N   H    sing N N 14  
ARG N   H2   sing N N 15  
ARG CA  C    sing N N 16  
ARG CA  CB   sing N N 17  
ARG CA  HA   sing N N 18  
ARG C   O    doub N N 19  
ARG C   OXT  sing N N 20  
ARG CB  CG   sing N N 21  
ARG CB  HB2  sing N N 22  
ARG CB  HB3  sing N N 23  
ARG CG  CD   sing N N 24  
ARG CG  HG2  sing N N 25  
ARG CG  HG3  sing N N 26  
ARG CD  NE   sing N N 27  
ARG CD  HD2  sing N N 28  
ARG CD  HD3  sing N N 29  
ARG NE  CZ   sing N N 30  
ARG NE  HE   sing N N 31  
ARG CZ  NH1  sing N N 32  
ARG CZ  NH2  doub N N 33  
ARG NH1 HH11 sing N N 34  
ARG NH1 HH12 sing N N 35  
ARG NH2 HH21 sing N N 36  
ARG NH2 HH22 sing N N 37  
ARG OXT HXT  sing N N 38  
ASN N   CA   sing N N 39  
ASN N   H    sing N N 40  
ASN N   H2   sing N N 41  
ASN CA  C    sing N N 42  
ASN CA  CB   sing N N 43  
ASN CA  HA   sing N N 44  
ASN C   O    doub N N 45  
ASN C   OXT  sing N N 46  
ASN CB  CG   sing N N 47  
ASN CB  HB2  sing N N 48  
ASN CB  HB3  sing N N 49  
ASN CG  OD1  doub N N 50  
ASN CG  ND2  sing N N 51  
ASN ND2 HD21 sing N N 52  
ASN ND2 HD22 sing N N 53  
ASN OXT HXT  sing N N 54  
ASP N   CA   sing N N 55  
ASP N   H    sing N N 56  
ASP N   H2   sing N N 57  
ASP CA  C    sing N N 58  
ASP CA  CB   sing N N 59  
ASP CA  HA   sing N N 60  
ASP C   O    doub N N 61  
ASP C   OXT  sing N N 62  
ASP CB  CG   sing N N 63  
ASP CB  HB2  sing N N 64  
ASP CB  HB3  sing N N 65  
ASP CG  OD1  doub N N 66  
ASP CG  OD2  sing N N 67  
ASP OD2 HD2  sing N N 68  
ASP OXT HXT  sing N N 69  
CYS N   CA   sing N N 70  
CYS N   H    sing N N 71  
CYS N   H2   sing N N 72  
CYS CA  C    sing N N 73  
CYS CA  CB   sing N N 74  
CYS CA  HA   sing N N 75  
CYS C   O    doub N N 76  
CYS C   OXT  sing N N 77  
CYS CB  SG   sing N N 78  
CYS CB  HB2  sing N N 79  
CYS CB  HB3  sing N N 80  
CYS SG  HG   sing N N 81  
CYS OXT HXT  sing N N 82  
GLN N   CA   sing N N 83  
GLN N   H    sing N N 84  
GLN N   H2   sing N N 85  
GLN CA  C    sing N N 86  
GLN CA  CB   sing N N 87  
GLN CA  HA   sing N N 88  
GLN C   O    doub N N 89  
GLN C   OXT  sing N N 90  
GLN CB  CG   sing N N 91  
GLN CB  HB2  sing N N 92  
GLN CB  HB3  sing N N 93  
GLN CG  CD   sing N N 94  
GLN CG  HG2  sing N N 95  
GLN CG  HG3  sing N N 96  
GLN CD  OE1  doub N N 97  
GLN CD  NE2  sing N N 98  
GLN NE2 HE21 sing N N 99  
GLN NE2 HE22 sing N N 100 
GLN OXT HXT  sing N N 101 
GLU N   CA   sing N N 102 
GLU N   H    sing N N 103 
GLU N   H2   sing N N 104 
GLU CA  C    sing N N 105 
GLU CA  CB   sing N N 106 
GLU CA  HA   sing N N 107 
GLU C   O    doub N N 108 
GLU C   OXT  sing N N 109 
GLU CB  CG   sing N N 110 
GLU CB  HB2  sing N N 111 
GLU CB  HB3  sing N N 112 
GLU CG  CD   sing N N 113 
GLU CG  HG2  sing N N 114 
GLU CG  HG3  sing N N 115 
GLU CD  OE1  doub N N 116 
GLU CD  OE2  sing N N 117 
GLU OE2 HE2  sing N N 118 
GLU OXT HXT  sing N N 119 
GLY N   CA   sing N N 120 
GLY N   H    sing N N 121 
GLY N   H2   sing N N 122 
GLY CA  C    sing N N 123 
GLY CA  HA2  sing N N 124 
GLY CA  HA3  sing N N 125 
GLY C   O    doub N N 126 
GLY C   OXT  sing N N 127 
GLY OXT HXT  sing N N 128 
GOL C1  O1   sing N N 129 
GOL C1  C2   sing N N 130 
GOL C1  H11  sing N N 131 
GOL C1  H12  sing N N 132 
GOL O1  HO1  sing N N 133 
GOL C2  O2   sing N N 134 
GOL C2  C3   sing N N 135 
GOL C2  H2   sing N N 136 
GOL O2  HO2  sing N N 137 
GOL C3  O3   sing N N 138 
GOL C3  H31  sing N N 139 
GOL C3  H32  sing N N 140 
GOL O3  HO3  sing N N 141 
HIS N   CA   sing N N 142 
HIS N   H    sing N N 143 
HIS N   H2   sing N N 144 
HIS CA  C    sing N N 145 
HIS CA  CB   sing N N 146 
HIS CA  HA   sing N N 147 
HIS C   O    doub N N 148 
HIS C   OXT  sing N N 149 
HIS CB  CG   sing N N 150 
HIS CB  HB2  sing N N 151 
HIS CB  HB3  sing N N 152 
HIS CG  ND1  sing Y N 153 
HIS CG  CD2  doub Y N 154 
HIS ND1 CE1  doub Y N 155 
HIS ND1 HD1  sing N N 156 
HIS CD2 NE2  sing Y N 157 
HIS CD2 HD2  sing N N 158 
HIS CE1 NE2  sing Y N 159 
HIS CE1 HE1  sing N N 160 
HIS NE2 HE2  sing N N 161 
HIS OXT HXT  sing N N 162 
HOH O   H1   sing N N 163 
HOH O   H2   sing N N 164 
ILE N   CA   sing N N 165 
ILE N   H    sing N N 166 
ILE N   H2   sing N N 167 
ILE CA  C    sing N N 168 
ILE CA  CB   sing N N 169 
ILE CA  HA   sing N N 170 
ILE C   O    doub N N 171 
ILE C   OXT  sing N N 172 
ILE CB  CG1  sing N N 173 
ILE CB  CG2  sing N N 174 
ILE CB  HB   sing N N 175 
ILE CG1 CD1  sing N N 176 
ILE CG1 HG12 sing N N 177 
ILE CG1 HG13 sing N N 178 
ILE CG2 HG21 sing N N 179 
ILE CG2 HG22 sing N N 180 
ILE CG2 HG23 sing N N 181 
ILE CD1 HD11 sing N N 182 
ILE CD1 HD12 sing N N 183 
ILE CD1 HD13 sing N N 184 
ILE OXT HXT  sing N N 185 
LEU N   CA   sing N N 186 
LEU N   H    sing N N 187 
LEU N   H2   sing N N 188 
LEU CA  C    sing N N 189 
LEU CA  CB   sing N N 190 
LEU CA  HA   sing N N 191 
LEU C   O    doub N N 192 
LEU C   OXT  sing N N 193 
LEU CB  CG   sing N N 194 
LEU CB  HB2  sing N N 195 
LEU CB  HB3  sing N N 196 
LEU CG  CD1  sing N N 197 
LEU CG  CD2  sing N N 198 
LEU CG  HG   sing N N 199 
LEU CD1 HD11 sing N N 200 
LEU CD1 HD12 sing N N 201 
LEU CD1 HD13 sing N N 202 
LEU CD2 HD21 sing N N 203 
LEU CD2 HD22 sing N N 204 
LEU CD2 HD23 sing N N 205 
LEU OXT HXT  sing N N 206 
LYS N   CA   sing N N 207 
LYS N   H    sing N N 208 
LYS N   H2   sing N N 209 
LYS CA  C    sing N N 210 
LYS CA  CB   sing N N 211 
LYS CA  HA   sing N N 212 
LYS C   O    doub N N 213 
LYS C   OXT  sing N N 214 
LYS CB  CG   sing N N 215 
LYS CB  HB2  sing N N 216 
LYS CB  HB3  sing N N 217 
LYS CG  CD   sing N N 218 
LYS CG  HG2  sing N N 219 
LYS CG  HG3  sing N N 220 
LYS CD  CE   sing N N 221 
LYS CD  HD2  sing N N 222 
LYS CD  HD3  sing N N 223 
LYS CE  NZ   sing N N 224 
LYS CE  HE2  sing N N 225 
LYS CE  HE3  sing N N 226 
LYS NZ  HZ1  sing N N 227 
LYS NZ  HZ2  sing N N 228 
LYS NZ  HZ3  sing N N 229 
LYS OXT HXT  sing N N 230 
MET N   CA   sing N N 231 
MET N   H    sing N N 232 
MET N   H2   sing N N 233 
MET CA  C    sing N N 234 
MET CA  CB   sing N N 235 
MET CA  HA   sing N N 236 
MET C   O    doub N N 237 
MET C   OXT  sing N N 238 
MET CB  CG   sing N N 239 
MET CB  HB2  sing N N 240 
MET CB  HB3  sing N N 241 
MET CG  SD   sing N N 242 
MET CG  HG2  sing N N 243 
MET CG  HG3  sing N N 244 
MET SD  CE   sing N N 245 
MET CE  HE1  sing N N 246 
MET CE  HE2  sing N N 247 
MET CE  HE3  sing N N 248 
MET OXT HXT  sing N N 249 
MPE O9  C7   doub N N 250 
MPE C7  O8   sing N N 251 
MPE C7  C6   sing N N 252 
MPE O8  H8   sing N N 253 
MPE C6  N5   sing N N 254 
MPE C6  C10  sing N N 255 
MPE C6  H6   sing N N 256 
MPE N5  O4   sing N N 257 
MPE N5  H5   sing N N 258 
MPE O4  C3   sing N N 259 
MPE C3  C2   sing N N 260 
MPE C3  H31  sing N N 261 
MPE C3  H32  sing N N 262 
MPE C2  S1   sing N N 263 
MPE C2  H21  sing N N 264 
MPE C2  H22  sing N N 265 
MPE S1  H1   sing N N 266 
MPE C10 C11  doub Y N 267 
MPE C10 C14  sing Y N 268 
MPE C11 N12  sing Y N 269 
MPE C11 H11  sing N N 270 
MPE N12 C13  sing Y N 271 
MPE N12 H12  sing N N 272 
MPE C13 C15  sing Y N 273 
MPE C13 C14  doub Y N 274 
MPE C15 C16  doub Y N 275 
MPE C15 H15  sing N N 276 
MPE C14 C18  sing Y N 277 
MPE C18 C17  doub Y N 278 
MPE C18 H18  sing N N 279 
MPE C17 C16  sing Y N 280 
MPE C17 H17  sing N N 281 
MPE C16 H16  sing N N 282 
PHE N   CA   sing N N 283 
PHE N   H    sing N N 284 
PHE N   H2   sing N N 285 
PHE CA  C    sing N N 286 
PHE CA  CB   sing N N 287 
PHE CA  HA   sing N N 288 
PHE C   O    doub N N 289 
PHE C   OXT  sing N N 290 
PHE CB  CG   sing N N 291 
PHE CB  HB2  sing N N 292 
PHE CB  HB3  sing N N 293 
PHE CG  CD1  doub Y N 294 
PHE CG  CD2  sing Y N 295 
PHE CD1 CE1  sing Y N 296 
PHE CD1 HD1  sing N N 297 
PHE CD2 CE2  doub Y N 298 
PHE CD2 HD2  sing N N 299 
PHE CE1 CZ   doub Y N 300 
PHE CE1 HE1  sing N N 301 
PHE CE2 CZ   sing Y N 302 
PHE CE2 HE2  sing N N 303 
PHE CZ  HZ   sing N N 304 
PHE OXT HXT  sing N N 305 
PRO N   CA   sing N N 306 
PRO N   CD   sing N N 307 
PRO N   H    sing N N 308 
PRO CA  C    sing N N 309 
PRO CA  CB   sing N N 310 
PRO CA  HA   sing N N 311 
PRO C   O    doub N N 312 
PRO C   OXT  sing N N 313 
PRO CB  CG   sing N N 314 
PRO CB  HB2  sing N N 315 
PRO CB  HB3  sing N N 316 
PRO CG  CD   sing N N 317 
PRO CG  HG2  sing N N 318 
PRO CG  HG3  sing N N 319 
PRO CD  HD2  sing N N 320 
PRO CD  HD3  sing N N 321 
PRO OXT HXT  sing N N 322 
SER N   CA   sing N N 323 
SER N   H    sing N N 324 
SER N   H2   sing N N 325 
SER CA  C    sing N N 326 
SER CA  CB   sing N N 327 
SER CA  HA   sing N N 328 
SER C   O    doub N N 329 
SER C   OXT  sing N N 330 
SER CB  OG   sing N N 331 
SER CB  HB2  sing N N 332 
SER CB  HB3  sing N N 333 
SER OG  HG   sing N N 334 
SER OXT HXT  sing N N 335 
THR N   CA   sing N N 336 
THR N   H    sing N N 337 
THR N   H2   sing N N 338 
THR CA  C    sing N N 339 
THR CA  CB   sing N N 340 
THR CA  HA   sing N N 341 
THR C   O    doub N N 342 
THR C   OXT  sing N N 343 
THR CB  OG1  sing N N 344 
THR CB  CG2  sing N N 345 
THR CB  HB   sing N N 346 
THR OG1 HG1  sing N N 347 
THR CG2 HG21 sing N N 348 
THR CG2 HG22 sing N N 349 
THR CG2 HG23 sing N N 350 
THR OXT HXT  sing N N 351 
TRP N   CA   sing N N 352 
TRP N   H    sing N N 353 
TRP N   H2   sing N N 354 
TRP CA  C    sing N N 355 
TRP CA  CB   sing N N 356 
TRP CA  HA   sing N N 357 
TRP C   O    doub N N 358 
TRP C   OXT  sing N N 359 
TRP CB  CG   sing N N 360 
TRP CB  HB2  sing N N 361 
TRP CB  HB3  sing N N 362 
TRP CG  CD1  doub Y N 363 
TRP CG  CD2  sing Y N 364 
TRP CD1 NE1  sing Y N 365 
TRP CD1 HD1  sing N N 366 
TRP CD2 CE2  doub Y N 367 
TRP CD2 CE3  sing Y N 368 
TRP NE1 CE2  sing Y N 369 
TRP NE1 HE1  sing N N 370 
TRP CE2 CZ2  sing Y N 371 
TRP CE3 CZ3  doub Y N 372 
TRP CE3 HE3  sing N N 373 
TRP CZ2 CH2  doub Y N 374 
TRP CZ2 HZ2  sing N N 375 
TRP CZ3 CH2  sing Y N 376 
TRP CZ3 HZ3  sing N N 377 
TRP CH2 HH2  sing N N 378 
TRP OXT HXT  sing N N 379 
TYR N   CA   sing N N 380 
TYR N   H    sing N N 381 
TYR N   H2   sing N N 382 
TYR CA  C    sing N N 383 
TYR CA  CB   sing N N 384 
TYR CA  HA   sing N N 385 
TYR C   O    doub N N 386 
TYR C   OXT  sing N N 387 
TYR CB  CG   sing N N 388 
TYR CB  HB2  sing N N 389 
TYR CB  HB3  sing N N 390 
TYR CG  CD1  doub Y N 391 
TYR CG  CD2  sing Y N 392 
TYR CD1 CE1  sing Y N 393 
TYR CD1 HD1  sing N N 394 
TYR CD2 CE2  doub Y N 395 
TYR CD2 HD2  sing N N 396 
TYR CE1 CZ   doub Y N 397 
TYR CE1 HE1  sing N N 398 
TYR CE2 CZ   sing Y N 399 
TYR CE2 HE2  sing N N 400 
TYR CZ  OH   sing N N 401 
TYR OH  HH   sing N N 402 
TYR OXT HXT  sing N N 403 
VAL N   CA   sing N N 404 
VAL N   H    sing N N 405 
VAL N   H2   sing N N 406 
VAL CA  C    sing N N 407 
VAL CA  CB   sing N N 408 
VAL CA  HA   sing N N 409 
VAL C   O    doub N N 410 
VAL C   OXT  sing N N 411 
VAL CB  CG1  sing N N 412 
VAL CB  CG2  sing N N 413 
VAL CB  HB   sing N N 414 
VAL CG1 HG11 sing N N 415 
VAL CG1 HG12 sing N N 416 
VAL CG1 HG13 sing N N 417 
VAL CG2 HG21 sing N N 418 
VAL CG2 HG22 sing N N 419 
VAL CG2 HG23 sing N N 420 
VAL OXT HXT  sing N N 421 
# 
_atom_sites.entry_id                    1M4A 
_atom_sites.fract_transf_matrix[1][1]   -0.02470944 
_atom_sites.fract_transf_matrix[1][2]   -0.02150717 
_atom_sites.fract_transf_matrix[1][3]   -0.00546261 
_atom_sites.fract_transf_matrix[2][1]   0.01264018 
_atom_sites.fract_transf_matrix[2][2]   -0.01589377 
_atom_sites.fract_transf_matrix[2][3]   0.00540002 
_atom_sites.fract_transf_matrix[3][1]   -0.01144656 
_atom_sites.fract_transf_matrix[3][2]   -0.00186086 
_atom_sites.fract_transf_matrix[3][3]   0.02131668 
_atom_sites.fract_transf_vector[1]      0.093141 
_atom_sites.fract_transf_vector[2]      0.005811 
_atom_sites.fract_transf_vector[3]      0.133021 
# 
loop_
_atom_type.symbol 
C 
N 
O 
S 
# 
loop_
_atom_site.group_PDB 
_atom_site.id 
_atom_site.type_symbol 
_atom_site.label_atom_id 
_atom_site.label_alt_id 
_atom_site.label_comp_id 
_atom_site.label_asym_id 
_atom_site.label_entity_id 
_atom_site.label_seq_id 
_atom_site.pdbx_PDB_ins_code 
_atom_site.Cartn_x 
_atom_site.Cartn_y 
_atom_site.Cartn_z 
_atom_site.occupancy 
_atom_site.B_iso_or_equiv 
_atom_site.pdbx_formal_charge 
_atom_site.auth_seq_id 
_atom_site.auth_comp_id 
_atom_site.auth_asym_id 
_atom_site.auth_atom_id 
_atom_site.pdbx_PDB_model_num 
ATOM   1   N N   . THR A 1 7   ? -9.470  -20.174 4.225   1.00 80.02 ? 7   THR A N   1 
ATOM   2   C CA  . THR A 1 7   ? -8.612  -19.330 5.105   1.00 79.85 ? 7   THR A CA  1 
ATOM   3   C C   . THR A 1 7   ? -7.151  -19.414 4.679   1.00 77.89 ? 7   THR A C   1 
ATOM   4   O O   . THR A 1 7   ? -6.416  -18.427 4.747   1.00 78.09 ? 7   THR A O   1 
ATOM   5   C CB  . THR A 1 7   ? -8.774  -19.753 6.578   1.00 81.36 ? 7   THR A CB  1 
ATOM   6   O OG1 . THR A 1 7   ? -10.129 -19.539 6.991   1.00 82.46 ? 7   THR A OG1 1 
ATOM   7   C CG2 . THR A 1 7   ? -7.982  -18.826 7.493   1.00 81.42 ? 7   THR A CG2 1 
ATOM   8   N N   . LYS A 1 8   ? -6.737  -20.598 4.235   1.00 75.02 ? 8   LYS A N   1 
ATOM   9   C CA  . LYS A 1 8   ? -5.370  -20.807 3.769   1.00 71.68 ? 8   LYS A CA  1 
ATOM   10  C C   . LYS A 1 8   ? -5.022  -19.838 2.646   1.00 67.05 ? 8   LYS A C   1 
ATOM   11  O O   . LYS A 1 8   ? -4.050  -19.089 2.739   1.00 66.19 ? 8   LYS A O   1 
ATOM   12  C CB  . LYS A 1 8   ? -5.172  -22.249 3.295   1.00 73.46 ? 8   LYS A CB  1 
ATOM   13  C CG  . LYS A 1 8   ? -4.950  -23.257 4.416   1.00 75.18 ? 8   LYS A CG  1 
ATOM   14  C CD  . LYS A 1 8   ? -4.727  -24.653 3.854   1.00 76.57 ? 8   LYS A CD  1 
ATOM   15  C CE  . LYS A 1 8   ? -4.446  -25.666 4.953   1.00 77.00 ? 8   LYS A CE  1 
ATOM   16  N NZ  . LYS A 1 8   ? -4.419  -27.059 4.419   1.00 76.71 ? 8   LYS A NZ  1 
ATOM   17  N N   . LYS A 1 9   ? -5.830  -19.845 1.590   1.00 62.50 ? 9   LYS A N   1 
ATOM   18  C CA  . LYS A 1 9   ? -5.586  -18.979 0.442   1.00 58.69 ? 9   LYS A CA  1 
ATOM   19  C C   . LYS A 1 9   ? -5.566  -17.499 0.807   1.00 54.40 ? 9   LYS A C   1 
ATOM   20  O O   . LYS A 1 9   ? -4.806  -16.726 0.226   1.00 55.06 ? 9   LYS A O   1 
ATOM   21  C CB  . LYS A 1 9   ? -6.582  -19.255 -0.688  1.00 59.71 ? 9   LYS A CB  1 
ATOM   22  C CG  . LYS A 1 9   ? -6.240  -20.495 -1.502  1.00 60.98 ? 9   LYS A CG  1 
ATOM   23  C CD  . LYS A 1 9   ? -6.726  -20.376 -2.937  1.00 62.12 ? 9   LYS A CD  1 
ATOM   24  C CE  . LYS A 1 9   ? -6.085  -21.437 -3.822  1.00 62.69 ? 9   LYS A CE  1 
ATOM   25  N NZ  . LYS A 1 9   ? -6.247  -21.135 -5.272  1.00 62.14 ? 9   LYS A NZ  1 
ATOM   26  N N   . THR A 1 10  ? -6.405  -17.107 1.761   1.00 48.49 ? 10  THR A N   1 
ATOM   27  C CA  . THR A 1 10  ? -6.450  -15.726 2.222   1.00 45.70 ? 10  THR A CA  1 
ATOM   28  C C   . THR A 1 10  ? -5.072  -15.318 2.702   1.00 44.46 ? 10  THR A C   1 
ATOM   29  O O   . THR A 1 10  ? -4.445  -14.413 2.149   1.00 43.99 ? 10  THR A O   1 
ATOM   30  C CB  . THR A 1 10  ? -7.452  -15.584 3.377   1.00 43.57 ? 10  THR A CB  1 
ATOM   31  O OG1 . THR A 1 10  ? -8.783  -15.703 2.868   1.00 42.47 ? 10  THR A OG1 1 
ATOM   32  C CG2 . THR A 1 10  ? -7.417  -14.173 3.938   1.00 42.97 ? 10  THR A CG2 1 
ATOM   33  N N   . GLN A 1 11  ? -4.615  -16.007 3.741   1.00 41.76 ? 11  GLN A N   1 
ATOM   34  C CA  . GLN A 1 11  ? -3.296  -15.802 4.318   1.00 38.47 ? 11  GLN A CA  1 
ATOM   35  C C   . GLN A 1 11  ? -2.219  -15.639 3.238   1.00 36.76 ? 11  GLN A C   1 
ATOM   36  O O   . GLN A 1 11  ? -1.401  -14.720 3.300   1.00 36.01 ? 11  GLN A O   1 
ATOM   37  C CB  . GLN A 1 11  ? -2.968  -16.985 5.225   1.00 39.53 ? 11  GLN A CB  1 
ATOM   38  C CG  . GLN A 1 11  ? -1.573  -16.991 5.795   1.00 41.37 ? 11  GLN A CG  1 
ATOM   39  C CD  . GLN A 1 11  ? -1.351  -18.159 6.729   1.00 42.56 ? 11  GLN A CD  1 
ATOM   40  O OE1 . GLN A 1 11  ? -2.190  -18.440 7.585   1.00 41.95 ? 11  GLN A OE1 1 
ATOM   41  N NE2 . GLN A 1 11  ? -0.228  -18.848 6.563   1.00 44.21 ? 11  GLN A NE2 1 
ATOM   42  N N   . LEU A 1 12  ? -2.231  -16.524 2.247   1.00 33.95 ? 12  LEU A N   1 
ATOM   43  C CA  . LEU A 1 12  ? -1.269  -16.466 1.149   1.00 33.25 ? 12  LEU A CA  1 
ATOM   44  C C   . LEU A 1 12  ? -1.441  -15.229 0.243   1.00 31.78 ? 12  LEU A C   1 
ATOM   45  O O   . LEU A 1 12  ? -0.461  -14.714 -0.296  1.00 30.72 ? 12  LEU A O   1 
ATOM   46  C CB  . LEU A 1 12  ? -1.323  -17.757 0.328   1.00 33.84 ? 12  LEU A CB  1 
ATOM   47  C CG  . LEU A 1 12  ? -0.338  -17.909 -0.839  1.00 34.73 ? 12  LEU A CG  1 
ATOM   48  C CD1 . LEU A 1 12  ? 1.106   -17.686 -0.400  1.00 32.41 ? 12  LEU A CD1 1 
ATOM   49  C CD2 . LEU A 1 12  ? -0.501  -19.274 -1.492  1.00 34.48 ? 12  LEU A CD2 1 
ATOM   50  N N   . GLN A 1 13  ? -2.676  -14.758 0.072   1.00 31.42 ? 13  GLN A N   1 
ATOM   51  C CA  . GLN A 1 13  ? -2.919  -13.546 -0.714  1.00 30.28 ? 13  GLN A CA  1 
ATOM   52  C C   . GLN A 1 13  ? -2.413  -12.333 0.064   1.00 30.02 ? 13  GLN A C   1 
ATOM   53  O O   . GLN A 1 13  ? -1.686  -11.492 -0.470  1.00 29.51 ? 13  GLN A O   1 
ATOM   54  C CB  . GLN A 1 13  ? -4.406  -13.370 -1.029  1.00 29.78 ? 13  GLN A CB  1 
ATOM   55  C CG  . GLN A 1 13  ? -5.011  -14.434 -1.923  1.00 30.34 ? 13  GLN A CG  1 
ATOM   56  C CD  . GLN A 1 13  ? -6.197  -13.915 -2.714  1.00 34.76 ? 13  GLN A CD  1 
ATOM   57  O OE1 . GLN A 1 13  ? -6.022  -13.251 -3.734  1.00 36.03 ? 13  GLN A OE1 1 
ATOM   58  N NE2 . GLN A 1 13  ? -7.404  -14.205 -2.242  1.00 36.32 ? 13  GLN A NE2 1 
ATOM   59  N N   . LEU A 1 14  ? -2.799  -12.264 1.336   1.00 29.15 ? 14  LEU A N   1 
ATOM   60  C CA  . LEU A 1 14  ? -2.371  -11.194 2.228   1.00 29.22 ? 14  LEU A CA  1 
ATOM   61  C C   . LEU A 1 14  ? -0.850  -11.097 2.266   1.00 29.36 ? 14  LEU A C   1 
ATOM   62  O O   . LEU A 1 14  ? -0.291  -9.998  2.219   1.00 31.85 ? 14  LEU A O   1 
ATOM   63  C CB  . LEU A 1 14  ? -2.922  -11.419 3.647   1.00 28.48 ? 14  LEU A CB  1 
ATOM   64  C CG  . LEU A 1 14  ? -4.384  -11.047 3.933   1.00 24.83 ? 14  LEU A CG  1 
ATOM   65  C CD1 . LEU A 1 14  ? -4.813  -11.565 5.293   1.00 24.41 ? 14  LEU A CD1 1 
ATOM   66  C CD2 . LEU A 1 14  ? -4.583  -9.547  3.865   1.00 24.06 ? 14  LEU A CD2 1 
ATOM   67  N N   . GLU A 1 15  ? -0.190  -12.252 2.342   1.00 29.84 ? 15  GLU A N   1 
ATOM   68  C CA  . GLU A 1 15  ? 1.268   -12.329 2.371   1.00 28.95 ? 15  GLU A CA  1 
ATOM   69  C C   . GLU A 1 15  ? 1.864   -11.846 1.061   1.00 27.19 ? 15  GLU A C   1 
ATOM   70  O O   . GLU A 1 15  ? 2.902   -11.187 1.041   1.00 25.21 ? 15  GLU A O   1 
ATOM   71  C CB  . GLU A 1 15  ? 1.720   -13.766 2.621   1.00 32.27 ? 15  GLU A CB  1 
ATOM   72  C CG  . GLU A 1 15  ? 1.347   -14.317 3.981   1.00 36.17 ? 15  GLU A CG  1 
ATOM   73  C CD  . GLU A 1 15  ? 1.551   -15.815 4.058   1.00 39.79 ? 15  GLU A CD  1 
ATOM   74  O OE1 . GLU A 1 15  ? 1.843   -16.427 3.007   1.00 40.59 ? 15  GLU A OE1 1 
ATOM   75  O OE2 . GLU A 1 15  ? 1.419   -16.378 5.162   1.00 40.35 ? 15  GLU A OE2 1 
ATOM   76  N N   . HIS A 1 16  ? 1.212   -12.186 -0.042  1.00 27.36 ? 16  HIS A N   1 
ATOM   77  C CA  . HIS A 1 16  ? 1.679   -11.722 -1.338  1.00 28.98 ? 16  HIS A CA  1 
ATOM   78  C C   . HIS A 1 16  ? 1.464   -10.219 -1.434  1.00 27.60 ? 16  HIS A C   1 
ATOM   79  O O   . HIS A 1 16  ? 2.244   -9.509  -2.072  1.00 28.95 ? 16  HIS A O   1 
ATOM   80  C CB  . HIS A 1 16  ? 0.975   -12.448 -2.480  1.00 26.08 ? 16  HIS A CB  1 
ATOM   81  C CG  . HIS A 1 16  ? 1.716   -13.649 -2.971  1.00 26.86 ? 16  HIS A CG  1 
ATOM   82  N ND1 . HIS A 1 16  ? 1.461   -14.920 -2.508  1.00 27.41 ? 16  HIS A ND1 1 
ATOM   83  C CD2 . HIS A 1 16  ? 2.717   -13.769 -3.875  1.00 27.25 ? 16  HIS A CD2 1 
ATOM   84  C CE1 . HIS A 1 16  ? 2.269   -15.774 -3.112  1.00 27.15 ? 16  HIS A CE1 1 
ATOM   85  N NE2 . HIS A 1 16  ? 3.041   -15.102 -3.947  1.00 26.10 ? 16  HIS A NE2 1 
ATOM   86  N N   . LEU A 1 17  ? 0.396   -9.747  -0.797  1.00 23.45 ? 17  LEU A N   1 
ATOM   87  C CA  . LEU A 1 17  ? 0.106   -8.327  -0.767  1.00 24.00 ? 17  LEU A CA  1 
ATOM   88  C C   . LEU A 1 17  ? 1.197   -7.705  0.086   1.00 24.10 ? 17  LEU A C   1 
ATOM   89  O O   . LEU A 1 17  ? 1.785   -6.698  -0.285  1.00 23.05 ? 17  LEU A O   1 
ATOM   90  C CB  . LEU A 1 17  ? -1.288  -8.075  -0.185  1.00 28.14 ? 17  LEU A CB  1 
ATOM   91  C CG  . LEU A 1 17  ? -1.725  -6.656  0.203   1.00 31.16 ? 17  LEU A CG  1 
ATOM   92  C CD1 . LEU A 1 17  ? -1.450  -5.653  -0.911  1.00 30.13 ? 17  LEU A CD1 1 
ATOM   93  C CD2 . LEU A 1 17  ? -3.197  -6.655  0.572   1.00 30.58 ? 17  LEU A CD2 1 
ATOM   94  N N   . LEU A 1 18  ? 1.490   -8.351  1.211   1.00 26.91 ? 18  LEU A N   1 
ATOM   95  C CA  . LEU A 1 18  ? 2.546   -7.899  2.110   1.00 27.62 ? 18  LEU A CA  1 
ATOM   96  C C   . LEU A 1 18  ? 3.890   -7.724  1.387   1.00 22.76 ? 18  LEU A C   1 
ATOM   97  O O   . LEU A 1 18  ? 4.484   -6.658  1.440   1.00 19.60 ? 18  LEU A O   1 
ATOM   98  C CB  . LEU A 1 18  ? 2.685   -8.869  3.288   1.00 29.75 ? 18  LEU A CB  1 
ATOM   99  C CG  . LEU A 1 18  ? 3.700   -8.545  4.384   1.00 33.24 ? 18  LEU A CG  1 
ATOM   100 C CD1 . LEU A 1 18  ? 3.643   -7.072  4.784   1.00 33.83 ? 18  LEU A CD1 1 
ATOM   101 C CD2 . LEU A 1 18  ? 3.459   -9.438  5.592   1.00 33.41 ? 18  LEU A CD2 1 
ATOM   102 N N   . LEU A 1 19  ? 4.375   -8.769  0.721   1.00 21.62 ? 19  LEU A N   1 
ATOM   103 C CA  . LEU A 1 19  ? 5.641   -8.658  -0.005  1.00 22.25 ? 19  LEU A CA  1 
ATOM   104 C C   . LEU A 1 19  ? 5.600   -7.574  -1.072  1.00 20.46 ? 19  LEU A C   1 
ATOM   105 O O   . LEU A 1 19  ? 6.574   -6.848  -1.257  1.00 21.02 ? 19  LEU A O   1 
ATOM   106 C CB  . LEU A 1 19  ? 6.090   -9.999  -0.606  1.00 18.69 ? 19  LEU A CB  1 
ATOM   107 C CG  . LEU A 1 19  ? 7.124   -10.728 0.252   1.00 15.51 ? 19  LEU A CG  1 
ATOM   108 C CD1 . LEU A 1 19  ? 8.468   -10.024 0.180   1.00 14.50 ? 19  LEU A CD1 1 
ATOM   109 C CD2 . LEU A 1 19  ? 6.629   -10.791 1.703   1.00 15.03 ? 19  LEU A CD2 1 
ATOM   110 N N   . ASP A 1 20  ? 4.474   -7.457  -1.766  1.00 24.92 ? 20  ASP A N   1 
ATOM   111 C CA  . ASP A 1 20  ? 4.322   -6.416  -2.786  1.00 25.30 ? 20  ASP A CA  1 
ATOM   112 C C   . ASP A 1 20  ? 4.581   -5.030  -2.213  1.00 22.20 ? 20  ASP A C   1 
ATOM   113 O O   . ASP A 1 20  ? 5.368   -4.261  -2.760  1.00 21.26 ? 20  ASP A O   1 
ATOM   114 C CB  . ASP A 1 20  ? 2.939   -6.478  -3.419  1.00 27.67 ? 20  ASP A CB  1 
ATOM   115 C CG  . ASP A 1 20  ? 2.831   -7.558  -4.466  1.00 33.66 ? 20  ASP A CG  1 
ATOM   116 O OD1 . ASP A 1 20  ? 3.879   -7.993  -4.992  1.00 32.97 ? 20  ASP A OD1 1 
ATOM   117 O OD2 . ASP A 1 20  ? 1.731   -8.019  -4.830  1.00 36.13 ? 20  ASP A OD2 1 
ATOM   118 N N   . LEU A 1 21  ? 3.922   -4.727  -1.100  1.00 20.64 ? 21  LEU A N   1 
ATOM   119 C CA  . LEU A 1 21  ? 4.065   -3.435  -0.443  1.00 24.00 ? 21  LEU A CA  1 
ATOM   120 C C   . LEU A 1 21  ? 5.481   -3.235  0.099   1.00 22.48 ? 21  LEU A C   1 
ATOM   121 O O   . LEU A 1 21  ? 6.066   -2.161  -0.051  1.00 20.69 ? 21  LEU A O   1 
ATOM   122 C CB  . LEU A 1 21  ? 3.042   -3.288  0.696   1.00 25.35 ? 21  LEU A CB  1 
ATOM   123 C CG  . LEU A 1 21  ? 1.549   -3.355  0.364   1.00 27.25 ? 21  LEU A CG  1 
ATOM   124 C CD1 . LEU A 1 21  ? 0.707   -3.484  1.627   1.00 29.59 ? 21  LEU A CD1 1 
ATOM   125 C CD2 . LEU A 1 21  ? 1.113   -2.150  -0.441  1.00 29.41 ? 21  LEU A CD2 1 
ATOM   126 N N   . GLN A 1 22  ? 6.025   -4.270  0.734   1.00 24.55 ? 22  GLN A N   1 
ATOM   127 C CA  . GLN A 1 22  ? 7.382   -4.204  1.277   1.00 27.43 ? 22  GLN A CA  1 
ATOM   128 C C   . GLN A 1 22  ? 8.447   -4.044  0.196   1.00 29.87 ? 22  GLN A C   1 
ATOM   129 O O   . GLN A 1 22  ? 9.435   -3.343  0.398   1.00 33.09 ? 22  GLN A O   1 
ATOM   130 C CB  . GLN A 1 22  ? 7.676   -5.416  2.148   1.00 29.45 ? 22  GLN A CB  1 
ATOM   131 C CG  . GLN A 1 22  ? 6.907   -5.403  3.446   1.00 27.57 ? 22  GLN A CG  1 
ATOM   132 C CD  . GLN A 1 22  ? 7.360   -6.472  4.396   1.00 29.90 ? 22  GLN A CD  1 
ATOM   133 O OE1 . GLN A 1 22  ? 7.872   -6.170  5.477   1.00 32.90 ? 22  GLN A OE1 1 
ATOM   134 N NE2 . GLN A 1 22  ? 7.169   -7.731  4.012   1.00 31.32 ? 22  GLN A NE2 1 
ATOM   135 N N   . MET A 1 23  ? 8.232   -4.669  -0.957  1.00 26.82 ? 23  MET A N   1 
ATOM   136 C CA  . MET A 1 23  ? 9.168   -4.538  -2.067  1.00 26.77 ? 23  MET A CA  1 
ATOM   137 C C   . MET A 1 23  ? 9.134   -3.131  -2.648  1.00 26.96 ? 23  MET A C   1 
ATOM   138 O O   . MET A 1 23  ? 10.149  -2.628  -3.119  1.00 24.27 ? 23  MET A O   1 
ATOM   139 C CB  . MET A 1 23  ? 8.892   -5.582  -3.147  1.00 30.31 ? 23  MET A CB  1 
ATOM   140 C CG  . MET A 1 23  ? 9.262   -6.982  -2.721  1.00 33.71 ? 23  MET A CG  1 
ATOM   141 S SD  . MET A 1 23  ? 8.189   -8.198  -3.460  1.00 37.06 ? 23  MET A SD  1 
ATOM   142 C CE  . MET A 1 23  ? 9.000   -8.438  -5.086  1.00 38.26 ? 23  MET A CE  1 
ATOM   143 N N   . ILE A 1 24  ? 7.966   -2.493  -2.617  1.00 29.92 ? 24  ILE A N   1 
ATOM   144 C CA  . ILE A 1 24  ? 7.863   -1.114  -3.068  1.00 28.13 ? 24  ILE A CA  1 
ATOM   145 C C   . ILE A 1 24  ? 8.619   -0.232  -2.085  1.00 29.81 ? 24  ILE A C   1 
ATOM   146 O O   . ILE A 1 24  ? 9.417   0.619   -2.480  1.00 32.24 ? 24  ILE A O   1 
ATOM   147 C CB  . ILE A 1 24  ? 6.397   -0.672  -3.172  1.00 26.34 ? 24  ILE A CB  1 
ATOM   148 C CG1 . ILE A 1 24  ? 5.608   -1.630  -4.069  1.00 25.95 ? 24  ILE A CG1 1 
ATOM   149 C CG2 . ILE A 1 24  ? 6.321   0.737   -3.722  1.00 25.07 ? 24  ILE A CG2 1 
ATOM   150 C CD1 . ILE A 1 24  ? 4.327   -1.043  -4.635  1.00 23.99 ? 24  ILE A CD1 1 
ATOM   151 N N   . LEU A 1 25  ? 8.368   -0.455  -0.800  1.00 31.28 ? 25  LEU A N   1 
ATOM   152 C CA  . LEU A 1 25  ? 9.041   0.285   0.259   1.00 32.85 ? 25  LEU A CA  1 
ATOM   153 C C   . LEU A 1 25  ? 10.546  0.061   0.212   1.00 34.30 ? 25  LEU A C   1 
ATOM   154 O O   . LEU A 1 25  ? 11.324  0.987   0.440   1.00 35.80 ? 25  LEU A O   1 
ATOM   155 C CB  . LEU A 1 25  ? 8.504   -0.128  1.628   1.00 33.91 ? 25  LEU A CB  1 
ATOM   156 C CG  . LEU A 1 25  ? 9.065   0.673   2.800   1.00 37.42 ? 25  LEU A CG  1 
ATOM   157 C CD1 . LEU A 1 25  ? 8.634   2.133   2.690   1.00 38.21 ? 25  LEU A CD1 1 
ATOM   158 C CD2 . LEU A 1 25  ? 8.626   0.074   4.132   1.00 39.95 ? 25  LEU A CD2 1 
ATOM   159 N N   . ASN A 1 26  ? 10.947  -1.180  -0.071  1.00 37.77 ? 26  ASN A N   1 
ATOM   160 C CA  . ASN A 1 26  ? 12.359  -1.539  -0.174  1.00 39.48 ? 26  ASN A CA  1 
ATOM   161 C C   . ASN A 1 26  ? 13.047  -0.827  -1.326  1.00 36.83 ? 26  ASN A C   1 
ATOM   162 O O   . ASN A 1 26  ? 14.196  -0.410  -1.206  1.00 34.95 ? 26  ASN A O   1 
ATOM   163 C CB  . ASN A 1 26  ? 12.531  -3.053  -0.347  1.00 44.74 ? 26  ASN A CB  1 
ATOM   164 C CG  . ASN A 1 26  ? 12.253  -3.822  0.926   1.00 49.18 ? 26  ASN A CG  1 
ATOM   165 O OD1 . ASN A 1 26  ? 12.169  -3.243  2.009   1.00 53.28 ? 26  ASN A OD1 1 
ATOM   166 N ND2 . ASN A 1 26  ? 12.105  -5.135  0.801   1.00 51.12 ? 26  ASN A ND2 1 
ATOM   167 N N   . GLY A 1 27  ? 12.347  -0.709  -2.449  1.00 36.50 ? 27  GLY A N   1 
ATOM   168 C CA  . GLY A 1 27  ? 12.893  -0.036  -3.613  1.00 37.60 ? 27  GLY A CA  1 
ATOM   169 C C   . GLY A 1 27  ? 12.966  1.452   -3.346  1.00 39.41 ? 27  GLY A C   1 
ATOM   170 O O   . GLY A 1 27  ? 13.849  2.152   -3.849  1.00 36.04 ? 27  GLY A O   1 
ATOM   171 N N   . ILE A 1 28  ? 12.023  1.926   -2.536  1.00 39.76 ? 28  ILE A N   1 
ATOM   172 C CA  . ILE A 1 28  ? 11.946  3.325   -2.150  1.00 40.43 ? 28  ILE A CA  1 
ATOM   173 C C   . ILE A 1 28  ? 13.078  3.706   -1.205  1.00 43.08 ? 28  ILE A C   1 
ATOM   174 O O   . ILE A 1 28  ? 13.869  4.598   -1.507  1.00 42.62 ? 28  ILE A O   1 
ATOM   175 C CB  . ILE A 1 28  ? 10.586  3.610   -1.490  1.00 39.87 ? 28  ILE A CB  1 
ATOM   176 C CG1 . ILE A 1 28  ? 9.512   3.802   -2.560  1.00 37.72 ? 28  ILE A CG1 1 
ATOM   177 C CG2 . ILE A 1 28  ? 10.656  4.848   -0.610  1.00 41.71 ? 28  ILE A CG2 1 
ATOM   178 C CD1 . ILE A 1 28  ? 8.219   4.329   -2.011  1.00 37.12 ? 28  ILE A CD1 1 
ATOM   179 N N   . ASN A 1 29  ? 13.159  3.018   -0.067  1.00 46.03 ? 29  ASN A N   1 
ATOM   180 C CA  . ASN A 1 29  ? 14.183  3.296   0.937   1.00 49.30 ? 29  ASN A CA  1 
ATOM   181 C C   . ASN A 1 29  ? 15.608  3.062   0.458   1.00 48.36 ? 29  ASN A C   1 
ATOM   182 O O   . ASN A 1 29  ? 16.561  3.299   1.200   1.00 48.19 ? 29  ASN A O   1 
ATOM   183 C CB  . ASN A 1 29  ? 13.925  2.502   2.222   1.00 52.54 ? 29  ASN A CB  1 
ATOM   184 C CG  . ASN A 1 29  ? 13.139  3.297   3.248   1.00 56.10 ? 29  ASN A CG  1 
ATOM   185 O OD1 . ASN A 1 29  ? 13.503  4.423   3.592   1.00 58.67 ? 29  ASN A OD1 1 
ATOM   186 N ND2 . ASN A 1 29  ? 12.056  2.713   3.742   1.00 57.57 ? 29  ASN A ND2 1 
ATOM   187 N N   . ASN A 1 30  ? 15.744  2.598   -0.780  1.00 46.90 ? 30  ASN A N   1 
ATOM   188 C CA  . ASN A 1 30  ? 17.054  2.363   -1.374  1.00 45.26 ? 30  ASN A CA  1 
ATOM   189 C C   . ASN A 1 30  ? 17.468  3.486   -2.321  1.00 42.99 ? 30  ASN A C   1 
ATOM   190 O O   . ASN A 1 30  ? 18.610  3.526   -2.784  1.00 42.43 ? 30  ASN A O   1 
ATOM   191 C CB  . ASN A 1 30  ? 17.087  1.019   -2.110  1.00 46.94 ? 30  ASN A CB  1 
ATOM   192 C CG  . ASN A 1 30  ? 17.428  -0.145  -1.191  1.00 49.29 ? 30  ASN A CG  1 
ATOM   193 O OD1 . ASN A 1 30  ? 17.506  0.009   0.032   1.00 48.29 ? 30  ASN A OD1 1 
ATOM   194 N ND2 . ASN A 1 30  ? 17.632  -1.319  -1.779  1.00 50.01 ? 30  ASN A ND2 1 
ATOM   195 N N   . CYS A 1 31  ? 16.540  4.397   -2.605  1.00 37.04 ? 31  CYS A N   1 
ATOM   196 C CA  . CYS A 1 31  ? 16.824  5.517   -3.497  1.00 36.50 ? 31  CYS A CA  1 
ATOM   197 C C   . CYS A 1 31  ? 17.851  6.458   -2.910  1.00 35.95 ? 31  CYS A C   1 
ATOM   198 O O   . CYS A 1 31  ? 18.181  6.375   -1.732  1.00 34.55 ? 31  CYS A O   1 
ATOM   199 C CB  . CYS A 1 31  ? 15.569  6.347   -3.736  1.00 34.63 ? 31  CYS A CB  1 
ATOM   200 S SG  . CYS A 1 31  ? 14.254  5.486   -4.574  1.00 35.46 ? 31  CYS A SG  1 
ATOM   201 N N   . LYS A 1 32  ? 18.338  7.366   -3.750  1.00 37.21 ? 32  LYS A N   1 
ATOM   202 C CA  . LYS A 1 32  ? 19.228  8.424   -3.300  1.00 39.96 ? 32  LYS A CA  1 
ATOM   203 C C   . LYS A 1 32  ? 18.367  9.409   -2.516  1.00 39.16 ? 32  LYS A C   1 
ATOM   204 O O   . LYS A 1 32  ? 17.165  9.517   -2.754  1.00 37.77 ? 32  LYS A O   1 
ATOM   205 C CB  . LYS A 1 32  ? 19.872  9.127   -4.490  1.00 42.18 ? 32  LYS A CB  1 
ATOM   206 C CG  . LYS A 1 32  ? 20.836  8.265   -5.280  1.00 45.55 ? 32  LYS A CG  1 
ATOM   207 C CD  . LYS A 1 32  ? 21.351  9.028   -6.493  1.00 49.01 ? 32  LYS A CD  1 
ATOM   208 C CE  . LYS A 1 32  ? 22.605  8.391   -7.062  1.00 51.56 ? 32  LYS A CE  1 
ATOM   209 N NZ  . LYS A 1 32  ? 23.261  9.290   -8.052  1.00 53.54 ? 32  LYS A NZ  1 
ATOM   210 N N   . ASN A 1 33  ? 18.973  10.124  -1.581  1.00 38.76 ? 33  ASN A N   1 
ATOM   211 C CA  . ASN A 1 33  ? 18.211  11.035  -0.744  1.00 39.38 ? 33  ASN A CA  1 
ATOM   212 C C   . ASN A 1 33  ? 17.471  12.129  -1.500  1.00 37.31 ? 33  ASN A C   1 
ATOM   213 O O   . ASN A 1 33  ? 16.261  12.278  -1.332  1.00 35.10 ? 33  ASN A O   1 
ATOM   214 C CB  . ASN A 1 33  ? 19.092  11.609  0.359   1.00 40.97 ? 33  ASN A CB  1 
ATOM   215 C CG  . ASN A 1 33  ? 19.605  10.543  1.284   1.00 43.78 ? 33  ASN A CG  1 
ATOM   216 O OD1 . ASN A 1 33  ? 18.825  9.840   1.927   1.00 45.11 ? 33  ASN A OD1 1 
ATOM   217 N ND2 . ASN A 1 33  ? 20.923  10.404  1.354   1.00 45.71 ? 33  ASN A ND2 1 
ATOM   218 N N   . PRO A 1 34  ? 18.178  12.890  -2.330  1.00 37.60 ? 34  PRO A N   1 
ATOM   219 C CA  . PRO A 1 34  ? 17.546  13.970  -3.088  1.00 38.72 ? 34  PRO A CA  1 
ATOM   220 C C   . PRO A 1 34  ? 16.305  13.450  -3.792  1.00 39.33 ? 34  PRO A C   1 
ATOM   221 O O   . PRO A 1 34  ? 15.236  14.050  -3.680  1.00 35.78 ? 34  PRO A O   1 
ATOM   222 C CB  . PRO A 1 34  ? 18.616  14.351  -4.112  1.00 39.99 ? 34  PRO A CB  1 
ATOM   223 C CG  . PRO A 1 34  ? 19.900  13.998  -3.452  1.00 40.79 ? 34  PRO A CG  1 
ATOM   224 C CD  . PRO A 1 34  ? 19.619  12.781  -2.615  1.00 38.99 ? 34  PRO A CD  1 
ATOM   225 N N   . LYS A 1 35  ? 16.457  12.331  -4.495  1.00 41.54 ? 35  LYS A N   1 
ATOM   226 C CA  . LYS A 1 35  ? 15.350  11.710  -5.208  1.00 41.58 ? 35  LYS A CA  1 
ATOM   227 C C   . LYS A 1 35  ? 14.213  11.366  -4.250  1.00 38.08 ? 35  LYS A C   1 
ATOM   228 O O   . LYS A 1 35  ? 13.075  11.793  -4.440  1.00 39.88 ? 35  LYS A O   1 
ATOM   229 C CB  . LYS A 1 35  ? 15.821  10.446  -5.927  1.00 45.06 ? 35  LYS A CB  1 
ATOM   230 C CG  . LYS A 1 35  ? 16.829  10.678  -7.035  1.00 48.79 ? 35  LYS A CG  1 
ATOM   231 C CD  . LYS A 1 35  ? 16.897  9.460   -7.939  1.00 52.13 ? 35  LYS A CD  1 
ATOM   232 C CE  . LYS A 1 35  ? 17.980  9.590   -8.996  1.00 53.82 ? 35  LYS A CE  1 
ATOM   233 N NZ  . LYS A 1 35  ? 17.859  8.514   -10.026 1.00 53.90 ? 35  LYS A NZ  1 
ATOM   234 N N   . LEU A 1 36  ? 14.527  10.591  -3.221  1.00 31.28 ? 36  LEU A N   1 
ATOM   235 C CA  . LEU A 1 36  ? 13.532  10.210  -2.236  1.00 27.51 ? 36  LEU A CA  1 
ATOM   236 C C   . LEU A 1 36  ? 12.871  11.466  -1.690  1.00 26.03 ? 36  LEU A C   1 
ATOM   237 O O   . LEU A 1 36  ? 11.675  11.486  -1.419  1.00 24.35 ? 36  LEU A O   1 
ATOM   238 C CB  . LEU A 1 36  ? 14.180  9.409   -1.111  1.00 28.45 ? 36  LEU A CB  1 
ATOM   239 C CG  . LEU A 1 36  ? 13.273  8.882   -0.002  1.00 27.83 ? 36  LEU A CG  1 
ATOM   240 C CD1 . LEU A 1 36  ? 12.022  8.227   -0.566  1.00 29.33 ? 36  LEU A CD1 1 
ATOM   241 C CD2 . LEU A 1 36  ? 14.056  7.894   0.833   1.00 30.12 ? 36  LEU A CD2 1 
ATOM   242 N N   . THR A 1 37  ? 13.666  12.519  -1.547  1.00 26.04 ? 37  THR A N   1 
ATOM   243 C CA  . THR A 1 37  ? 13.173  13.794  -1.069  1.00 25.21 ? 37  THR A CA  1 
ATOM   244 C C   . THR A 1 37  ? 11.994  14.298  -1.889  1.00 24.67 ? 37  THR A C   1 
ATOM   245 O O   . THR A 1 37  ? 10.955  14.623  -1.335  1.00 24.19 ? 37  THR A O   1 
ATOM   246 C CB  . THR A 1 37  ? 14.298  14.825  -1.077  1.00 25.26 ? 37  THR A CB  1 
ATOM   247 O OG1 . THR A 1 37  ? 15.016  14.746  0.163   1.00 29.01 ? 37  THR A OG1 1 
ATOM   248 C CG2 . THR A 1 37  ? 13.727  16.224  -1.067  1.00 23.38 ? 37  THR A CG2 1 
ATOM   249 N N   . ARG A 1 38  ? 12.158  14.367  -3.207  1.00 26.23 ? 38  ARG A N   1 
ATOM   250 C CA  . ARG A 1 38  ? 11.075  14.818  -4.074  1.00 30.13 ? 38  ARG A CA  1 
ATOM   251 C C   . ARG A 1 38  ? 9.865   13.912  -3.934  1.00 29.05 ? 38  ARG A C   1 
ATOM   252 O O   . ARG A 1 38  ? 8.744   14.383  -3.749  1.00 30.46 ? 38  ARG A O   1 
ATOM   253 C CB  . ARG A 1 38  ? 11.514  14.841  -5.533  1.00 34.65 ? 38  ARG A CB  1 
ATOM   254 C CG  . ARG A 1 38  ? 12.437  15.976  -5.884  1.00 39.09 ? 38  ARG A CG  1 
ATOM   255 C CD  . ARG A 1 38  ? 12.654  16.132  -7.374  1.00 43.95 ? 38  ARG A CD  1 
ATOM   256 N NE  . ARG A 1 38  ? 13.869  16.884  -7.652  1.00 51.02 ? 38  ARG A NE  1 
ATOM   257 C CZ  . ARG A 1 38  ? 14.273  17.228  -8.865  1.00 55.31 ? 38  ARG A CZ  1 
ATOM   258 N NH1 . ARG A 1 38  ? 13.558  16.892  -9.932  1.00 57.52 ? 38  ARG A NH1 1 
ATOM   259 N NH2 . ARG A 1 38  ? 15.398  17.909  -9.013  1.00 57.53 ? 38  ARG A NH2 1 
ATOM   260 N N   . MET A 1 39  ? 10.093  12.607  -4.019  1.00 28.02 ? 39  MET A N   1 
ATOM   261 C CA  . MET A 1 39  ? 9.004   11.652  -3.894  1.00 24.82 ? 39  MET A CA  1 
ATOM   262 C C   . MET A 1 39  ? 8.264   11.828  -2.578  1.00 23.53 ? 39  MET A C   1 
ATOM   263 O O   . MET A 1 39  ? 7.075   11.536  -2.488  1.00 21.48 ? 39  MET A O   1 
ATOM   264 C CB  . MET A 1 39  ? 9.511   10.214  -3.987  1.00 21.35 ? 39  MET A CB  1 
ATOM   265 C CG  . MET A 1 39  ? 8.382   9.190   -3.940  1.00 18.53 ? 39  MET A CG  1 
ATOM   266 S SD  . MET A 1 39  ? 8.962   7.502   -4.027  1.00 24.75 ? 39  MET A SD  1 
ATOM   267 C CE  . MET A 1 39  ? 9.417   7.389   -5.801  1.00 22.98 ? 39  MET A CE  1 
ATOM   268 N N   . LEU A 1 40  ? 8.969   12.304  -1.555  1.00 23.87 ? 40  LEU A N   1 
ATOM   269 C CA  . LEU A 1 40  ? 8.364   12.445  -0.232  1.00 23.19 ? 40  LEU A CA  1 
ATOM   270 C C   . LEU A 1 40  ? 7.504   13.701  -0.107  1.00 23.82 ? 40  LEU A C   1 
ATOM   271 O O   . LEU A 1 40  ? 6.899   13.945  0.936   1.00 26.75 ? 40  LEU A O   1 
ATOM   272 C CB  . LEU A 1 40  ? 9.429   12.382  0.869   1.00 19.24 ? 40  LEU A CB  1 
ATOM   273 C CG  . LEU A 1 40  ? 10.250  11.079  0.925   1.00 18.16 ? 40  LEU A CG  1 
ATOM   274 C CD1 . LEU A 1 40  ? 11.215  11.029  2.117   1.00 20.04 ? 40  LEU A CD1 1 
ATOM   275 C CD2 . LEU A 1 40  ? 9.339   9.861   0.931   1.00 19.19 ? 40  LEU A CD2 1 
ATOM   276 N N   . THR A 1 41  ? 7.449   14.487  -1.180  1.00 20.70 ? 41  THR A N   1 
ATOM   277 C CA  . THR A 1 41  ? 6.627   15.692  -1.235  1.00 19.52 ? 41  THR A CA  1 
ATOM   278 C C   . THR A 1 41  ? 5.187   15.342  -1.568  1.00 21.85 ? 41  THR A C   1 
ATOM   279 O O   . THR A 1 41  ? 4.262   16.070  -1.202  1.00 25.74 ? 41  THR A O   1 
ATOM   280 C CB  . THR A 1 41  ? 7.144   16.663  -2.314  1.00 19.30 ? 41  THR A CB  1 
ATOM   281 O OG1 . THR A 1 41  ? 7.333   15.950  -3.544  1.00 17.73 ? 41  THR A OG1 1 
ATOM   282 C CG2 . THR A 1 41  ? 8.542   17.188  -1.978  1.00 13.72 ? 41  THR A CG2 1 
ATOM   283 N N   . PHE A 1 42  ? 5.001   14.240  -2.286  1.00 18.10 ? 42  PHE A N   1 
ATOM   284 C CA  . PHE A 1 42  ? 3.665   13.821  -2.704  1.00 19.87 ? 42  PHE A CA  1 
ATOM   285 C C   . PHE A 1 42  ? 2.869   13.229  -1.543  1.00 23.54 ? 42  PHE A C   1 
ATOM   286 O O   . PHE A 1 42  ? 3.343   12.331  -0.851  1.00 23.42 ? 42  PHE A O   1 
ATOM   287 C CB  . PHE A 1 42  ? 3.762   12.835  -3.866  1.00 20.34 ? 42  PHE A CB  1 
ATOM   288 C CG  . PHE A 1 42  ? 4.208   13.470  -5.149  1.00 23.07 ? 42  PHE A CG  1 
ATOM   289 C CD1 . PHE A 1 42  ? 5.544   13.764  -5.363  1.00 23.47 ? 42  PHE A CD1 1 
ATOM   290 C CD2 . PHE A 1 42  ? 3.286   13.799  -6.130  1.00 24.13 ? 42  PHE A CD2 1 
ATOM   291 C CE1 . PHE A 1 42  ? 5.964   14.362  -6.536  1.00 24.46 ? 42  PHE A CE1 1 
ATOM   292 C CE2 . PHE A 1 42  ? 3.696   14.394  -7.308  1.00 25.98 ? 42  PHE A CE2 1 
ATOM   293 C CZ  . PHE A 1 42  ? 5.039   14.681  -7.511  1.00 25.45 ? 42  PHE A CZ  1 
ATOM   294 N N   . LYS A 1 43  ? 1.658   13.734  -1.338  1.00 24.08 ? 43  LYS A N   1 
ATOM   295 C CA  . LYS A 1 43  ? 0.834   13.304  -0.212  1.00 25.08 ? 43  LYS A CA  1 
ATOM   296 C C   . LYS A 1 43  ? -0.211  12.248  -0.577  1.00 23.77 ? 43  LYS A C   1 
ATOM   297 O O   . LYS A 1 43  ? -0.837  12.324  -1.624  1.00 21.01 ? 43  LYS A O   1 
ATOM   298 C CB  . LYS A 1 43  ? 0.142   14.510  0.436   1.00 31.89 ? 43  LYS A CB  1 
ATOM   299 C CG  . LYS A 1 43  ? 1.035   15.738  0.632   1.00 36.41 ? 43  LYS A CG  1 
ATOM   300 C CD  . LYS A 1 43  ? 2.397   15.377  1.230   1.00 41.57 ? 43  LYS A CD  1 
ATOM   301 C CE  . LYS A 1 43  ? 2.268   14.618  2.543   1.00 44.34 ? 43  LYS A CE  1 
ATOM   302 N NZ  . LYS A 1 43  ? 1.573   15.426  3.584   1.00 47.25 ? 43  LYS A NZ  1 
ATOM   303 N N   . PHE A 1 44  ? -0.391  11.264  0.297   1.00 23.04 ? 44  PHE A N   1 
ATOM   304 C CA  . PHE A 1 44  ? -1.386  10.223  0.073   1.00 28.88 ? 44  PHE A CA  1 
ATOM   305 C C   . PHE A 1 44  ? -2.465  10.309  1.134   1.00 33.66 ? 44  PHE A C   1 
ATOM   306 O O   . PHE A 1 44  ? -2.192  10.712  2.264   1.00 33.47 ? 44  PHE A O   1 
ATOM   307 C CB  . PHE A 1 44  ? -0.749  8.833   0.113   1.00 26.76 ? 44  PHE A CB  1 
ATOM   308 C CG  . PHE A 1 44  ? 0.209   8.569   -1.012  1.00 27.63 ? 44  PHE A CG  1 
ATOM   309 C CD1 . PHE A 1 44  ? 1.464   9.153   -1.023  1.00 26.25 ? 44  PHE A CD1 1 
ATOM   310 C CD2 . PHE A 1 44  ? -0.144  7.733   -2.058  1.00 27.86 ? 44  PHE A CD2 1 
ATOM   311 C CE1 . PHE A 1 44  ? 2.341   8.920   -2.058  1.00 29.87 ? 44  PHE A CE1 1 
ATOM   312 C CE2 . PHE A 1 44  ? 0.735   7.490   -3.092  1.00 27.96 ? 44  PHE A CE2 1 
ATOM   313 C CZ  . PHE A 1 44  ? 1.984   8.079   -3.090  1.00 29.38 ? 44  PHE A CZ  1 
ATOM   314 N N   . TYR A 1 45  ? -3.688  9.927   0.773   1.00 35.78 ? 45  TYR A N   1 
ATOM   315 C CA  . TYR A 1 45  ? -4.782  9.924   1.735   1.00 36.08 ? 45  TYR A CA  1 
ATOM   316 C C   . TYR A 1 45  ? -4.740  8.641   2.547   1.00 38.25 ? 45  TYR A C   1 
ATOM   317 O O   . TYR A 1 45  ? -4.580  7.553   2.001   1.00 40.28 ? 45  TYR A O   1 
ATOM   318 C CB  . TYR A 1 45  ? -6.136  10.091  1.043   1.00 35.48 ? 45  TYR A CB  1 
ATOM   319 C CG  . TYR A 1 45  ? -6.370  11.491  0.539   1.00 38.13 ? 45  TYR A CG  1 
ATOM   320 C CD1 . TYR A 1 45  ? -5.896  11.888  -0.705  1.00 39.59 ? 45  TYR A CD1 1 
ATOM   321 C CD2 . TYR A 1 45  ? -7.046  12.425  1.313   1.00 38.52 ? 45  TYR A CD2 1 
ATOM   322 C CE1 . TYR A 1 45  ? -6.096  13.172  -1.167  1.00 40.83 ? 45  TYR A CE1 1 
ATOM   323 C CE2 . TYR A 1 45  ? -7.250  13.711  0.859   1.00 39.66 ? 45  TYR A CE2 1 
ATOM   324 C CZ  . TYR A 1 45  ? -6.771  14.079  -0.381  1.00 42.56 ? 45  TYR A CZ  1 
ATOM   325 O OH  . TYR A 1 45  ? -6.968  15.359  -0.843  1.00 47.46 ? 45  TYR A OH  1 
ATOM   326 N N   . MET A 1 46  ? -4.873  8.785   3.859   1.00 40.95 ? 46  MET A N   1 
ATOM   327 C CA  . MET A 1 46  ? -4.816  7.666   4.780   1.00 42.46 ? 46  MET A CA  1 
ATOM   328 C C   . MET A 1 46  ? -6.215  7.323   5.249   1.00 45.81 ? 46  MET A C   1 
ATOM   329 O O   . MET A 1 46  ? -7.105  8.170   5.221   1.00 45.52 ? 46  MET A O   1 
ATOM   330 C CB  . MET A 1 46  ? -3.942  8.038   5.970   1.00 41.58 ? 46  MET A CB  1 
ATOM   331 C CG  . MET A 1 46  ? -2.564  8.506   5.559   1.00 40.29 ? 46  MET A CG  1 
ATOM   332 S SD  . MET A 1 46  ? -1.524  7.135   5.007   1.00 38.06 ? 46  MET A SD  1 
ATOM   333 C CE  . MET A 1 46  ? -1.051  6.451   6.581   1.00 38.30 ? 46  MET A CE  1 
ATOM   334 N N   . PRO A 1 47  ? -6.408  6.082   5.680   1.00 49.01 ? 47  PRO A N   1 
ATOM   335 C CA  . PRO A 1 47  ? -7.724  5.616   6.123   1.00 51.84 ? 47  PRO A CA  1 
ATOM   336 C C   . PRO A 1 47  ? -8.003  5.961   7.582   1.00 56.05 ? 47  PRO A C   1 
ATOM   337 O O   . PRO A 1 47  ? -7.075  5.962   8.394   1.00 54.98 ? 47  PRO A O   1 
ATOM   338 C CB  . PRO A 1 47  ? -7.615  4.100   5.967   1.00 50.97 ? 47  PRO A CB  1 
ATOM   339 C CG  . PRO A 1 47  ? -6.157  3.795   6.155   1.00 49.10 ? 47  PRO A CG  1 
ATOM   340 C CD  . PRO A 1 47  ? -5.382  5.029   5.771   1.00 49.71 ? 47  PRO A CD  1 
ATOM   341 N N   . LYS A 1 48  ? -9.260  6.260   7.903   1.00 60.65 ? 48  LYS A N   1 
ATOM   342 C CA  . LYS A 1 48  ? -9.642  6.529   9.285   1.00 66.92 ? 48  LYS A CA  1 
ATOM   343 C C   . LYS A 1 48  ? -9.445  5.258   10.088  1.00 68.77 ? 48  LYS A C   1 
ATOM   344 O O   . LYS A 1 48  ? -8.636  5.213   11.014  1.00 67.75 ? 48  LYS A O   1 
ATOM   345 C CB  . LYS A 1 48  ? -11.096 6.980   9.378   1.00 70.57 ? 48  LYS A CB  1 
ATOM   346 C CG  . LYS A 1 48  ? -11.283 8.479   9.281   1.00 74.42 ? 48  LYS A CG  1 
ATOM   347 C CD  . LYS A 1 48  ? -12.628 8.897   9.850   1.00 77.22 ? 48  LYS A CD  1 
ATOM   348 C CE  . LYS A 1 48  ? -12.753 10.412  9.924   1.00 79.70 ? 48  LYS A CE  1 
ATOM   349 N NZ  . LYS A 1 48  ? -14.019 10.841  10.585  1.00 81.69 ? 48  LYS A NZ  1 
ATOM   350 N N   . LYS A 1 49  ? -10.201 4.227   9.728   1.00 71.57 ? 49  LYS A N   1 
ATOM   351 C CA  . LYS A 1 49  ? -10.052 2.916   10.338  1.00 74.34 ? 49  LYS A CA  1 
ATOM   352 C C   . LYS A 1 49  ? -9.482  1.978   9.282   1.00 74.07 ? 49  LYS A C   1 
ATOM   353 O O   . LYS A 1 49  ? -9.587  2.248   8.085   1.00 73.26 ? 49  LYS A O   1 
ATOM   354 C CB  . LYS A 1 49  ? -11.388 2.391   10.868  1.00 76.43 ? 49  LYS A CB  1 
ATOM   355 C CG  . LYS A 1 49  ? -12.505 2.343   9.839   1.00 77.28 ? 49  LYS A CG  1 
ATOM   356 C CD  . LYS A 1 49  ? -13.626 1.409   10.280  1.00 77.93 ? 49  LYS A CD  1 
ATOM   357 C CE  . LYS A 1 49  ? -14.094 1.709   11.695  1.00 78.74 ? 49  LYS A CE  1 
ATOM   358 N NZ  . LYS A 1 49  ? -15.024 0.660   12.207  1.00 78.17 ? 49  LYS A NZ  1 
ATOM   359 N N   . ALA A 1 50  ? -8.870  0.885   9.727   1.00 74.22 ? 50  ALA A N   1 
ATOM   360 C CA  . ALA A 1 50  ? -8.269  -0.089  8.821   1.00 73.60 ? 50  ALA A CA  1 
ATOM   361 C C   . ALA A 1 50  ? -7.798  -1.320  9.585   1.00 72.87 ? 50  ALA A C   1 
ATOM   362 O O   . ALA A 1 50  ? -6.601  -1.507  9.792   1.00 72.26 ? 50  ALA A O   1 
ATOM   363 C CB  . ALA A 1 50  ? -7.109  0.535   8.064   1.00 74.09 ? 50  ALA A CB  1 
ATOM   364 N N   . THR A 1 51  ? -8.745  -2.155  10.002  1.00 72.92 ? 51  THR A N   1 
ATOM   365 C CA  . THR A 1 51  ? -8.426  -3.351  10.772  1.00 72.63 ? 51  THR A CA  1 
ATOM   366 C C   . THR A 1 51  ? -9.167  -4.601  10.303  1.00 71.30 ? 51  THR A C   1 
ATOM   367 O O   . THR A 1 51  ? -9.045  -5.660  10.912  1.00 71.27 ? 51  THR A O   1 
ATOM   368 C CB  . THR A 1 51  ? -8.691  -3.117  12.273  1.00 73.38 ? 51  THR A CB  1 
ATOM   369 O OG1 . THR A 1 51  ? -9.734  -2.145  12.430  1.00 73.31 ? 51  THR A OG1 1 
ATOM   370 C CG2 . THR A 1 51  ? -7.490  -2.452  12.933  1.00 74.03 ? 51  THR A CG2 1 
ATOM   371 N N   . GLU A 1 52  ? -9.943  -4.478  9.232   1.00 69.55 ? 52  GLU A N   1 
ATOM   372 C CA  . GLU A 1 52  ? -10.669 -5.621  8.687   1.00 66.98 ? 52  GLU A CA  1 
ATOM   373 C C   . GLU A 1 52  ? -10.469 -5.663  7.179   1.00 62.20 ? 52  GLU A C   1 
ATOM   374 O O   . GLU A 1 52  ? -10.201 -4.635  6.560   1.00 60.27 ? 52  GLU A O   1 
ATOM   375 C CB  . GLU A 1 52  ? -12.161 -5.524  9.014   1.00 69.46 ? 52  GLU A CB  1 
ATOM   376 C CG  . GLU A 1 52  ? -12.475 -5.201  10.468  1.00 72.76 ? 52  GLU A CG  1 
ATOM   377 C CD  . GLU A 1 52  ? -12.527 -6.429  11.355  1.00 74.89 ? 52  GLU A CD  1 
ATOM   378 O OE1 . GLU A 1 52  ? -13.548 -7.150  11.312  1.00 75.93 ? 52  GLU A OE1 1 
ATOM   379 O OE2 . GLU A 1 52  ? -11.555 -6.670  12.101  1.00 75.36 ? 52  GLU A OE2 1 
ATOM   380 N N   . LEU A 1 53  ? -10.598 -6.848  6.587   1.00 58.28 ? 53  LEU A N   1 
ATOM   381 C CA  . LEU A 1 53  ? -10.418 -7.001  5.146   1.00 54.38 ? 53  LEU A CA  1 
ATOM   382 C C   . LEU A 1 53  ? -11.246 -5.988  4.362   1.00 52.46 ? 53  LEU A C   1 
ATOM   383 O O   . LEU A 1 53  ? -10.789 -5.441  3.359   1.00 51.20 ? 53  LEU A O   1 
ATOM   384 C CB  . LEU A 1 53  ? -10.757 -8.425  4.694   1.00 54.32 ? 53  LEU A CB  1 
ATOM   385 C CG  . LEU A 1 53  ? -9.668  -9.496  4.824   1.00 52.35 ? 53  LEU A CG  1 
ATOM   386 C CD1 . LEU A 1 53  ? -10.185 -10.834 4.326   1.00 52.43 ? 53  LEU A CD1 1 
ATOM   387 C CD2 . LEU A 1 53  ? -8.422  -9.091  4.059   1.00 51.41 ? 53  LEU A CD2 1 
ATOM   388 N N   . LYS A 1 54  ? -12.463 -5.735  4.831   1.00 50.86 ? 54  LYS A N   1 
ATOM   389 C CA  . LYS A 1 54  ? -13.356 -4.791  4.167   1.00 49.44 ? 54  LYS A CA  1 
ATOM   390 C C   . LYS A 1 54  ? -12.708 -3.421  3.972   1.00 46.56 ? 54  LYS A C   1 
ATOM   391 O O   . LYS A 1 54  ? -13.045 -2.696  3.039   1.00 45.90 ? 54  LYS A O   1 
ATOM   392 C CB  . LYS A 1 54  ? -14.668 -4.651  4.945   1.00 48.81 ? 54  LYS A CB  1 
ATOM   393 C CG  . LYS A 1 54  ? -14.494 -4.424  6.439   1.00 48.92 ? 54  LYS A CG  1 
ATOM   394 C CD  . LYS A 1 54  ? -15.802 -3.977  7.075   1.00 51.00 ? 54  LYS A CD  1 
ATOM   395 C CE  . LYS A 1 54  ? -15.638 -3.673  8.555   1.00 51.76 ? 54  LYS A CE  1 
ATOM   396 N NZ  . LYS A 1 54  ? -15.574 -4.911  9.377   1.00 51.99 ? 54  LYS A NZ  1 
ATOM   397 N N   . HIS A 1 55  ? -11.764 -3.082  4.843   1.00 44.32 ? 55  HIS A N   1 
ATOM   398 C CA  . HIS A 1 55  ? -11.099 -1.786  4.787   1.00 44.03 ? 55  HIS A CA  1 
ATOM   399 C C   . HIS A 1 55  ? -10.033 -1.691  3.703   1.00 42.60 ? 55  HIS A C   1 
ATOM   400 O O   . HIS A 1 55  ? -9.350  -0.680  3.591   1.00 41.13 ? 55  HIS A O   1 
ATOM   401 C CB  . HIS A 1 55  ? -10.505 -1.425  6.151   1.00 44.45 ? 55  HIS A CB  1 
ATOM   402 C CG  . HIS A 1 55  ? -11.516 -1.389  7.254   1.00 44.82 ? 55  HIS A CG  1 
ATOM   403 N ND1 . HIS A 1 55  ? -11.167 -1.418  8.586   1.00 45.50 ? 55  HIS A ND1 1 
ATOM   404 C CD2 . HIS A 1 55  ? -12.867 -1.331  7.221   1.00 44.45 ? 55  HIS A CD2 1 
ATOM   405 C CE1 . HIS A 1 55  ? -12.260 -1.377  9.327   1.00 45.59 ? 55  HIS A CE1 1 
ATOM   406 N NE2 . HIS A 1 55  ? -13.306 -1.321  8.522   1.00 44.77 ? 55  HIS A NE2 1 
ATOM   407 N N   . LEU A 1 56  ? -9.886  -2.741  2.904   1.00 42.74 ? 56  LEU A N   1 
ATOM   408 C CA  . LEU A 1 56  ? -8.933  -2.704  1.805   1.00 42.18 ? 56  LEU A CA  1 
ATOM   409 C C   . LEU A 1 56  ? -9.458  -1.796  0.701   1.00 44.78 ? 56  LEU A C   1 
ATOM   410 O O   . LEU A 1 56  ? -8.741  -1.478  -0.245  1.00 44.14 ? 56  LEU A O   1 
ATOM   411 C CB  . LEU A 1 56  ? -8.656  -4.104  1.268   1.00 37.81 ? 56  LEU A CB  1 
ATOM   412 C CG  . LEU A 1 56  ? -7.454  -4.794  1.910   1.00 37.14 ? 56  LEU A CG  1 
ATOM   413 C CD1 . LEU A 1 56  ? -7.360  -6.249  1.485   1.00 36.26 ? 56  LEU A CD1 1 
ATOM   414 C CD2 . LEU A 1 56  ? -6.169  -4.055  1.579   1.00 34.71 ? 56  LEU A CD2 1 
ATOM   415 N N   . GLN A 1 57  ? -10.712 -1.374  0.838   1.00 48.28 ? 57  GLN A N   1 
ATOM   416 C CA  . GLN A 1 57  ? -11.345 -0.486  -0.132  1.00 49.51 ? 57  GLN A CA  1 
ATOM   417 C C   . GLN A 1 57  ? -10.609 0.847   -0.210  1.00 50.52 ? 57  GLN A C   1 
ATOM   418 O O   . GLN A 1 57  ? -10.517 1.448   -1.280  1.00 54.65 ? 57  GLN A O   1 
ATOM   419 C CB  . GLN A 1 57  ? -12.820 -0.270  0.221   1.00 52.11 ? 57  GLN A CB  1 
ATOM   420 C CG  . GLN A 1 57  ? -13.568 0.728   -0.666  1.00 53.50 ? 57  GLN A CG  1 
ATOM   421 C CD  . GLN A 1 57  ? -13.793 0.232   -2.088  1.00 54.54 ? 57  GLN A CD  1 
ATOM   422 O OE1 . GLN A 1 57  ? -13.846 -0.973  -2.333  1.00 55.65 ? 57  GLN A OE1 1 
ATOM   423 N NE2 . GLN A 1 57  ? -13.933 1.164   -3.024  1.00 54.44 ? 57  GLN A NE2 1 
ATOM   424 N N   . CYS A 1 58  ? -10.088 1.311   0.921   1.00 48.40 ? 58  CYS A N   1 
ATOM   425 C CA  . CYS A 1 58  ? -9.320  2.551   0.935   1.00 48.51 ? 58  CYS A CA  1 
ATOM   426 C C   . CYS A 1 58  ? -8.043  2.414   0.105   1.00 45.95 ? 58  CYS A C   1 
ATOM   427 O O   . CYS A 1 58  ? -7.652  3.348   -0.596  1.00 47.50 ? 58  CYS A O   1 
ATOM   428 C CB  . CYS A 1 58  ? -8.977  2.980   2.364   1.00 52.22 ? 58  CYS A CB  1 
ATOM   429 S SG  . CYS A 1 58  ? -10.252 3.956   3.209   1.00 57.32 ? 58  CYS A SG  1 
ATOM   430 N N   . LEU A 1 59  ? -7.395  1.252   0.182   1.00 40.28 ? 59  LEU A N   1 
ATOM   431 C CA  . LEU A 1 59  ? -6.161  1.016   -0.566  1.00 32.42 ? 59  LEU A CA  1 
ATOM   432 C C   . LEU A 1 59  ? -6.415  0.969   -2.065  1.00 30.33 ? 59  LEU A C   1 
ATOM   433 O O   . LEU A 1 59  ? -5.695  1.587   -2.841  1.00 28.39 ? 59  LEU A O   1 
ATOM   434 C CB  . LEU A 1 59  ? -5.475  -0.281  -0.123  1.00 28.80 ? 59  LEU A CB  1 
ATOM   435 C CG  . LEU A 1 59  ? -4.273  -0.642  -1.003  1.00 20.74 ? 59  LEU A CG  1 
ATOM   436 C CD1 . LEU A 1 59  ? -3.249  0.496   -1.012  1.00 15.02 ? 59  LEU A CD1 1 
ATOM   437 C CD2 . LEU A 1 59  ? -3.623  -1.942  -0.569  1.00 23.80 ? 59  LEU A CD2 1 
ATOM   438 N N   . GLU A 1 60  ? -7.438  0.229   -2.466  1.00 31.47 ? 60  GLU A N   1 
ATOM   439 C CA  . GLU A 1 60  ? -7.791  0.123   -3.869  1.00 36.15 ? 60  GLU A CA  1 
ATOM   440 C C   . GLU A 1 60  ? -7.940  1.501   -4.498  1.00 36.90 ? 60  GLU A C   1 
ATOM   441 O O   . GLU A 1 60  ? -7.478  1.731   -5.612  1.00 37.43 ? 60  GLU A O   1 
ATOM   442 C CB  . GLU A 1 60  ? -9.078  -0.685  -4.042  1.00 40.02 ? 60  GLU A CB  1 
ATOM   443 C CG  . GLU A 1 60  ? -9.110  -1.542  -5.300  1.00 43.91 ? 60  GLU A CG  1 
ATOM   444 C CD  . GLU A 1 60  ? -9.749  -0.841  -6.485  1.00 47.77 ? 60  GLU A CD  1 
ATOM   445 O OE1 . GLU A 1 60  ? -10.709 -0.072  -6.270  1.00 47.59 ? 60  GLU A OE1 1 
ATOM   446 O OE2 . GLU A 1 60  ? -9.301  -1.073  -7.632  1.00 49.49 ? 60  GLU A OE2 1 
ATOM   447 N N   . GLU A 1 61  ? -8.574  2.419   -3.776  1.00 39.64 ? 61  GLU A N   1 
ATOM   448 C CA  . GLU A 1 61  ? -8.789  3.773   -4.283  1.00 44.59 ? 61  GLU A CA  1 
ATOM   449 C C   . GLU A 1 61  ? -7.495  4.571   -4.376  1.00 45.25 ? 61  GLU A C   1 
ATOM   450 O O   . GLU A 1 61  ? -7.379  5.476   -5.201  1.00 46.48 ? 61  GLU A O   1 
ATOM   451 C CB  . GLU A 1 61  ? -9.799  4.525   -3.418  1.00 46.89 ? 61  GLU A CB  1 
ATOM   452 C CG  . GLU A 1 61  ? -11.230 4.053   -3.597  1.00 51.30 ? 61  GLU A CG  1 
ATOM   453 C CD  . GLU A 1 61  ? -12.168 4.622   -2.552  1.00 52.91 ? 61  GLU A CD  1 
ATOM   454 O OE1 . GLU A 1 61  ? -11.694 5.352   -1.654  1.00 51.56 ? 61  GLU A OE1 1 
ATOM   455 O OE2 . GLU A 1 61  ? -13.381 4.335   -2.632  1.00 54.03 ? 61  GLU A OE2 1 
ATOM   456 N N   . GLU A 1 62  ? -6.523  4.232   -3.536  1.00 42.54 ? 62  GLU A N   1 
ATOM   457 C CA  . GLU A 1 62  ? -5.244  4.929   -3.548  1.00 40.39 ? 62  GLU A CA  1 
ATOM   458 C C   . GLU A 1 62  ? -4.194  4.288   -4.457  1.00 38.85 ? 62  GLU A C   1 
ATOM   459 O O   . GLU A 1 62  ? -3.044  4.722   -4.471  1.00 37.66 ? 62  GLU A O   1 
ATOM   460 C CB  . GLU A 1 62  ? -4.695  5.072   -2.127  1.00 40.48 ? 62  GLU A CB  1 
ATOM   461 C CG  . GLU A 1 62  ? -5.253  6.260   -1.360  1.00 38.05 ? 62  GLU A CG  1 
ATOM   462 C CD  . GLU A 1 62  ? -5.011  7.581   -2.065  1.00 35.30 ? 62  GLU A CD  1 
ATOM   463 O OE1 . GLU A 1 62  ? -3.917  8.170   -1.885  1.00 29.74 ? 62  GLU A OE1 1 
ATOM   464 O OE2 . GLU A 1 62  ? -5.924  8.024   -2.796  1.00 34.17 ? 62  GLU A OE2 1 
ATOM   465 N N   . LEU A 1 63  ? -4.591  3.278   -5.229  1.00 36.16 ? 63  LEU A N   1 
ATOM   466 C CA  . LEU A 1 63  ? -3.647  2.574   -6.097  1.00 33.17 ? 63  LEU A CA  1 
ATOM   467 C C   . LEU A 1 63  ? -3.232  3.338   -7.349  1.00 29.23 ? 63  LEU A C   1 
ATOM   468 O O   . LEU A 1 63  ? -2.058  3.338   -7.698  1.00 28.60 ? 63  LEU A O   1 
ATOM   469 C CB  . LEU A 1 63  ? -4.162  1.181   -6.462  1.00 33.19 ? 63  LEU A CB  1 
ATOM   470 C CG  . LEU A 1 63  ? -4.336  0.281   -5.245  1.00 29.93 ? 63  LEU A CG  1 
ATOM   471 C CD1 . LEU A 1 63  ? -4.682  -1.136  -5.666  1.00 30.09 ? 63  LEU A CD1 1 
ATOM   472 C CD2 . LEU A 1 63  ? -3.077  0.290   -4.387  1.00 32.89 ? 63  LEU A CD2 1 
ATOM   473 N N   . LYS A 1 64  ? -4.180  3.977   -8.026  1.00 29.59 ? 64  LYS A N   1 
ATOM   474 C CA  . LYS A 1 64  ? -3.843  4.761   -9.217  1.00 33.56 ? 64  LYS A CA  1 
ATOM   475 C C   . LYS A 1 64  ? -2.877  5.898   -8.880  1.00 30.18 ? 64  LYS A C   1 
ATOM   476 O O   . LYS A 1 64  ? -1.900  6.121   -9.603  1.00 26.76 ? 64  LYS A O   1 
ATOM   477 C CB  . LYS A 1 64  ? -5.099  5.287   -9.926  1.00 36.81 ? 64  LYS A CB  1 
ATOM   478 C CG  . LYS A 1 64  ? -5.465  4.498   -11.158 1.00 41.98 ? 64  LYS A CG  1 
ATOM   479 C CD  . LYS A 1 64  ? -4.486  4.777   -12.299 1.00 45.51 ? 64  LYS A CD  1 
ATOM   480 C CE  . LYS A 1 64  ? -4.899  6.015   -13.083 1.00 46.94 ? 64  LYS A CE  1 
ATOM   481 N NZ  . LYS A 1 64  ? -4.149  6.172   -14.360 1.00 48.65 ? 64  LYS A NZ  1 
ATOM   482 N N   . PRO A 1 65  ? -3.167  6.626   -7.801  1.00 29.01 ? 65  PRO A N   1 
ATOM   483 C CA  . PRO A 1 65  ? -2.278  7.684   -7.312  1.00 28.28 ? 65  PRO A CA  1 
ATOM   484 C C   . PRO A 1 65  ? -0.894  7.131   -7.008  1.00 26.92 ? 65  PRO A C   1 
ATOM   485 O O   . PRO A 1 65  ? 0.087   7.630   -7.555  1.00 26.87 ? 65  PRO A O   1 
ATOM   486 C CB  . PRO A 1 65  ? -2.949  8.130   -6.012  1.00 29.42 ? 65  PRO A CB  1 
ATOM   487 C CG  . PRO A 1 65  ? -4.374  7.769   -6.177  1.00 29.03 ? 65  PRO A CG  1 
ATOM   488 C CD  . PRO A 1 65  ? -4.394  6.518   -6.994  1.00 31.34 ? 65  PRO A CD  1 
ATOM   489 N N   . LEU A 1 66  ? -0.825  6.121   -6.139  1.00 26.51 ? 66  LEU A N   1 
ATOM   490 C CA  . LEU A 1 66  ? 0.435   5.444   -5.801  1.00 21.45 ? 66  LEU A CA  1 
ATOM   491 C C   . LEU A 1 66  ? 1.228   5.170   -7.072  1.00 23.36 ? 66  LEU A C   1 
ATOM   492 O O   . LEU A 1 66  ? 2.376   5.578   -7.202  1.00 25.24 ? 66  LEU A O   1 
ATOM   493 C CB  . LEU A 1 66  ? 0.151   4.119   -5.081  1.00 15.03 ? 66  LEU A CB  1 
ATOM   494 C CG  . LEU A 1 66  ? 1.293   3.237   -4.549  1.00 13.91 ? 66  LEU A CG  1 
ATOM   495 C CD1 . LEU A 1 66  ? 2.145   3.975   -3.528  1.00 12.77 ? 66  LEU A CD1 1 
ATOM   496 C CD2 . LEU A 1 66  ? 0.734   1.955   -3.952  1.00 15.04 ? 66  LEU A CD2 1 
ATOM   497 N N   . GLU A 1 67  ? 0.590   4.483   -8.009  1.00 25.10 ? 67  GLU A N   1 
ATOM   498 C CA  . GLU A 1 67  ? 1.204   4.150   -9.284  1.00 29.95 ? 67  GLU A CA  1 
ATOM   499 C C   . GLU A 1 67  ? 1.657   5.425   -9.988  1.00 28.15 ? 67  GLU A C   1 
ATOM   500 O O   . GLU A 1 67  ? 2.761   5.498   -10.515 1.00 29.79 ? 67  GLU A O   1 
ATOM   501 C CB  . GLU A 1 67  ? 0.206   3.384   -10.156 1.00 31.90 ? 67  GLU A CB  1 
ATOM   502 C CG  . GLU A 1 67  ? 0.738   2.952   -11.515 1.00 36.61 ? 67  GLU A CG  1 
ATOM   503 C CD  . GLU A 1 67  ? -0.382  2.623   -12.486 1.00 38.23 ? 67  GLU A CD  1 
ATOM   504 O OE1 . GLU A 1 67  ? -0.836  1.460   -12.499 1.00 37.79 ? 67  GLU A OE1 1 
ATOM   505 O OE2 . GLU A 1 67  ? -0.823  3.539   -13.220 1.00 37.91 ? 67  GLU A OE2 1 
ATOM   506 N N   . GLU A 1 68  ? 0.797   6.435   -9.981  1.00 28.03 ? 68  GLU A N   1 
ATOM   507 C CA  . GLU A 1 68  ? 1.119   7.710   -10.607 1.00 26.60 ? 68  GLU A CA  1 
ATOM   508 C C   . GLU A 1 68  ? 2.364   8.347   -9.991  1.00 27.80 ? 68  GLU A C   1 
ATOM   509 O O   . GLU A 1 68  ? 3.236   8.831   -10.708 1.00 31.47 ? 68  GLU A O   1 
ATOM   510 C CB  . GLU A 1 68  ? -0.096  8.642   -10.578 1.00 26.02 ? 68  GLU A CB  1 
ATOM   511 C CG  . GLU A 1 68  ? -1.149  8.231   -11.598 1.00 30.09 ? 68  GLU A CG  1 
ATOM   512 C CD  . GLU A 1 68  ? -2.527  8.806   -11.327 1.00 31.41 ? 68  GLU A CD  1 
ATOM   513 O OE1 . GLU A 1 68  ? -2.766  9.317   -10.214 1.00 33.00 ? 68  GLU A OE1 1 
ATOM   514 O OE2 . GLU A 1 68  ? -3.378  8.740   -12.239 1.00 29.54 ? 68  GLU A OE2 1 
ATOM   515 N N   . VAL A 1 69  ? 2.469   8.324   -8.668  1.00 30.98 ? 69  VAL A N   1 
ATOM   516 C CA  . VAL A 1 69  ? 3.663   8.857   -8.022  1.00 31.26 ? 69  VAL A CA  1 
ATOM   517 C C   . VAL A 1 69  ? 4.868   7.975   -8.347  1.00 31.23 ? 69  VAL A C   1 
ATOM   518 O O   . VAL A 1 69  ? 5.982   8.462   -8.535  1.00 31.59 ? 69  VAL A O   1 
ATOM   519 C CB  . VAL A 1 69  ? 3.488   8.955   -6.500  1.00 32.08 ? 69  VAL A CB  1 
ATOM   520 C CG1 . VAL A 1 69  ? 4.827   9.222   -5.818  1.00 30.81 ? 69  VAL A CG1 1 
ATOM   521 C CG2 . VAL A 1 69  ? 2.481   10.040  -6.157  1.00 33.24 ? 69  VAL A CG2 1 
ATOM   522 N N   . LEU A 1 70  ? 4.634   6.672   -8.431  1.00 31.51 ? 70  LEU A N   1 
ATOM   523 C CA  . LEU A 1 70  ? 5.707   5.732   -8.709  1.00 32.08 ? 70  LEU A CA  1 
ATOM   524 C C   . LEU A 1 70  ? 6.237   5.875   -10.127 1.00 34.57 ? 70  LEU A C   1 
ATOM   525 O O   . LEU A 1 70  ? 7.438   5.808   -10.351 1.00 34.44 ? 70  LEU A O   1 
ATOM   526 C CB  . LEU A 1 70  ? 5.244   4.299   -8.454  1.00 29.14 ? 70  LEU A CB  1 
ATOM   527 C CG  . LEU A 1 70  ? 5.327   3.921   -6.986  1.00 28.77 ? 70  LEU A CG  1 
ATOM   528 C CD1 . LEU A 1 70  ? 5.099   2.441   -6.803  1.00 30.17 ? 70  LEU A CD1 1 
ATOM   529 C CD2 . LEU A 1 70  ? 6.683   4.334   -6.428  1.00 29.53 ? 70  LEU A CD2 1 
ATOM   530 N N   . ASN A 1 71  ? 5.333   6.084   -11.076 1.00 37.37 ? 71  ASN A N   1 
ATOM   531 C CA  . ASN A 1 71  ? 5.707   6.231   -12.475 1.00 40.64 ? 71  ASN A CA  1 
ATOM   532 C C   . ASN A 1 71  ? 6.576   7.453   -12.754 1.00 38.78 ? 71  ASN A C   1 
ATOM   533 O O   . ASN A 1 71  ? 7.340   7.467   -13.716 1.00 37.78 ? 71  ASN A O   1 
ATOM   534 C CB  . ASN A 1 71  ? 4.465   6.222   -13.370 1.00 45.71 ? 71  ASN A CB  1 
ATOM   535 C CG  . ASN A 1 71  ? 3.915   4.824   -13.581 1.00 48.46 ? 71  ASN A CG  1 
ATOM   536 O OD1 . ASN A 1 71  ? 2.700   4.619   -13.642 1.00 49.43 ? 71  ASN A OD1 1 
ATOM   537 N ND2 . ASN A 1 71  ? 4.813   3.848   -13.693 1.00 48.50 ? 71  ASN A ND2 1 
ATOM   538 N N   . LEU A 1 72  ? 6.459   8.476   -11.911 1.00 38.19 ? 72  LEU A N   1 
ATOM   539 C CA  . LEU A 1 72  ? 7.275   9.677   -12.059 1.00 36.84 ? 72  LEU A CA  1 
ATOM   540 C C   . LEU A 1 72  ? 8.727   9.374   -11.720 1.00 36.78 ? 72  LEU A C   1 
ATOM   541 O O   . LEU A 1 72  ? 9.641   9.935   -12.314 1.00 38.14 ? 72  LEU A O   1 
ATOM   542 C CB  . LEU A 1 72  ? 6.762   10.795  -11.155 1.00 36.69 ? 72  LEU A CB  1 
ATOM   543 C CG  . LEU A 1 72  ? 5.427   11.447  -11.516 1.00 36.92 ? 72  LEU A CG  1 
ATOM   544 C CD1 . LEU A 1 72  ? 5.082   12.534  -10.501 1.00 34.31 ? 72  LEU A CD1 1 
ATOM   545 C CD2 . LEU A 1 72  ? 5.471   12.021  -12.920 1.00 35.81 ? 72  LEU A CD2 1 
ATOM   546 N N   . ALA A 1 73  ? 8.930   8.474   -10.765 1.00 37.43 ? 73  ALA A N   1 
ATOM   547 C CA  . ALA A 1 73  ? 10.270  8.086   -10.335 1.00 39.56 ? 73  ALA A CA  1 
ATOM   548 C C   . ALA A 1 73  ? 11.244  7.924   -11.499 1.00 40.55 ? 73  ALA A C   1 
ATOM   549 O O   . ALA A 1 73  ? 11.029  7.109   -12.393 1.00 41.41 ? 73  ALA A O   1 
ATOM   550 C CB  . ALA A 1 73  ? 10.212  6.811   -9.514  1.00 38.13 ? 73  ALA A CB  1 
ATOM   551 N N   . LEU A 1 80  ? 11.258  -0.373  -9.649  1.00 85.20 ? 80  LEU A N   1 
ATOM   552 C CA  . LEU A 1 80  ? 10.978  -1.749  -9.230  1.00 85.40 ? 80  LEU A CA  1 
ATOM   553 C C   . LEU A 1 80  ? 11.019  -2.840  -10.331 1.00 86.51 ? 80  LEU A C   1 
ATOM   554 O O   . LEU A 1 80  ? 11.957  -3.632  -10.254 1.00 87.56 ? 80  LEU A O   1 
ATOM   555 C CB  . LEU A 1 80  ? 9.824   -1.833  -8.229  1.00 85.38 ? 80  LEU A CB  1 
ATOM   556 C CG  . LEU A 1 80  ? 10.462  -1.720  -6.841  1.00 85.27 ? 80  LEU A CG  1 
ATOM   557 C CD1 . LEU A 1 80  ? 9.463   -1.354  -5.770  1.00 84.88 ? 80  LEU A CD1 1 
ATOM   558 C CD2 . LEU A 1 80  ? 11.183  -3.020  -6.505  1.00 85.29 ? 80  LEU A CD2 1 
ATOM   559 N N   . ARG A 1 81  ? 10.048  -3.086  -11.231 1.00 85.92 ? 81  ARG A N   1 
ATOM   560 C CA  . ARG A 1 81  ? 8.612   -2.721  -11.307 1.00 84.23 ? 81  ARG A CA  1 
ATOM   561 C C   . ARG A 1 81  ? 7.907   -2.749  -12.680 1.00 84.59 ? 81  ARG A C   1 
ATOM   562 O O   . ARG A 1 81  ? 6.848   -3.369  -12.769 1.00 85.61 ? 81  ARG A O   1 
ATOM   563 C CB  . ARG A 1 81  ? 8.127   -1.509  -10.494 1.00 82.84 ? 81  ARG A CB  1 
ATOM   564 C CG  . ARG A 1 81  ? 6.796   -1.860  -9.761  1.00 81.03 ? 81  ARG A CG  1 
ATOM   565 C CD  . ARG A 1 81  ? 5.645   -0.861  -9.876  1.00 80.01 ? 81  ARG A CD  1 
ATOM   566 N NE  . ARG A 1 81  ? 6.127   0.477   -10.169 1.00 78.87 ? 81  ARG A NE  1 
ATOM   567 C CZ  . ARG A 1 81  ? 5.612   1.259   -11.102 1.00 77.65 ? 81  ARG A CZ  1 
ATOM   568 N NH1 . ARG A 1 81  ? 4.580   0.844   -11.824 1.00 77.14 ? 81  ARG A NH1 1 
ATOM   569 N NH2 . ARG A 1 81  ? 6.125   2.461   -11.312 1.00 77.35 ? 81  ARG A NH2 1 
ATOM   570 N N   . PRO A 1 82  ? 8.537   -2.322  -13.772 1.00 83.66 ? 82  PRO A N   1 
ATOM   571 C CA  . PRO A 1 82  ? 7.790   -1.818  -14.918 1.00 81.90 ? 82  PRO A CA  1 
ATOM   572 C C   . PRO A 1 82  ? 6.393   -1.315  -14.516 1.00 79.76 ? 82  PRO A C   1 
ATOM   573 O O   . PRO A 1 82  ? 6.239   -0.097  -14.458 1.00 80.08 ? 82  PRO A O   1 
ATOM   574 C CB  . PRO A 1 82  ? 7.877   -2.994  -15.866 1.00 82.55 ? 82  PRO A CB  1 
ATOM   575 C CG  . PRO A 1 82  ? 9.431   -3.389  -15.598 1.00 83.25 ? 82  PRO A CG  1 
ATOM   576 C CD  . PRO A 1 82  ? 9.880   -2.712  -14.221 1.00 83.14 ? 82  PRO A CD  1 
ATOM   577 N N   . ARG A 1 83  ? 5.437   -2.185  -14.201 1.00 76.89 ? 83  ARG A N   1 
ATOM   578 C CA  . ARG A 1 83  ? 4.126   -1.749  -13.700 1.00 74.08 ? 83  ARG A CA  1 
ATOM   579 C C   . ARG A 1 83  ? 3.321   -2.958  -13.243 1.00 69.60 ? 83  ARG A C   1 
ATOM   580 O O   . ARG A 1 83  ? 2.094   -2.961  -13.304 1.00 68.58 ? 83  ARG A O   1 
ATOM   581 C CB  . ARG A 1 83  ? 3.337   -0.961  -14.763 1.00 76.87 ? 83  ARG A CB  1 
ATOM   582 C CG  . ARG A 1 83  ? 3.566   0.557   -14.748 1.00 79.12 ? 83  ARG A CG  1 
ATOM   583 C CD  . ARG A 1 83  ? 2.762   1.349   -15.786 1.00 81.15 ? 83  ARG A CD  1 
ATOM   584 N NE  . ARG A 1 83  ? 1.436   1.743   -15.308 1.00 82.31 ? 83  ARG A NE  1 
ATOM   585 C CZ  . ARG A 1 83  ? 0.464   2.201   -16.090 1.00 82.36 ? 83  ARG A CZ  1 
ATOM   586 N NH1 . ARG A 1 83  ? 0.662   2.321   -17.395 1.00 82.90 ? 83  ARG A NH1 1 
ATOM   587 N NH2 . ARG A 1 83  ? -0.710  2.536   -15.573 1.00 81.73 ? 83  ARG A NH2 1 
ATOM   588 N N   . ASP A 1 84  ? 4.026   -3.975  -12.756 1.00 64.71 ? 84  ASP A N   1 
ATOM   589 C CA  . ASP A 1 84  ? 3.404   -5.249  -12.417 1.00 59.83 ? 84  ASP A CA  1 
ATOM   590 C C   . ASP A 1 84  ? 3.012   -5.436  -10.954 1.00 55.09 ? 84  ASP A C   1 
ATOM   591 O O   . ASP A 1 84  ? 2.019   -6.104  -10.661 1.00 54.33 ? 84  ASP A O   1 
ATOM   592 C CB  . ASP A 1 84  ? 4.325   -6.394  -12.846 1.00 61.41 ? 84  ASP A CB  1 
ATOM   593 C CG  . ASP A 1 84  ? 4.866   -6.206  -14.246 1.00 61.83 ? 84  ASP A CG  1 
ATOM   594 O OD1 . ASP A 1 84  ? 4.057   -5.950  -15.165 1.00 63.18 ? 84  ASP A OD1 1 
ATOM   595 O OD2 . ASP A 1 84  ? 6.084   -6.289  -14.519 1.00 60.07 ? 84  ASP A OD2 1 
ATOM   596 N N   . LEU A 1 85  ? 3.786   -4.864  -10.038 1.00 49.08 ? 85  LEU A N   1 
ATOM   597 C CA  . LEU A 1 85  ? 3.506   -5.040  -8.614  1.00 41.80 ? 85  LEU A CA  1 
ATOM   598 C C   . LEU A 1 85  ? 2.259   -4.296  -8.160  1.00 37.94 ? 85  LEU A C   1 
ATOM   599 O O   . LEU A 1 85  ? 1.560   -4.741  -7.247  1.00 34.94 ? 85  LEU A O   1 
ATOM   600 C CB  . LEU A 1 85  ? 4.715   -4.667  -7.750  1.00 41.33 ? 85  LEU A CB  1 
ATOM   601 C CG  . LEU A 1 85  ? 5.904   -5.633  -7.771  1.00 42.30 ? 85  LEU A CG  1 
ATOM   602 C CD1 . LEU A 1 85  ? 6.785   -5.425  -6.553  1.00 42.68 ? 85  LEU A CD1 1 
ATOM   603 C CD2 . LEU A 1 85  ? 5.444   -7.085  -7.846  1.00 43.51 ? 85  LEU A CD2 1 
ATOM   604 N N   . ILE A 1 86  ? 1.980   -3.160  -8.791  1.00 35.76 ? 86  ILE A N   1 
ATOM   605 C CA  . ILE A 1 86  ? 0.782   -2.403  -8.464  1.00 31.85 ? 86  ILE A CA  1 
ATOM   606 C C   . ILE A 1 86  ? -0.421  -3.225  -8.909  1.00 31.30 ? 86  ILE A C   1 
ATOM   607 O O   . ILE A 1 86  ? -1.409  -3.351  -8.180  1.00 27.65 ? 86  ILE A O   1 
ATOM   608 C CB  . ILE A 1 86  ? 0.798   -1.028  -9.150  1.00 33.86 ? 86  ILE A CB  1 
ATOM   609 C CG1 . ILE A 1 86  ? 1.847   -0.123  -8.497  1.00 34.54 ? 86  ILE A CG1 1 
ATOM   610 C CG2 . ILE A 1 86  ? -0.573  -0.373  -9.071  1.00 33.26 ? 86  ILE A CG2 1 
ATOM   611 C CD1 . ILE A 1 86  ? 1.554   0.199   -7.046  1.00 32.20 ? 86  ILE A CD1 1 
ATOM   612 N N   . SER A 1 87  ? -0.322  -3.806  -10.100 1.00 27.41 ? 87  SER A N   1 
ATOM   613 C CA  . SER A 1 87  ? -1.391  -4.659  -10.600 1.00 29.67 ? 87  SER A CA  1 
ATOM   614 C C   . SER A 1 87  ? -1.477  -5.956  -9.797  1.00 28.15 ? 87  SER A C   1 
ATOM   615 O O   . SER A 1 87  ? -2.557  -6.525  -9.658  1.00 23.29 ? 87  SER A O   1 
ATOM   616 C CB  . SER A 1 87  ? -1.235  -4.930  -12.095 1.00 29.99 ? 87  SER A CB  1 
ATOM   617 O OG  . SER A 1 87  ? -1.850  -3.890  -12.847 1.00 33.40 ? 87  SER A OG  1 
ATOM   618 N N   . ASN A 1 88  ? -0.346  -6.416  -9.262  1.00 26.58 ? 88  ASN A N   1 
ATOM   619 C CA  . ASN A 1 88  ? -0.364  -7.595  -8.406  1.00 29.38 ? 88  ASN A CA  1 
ATOM   620 C C   . ASN A 1 88  ? -1.223  -7.278  -7.178  1.00 25.50 ? 88  ASN A C   1 
ATOM   621 O O   . ASN A 1 88  ? -2.119  -8.041  -6.823  1.00 28.24 ? 88  ASN A O   1 
ATOM   622 C CB  . ASN A 1 88  ? 1.062   -8.018  -8.007  1.00 31.86 ? 88  ASN A CB  1 
ATOM   623 C CG  . ASN A 1 88  ? 1.115   -9.409  -7.359  1.00 36.60 ? 88  ASN A CG  1 
ATOM   624 O OD1 . ASN A 1 88  ? 0.532   -9.643  -6.297  1.00 35.60 ? 88  ASN A OD1 1 
ATOM   625 N ND2 . ASN A 1 88  ? 1.832   -10.331 -7.995  1.00 38.12 ? 88  ASN A ND2 1 
ATOM   626 N N   . ILE A 1 89  ? -0.945  -6.138  -6.551  1.00 27.69 ? 89  ILE A N   1 
ATOM   627 C CA  . ILE A 1 89  ? -1.698  -5.659  -5.384  1.00 28.72 ? 89  ILE A CA  1 
ATOM   628 C C   . ILE A 1 89  ? -3.184  -5.397  -5.671  1.00 27.71 ? 89  ILE A C   1 
ATOM   629 O O   . ILE A 1 89  ? -4.059  -5.744  -4.869  1.00 25.36 ? 89  ILE A O   1 
ATOM   630 C CB  . ILE A 1 89  ? -1.051  -4.362  -4.840  1.00 27.11 ? 89  ILE A CB  1 
ATOM   631 C CG1 . ILE A 1 89  ? 0.386   -4.623  -4.385  1.00 24.68 ? 89  ILE A CG1 1 
ATOM   632 C CG2 . ILE A 1 89  ? -1.870  -3.774  -3.694  1.00 27.75 ? 89  ILE A CG2 1 
ATOM   633 C CD1 . ILE A 1 89  ? 1.150   -3.353  -4.065  1.00 25.45 ? 89  ILE A CD1 1 
ATOM   634 N N   . ASN A 1 90  ? -3.468  -4.765  -6.804  1.00 27.85 ? 90  ASN A N   1 
ATOM   635 C CA  . ASN A 1 90  ? -4.848  -4.444  -7.169  1.00 28.70 ? 90  ASN A CA  1 
ATOM   636 C C   . ASN A 1 90  ? -5.678  -5.713  -7.259  1.00 29.10 ? 90  ASN A C   1 
ATOM   637 O O   . ASN A 1 90  ? -6.769  -5.816  -6.679  1.00 27.93 ? 90  ASN A O   1 
ATOM   638 C CB  . ASN A 1 90  ? -4.890  -3.705  -8.503  1.00 30.11 ? 90  ASN A CB  1 
ATOM   639 C CG  . ASN A 1 90  ? -6.235  -3.052  -8.768  1.00 31.22 ? 90  ASN A CG  1 
ATOM   640 O OD1 . ASN A 1 90  ? -6.449  -2.473  -9.828  1.00 33.24 ? 90  ASN A OD1 1 
ATOM   641 N ND2 . ASN A 1 90  ? -7.144  -3.138  -7.803  1.00 30.05 ? 90  ASN A ND2 1 
ATOM   642 N N   . VAL A 1 91  ? -5.134  -6.678  -7.994  1.00 25.21 ? 91  VAL A N   1 
ATOM   643 C CA  . VAL A 1 91  ? -5.740  -7.987  -8.165  1.00 25.53 ? 91  VAL A CA  1 
ATOM   644 C C   . VAL A 1 91  ? -6.047  -8.598  -6.808  1.00 24.89 ? 91  VAL A C   1 
ATOM   645 O O   . VAL A 1 91  ? -7.135  -9.120  -6.593  1.00 21.05 ? 91  VAL A O   1 
ATOM   646 C CB  . VAL A 1 91  ? -4.795  -8.925  -8.937  1.00 24.48 ? 91  VAL A CB  1 
ATOM   647 C CG1 . VAL A 1 91  ? -5.120  -10.397 -8.661  1.00 23.51 ? 91  VAL A CG1 1 
ATOM   648 C CG2 . VAL A 1 91  ? -4.819  -8.623  -10.425 1.00 25.43 ? 91  VAL A CG2 1 
ATOM   649 N N   . ILE A 1 92  ? -5.082  -8.518  -5.896  1.00 28.20 ? 92  ILE A N   1 
ATOM   650 C CA  . ILE A 1 92  ? -5.241  -9.058  -4.553  1.00 30.49 ? 92  ILE A CA  1 
ATOM   651 C C   . ILE A 1 92  ? -6.395  -8.388  -3.821  1.00 32.34 ? 92  ILE A C   1 
ATOM   652 O O   . ILE A 1 92  ? -7.264  -9.060  -3.268  1.00 32.28 ? 92  ILE A O   1 
ATOM   653 C CB  . ILE A 1 92  ? -3.957  -8.857  -3.734  1.00 30.61 ? 92  ILE A CB  1 
ATOM   654 C CG1 . ILE A 1 92  ? -2.757  -9.479  -4.443  1.00 30.19 ? 92  ILE A CG1 1 
ATOM   655 C CG2 . ILE A 1 92  ? -4.134  -9.432  -2.325  1.00 25.99 ? 92  ILE A CG2 1 
ATOM   656 C CD1 . ILE A 1 92  ? -2.662  -10.973 -4.282  1.00 33.14 ? 92  ILE A CD1 1 
ATOM   657 N N   . VAL A 1 93  ? -6.394  -7.057  -3.810  1.00 33.83 ? 93  VAL A N   1 
ATOM   658 C CA  . VAL A 1 93  ? -7.445  -6.299  -3.130  1.00 34.61 ? 93  VAL A CA  1 
ATOM   659 C C   . VAL A 1 93  ? -8.812  -6.551  -3.761  1.00 30.58 ? 93  VAL A C   1 
ATOM   660 O O   . VAL A 1 93  ? -9.818  -6.678  -3.058  1.00 28.88 ? 93  VAL A O   1 
ATOM   661 C CB  . VAL A 1 93  ? -7.135  -4.782  -3.095  1.00 36.44 ? 93  VAL A CB  1 
ATOM   662 C CG1 . VAL A 1 93  ? -8.266  -4.019  -2.432  1.00 39.05 ? 93  VAL A CG1 1 
ATOM   663 C CG2 . VAL A 1 93  ? -5.838  -4.525  -2.347  1.00 36.14 ? 93  VAL A CG2 1 
ATOM   664 N N   . LEU A 1 94  ? -8.845  -6.630  -5.088  1.00 31.30 ? 94  LEU A N   1 
ATOM   665 C CA  . LEU A 1 94  ? -10.089 -6.894  -5.808  1.00 31.82 ? 94  LEU A CA  1 
ATOM   666 C C   . LEU A 1 94  ? -10.571 -8.319  -5.536  1.00 32.58 ? 94  LEU A C   1 
ATOM   667 O O   . LEU A 1 94  ? -11.714 -8.661  -5.836  1.00 34.35 ? 94  LEU A O   1 
ATOM   668 C CB  . LEU A 1 94  ? -9.913  -6.673  -7.320  1.00 35.41 ? 94  LEU A CB  1 
ATOM   669 C CG  . LEU A 1 94  ? -9.913  -5.241  -7.874  1.00 34.50 ? 94  LEU A CG  1 
ATOM   670 C CD1 . LEU A 1 94  ? -9.670  -5.208  -9.377  1.00 35.25 ? 94  LEU A CD1 1 
ATOM   671 C CD2 . LEU A 1 94  ? -11.223 -4.538  -7.538  1.00 37.09 ? 94  LEU A CD2 1 
ATOM   672 N N   . GLU A 1 95  ? -9.700  -9.147  -4.962  1.00 31.79 ? 95  GLU A N   1 
ATOM   673 C CA  . GLU A 1 95  ? -10.053 -10.534 -4.681  1.00 33.78 ? 95  GLU A CA  1 
ATOM   674 C C   . GLU A 1 95  ? -10.256 -10.810 -3.189  1.00 32.97 ? 95  GLU A C   1 
ATOM   675 O O   . GLU A 1 95  ? -11.002 -11.714 -2.819  1.00 31.40 ? 95  GLU A O   1 
ATOM   676 C CB  . GLU A 1 95  ? -9.003  -11.495 -5.255  1.00 35.72 ? 95  GLU A CB  1 
ATOM   677 C CG  . GLU A 1 95  ? -9.053  -11.697 -6.765  1.00 36.76 ? 95  GLU A CG  1 
ATOM   678 C CD  . GLU A 1 95  ? -8.085  -12.773 -7.227  1.00 38.57 ? 95  GLU A CD  1 
ATOM   679 O OE1 . GLU A 1 95  ? -7.301  -13.256 -6.386  1.00 38.94 ? 95  GLU A OE1 1 
ATOM   680 O OE2 . GLU A 1 95  ? -8.104  -13.141 -8.422  1.00 41.12 ? 95  GLU A OE2 1 
ATOM   681 N N   . LEU A 1 96  ? -9.585  -10.041 -2.339  1.00 34.10 ? 96  LEU A N   1 
ATOM   682 C CA  . LEU A 1 96  ? -9.699  -10.226 -0.898  1.00 34.00 ? 96  LEU A CA  1 
ATOM   683 C C   . LEU A 1 96  ? -11.025 -9.685  -0.383  1.00 35.55 ? 96  LEU A C   1 
ATOM   684 O O   . LEU A 1 96  ? -11.255 -9.640  0.820   1.00 37.12 ? 96  LEU A O   1 
ATOM   685 C CB  . LEU A 1 96  ? -8.527  -9.564  -0.163  1.00 33.01 ? 96  LEU A CB  1 
ATOM   686 C CG  . LEU A 1 96  ? -7.230  -10.375 -0.011  1.00 30.86 ? 96  LEU A CG  1 
ATOM   687 C CD1 . LEU A 1 96  ? -6.071  -9.487  0.397   1.00 25.75 ? 96  LEU A CD1 1 
ATOM   688 C CD2 . LEU A 1 96  ? -7.401  -11.516 0.979   1.00 30.35 ? 96  LEU A CD2 1 
ATOM   689 N N   . PHE A 1 103 ? -19.604 -0.716  2.532   1.00 88.23 ? 103 PHE A N   1 
ATOM   690 C CA  . PHE A 1 103 ? -18.791 -0.020  3.521   1.00 88.13 ? 103 PHE A CA  1 
ATOM   691 C C   . PHE A 1 103 ? -18.162 1.225   2.916   1.00 87.05 ? 103 PHE A C   1 
ATOM   692 O O   . PHE A 1 103 ? -17.344 1.133   2.000   1.00 86.00 ? 103 PHE A O   1 
ATOM   693 C CB  . PHE A 1 103 ? -17.699 -0.944  4.060   1.00 89.22 ? 103 PHE A CB  1 
ATOM   694 C CG  . PHE A 1 103 ? -16.755 -0.272  5.015   1.00 89.59 ? 103 PHE A CG  1 
ATOM   695 C CD1 . PHE A 1 103 ? -17.060 -0.182  6.363   1.00 89.94 ? 103 PHE A CD1 1 
ATOM   696 C CD2 . PHE A 1 103 ? -15.564 0.271   4.565   1.00 89.60 ? 103 PHE A CD2 1 
ATOM   697 C CE1 . PHE A 1 103 ? -16.195 0.438   7.244   1.00 90.15 ? 103 PHE A CE1 1 
ATOM   698 C CE2 . PHE A 1 103 ? -14.698 0.894   5.438   1.00 90.07 ? 103 PHE A CE2 1 
ATOM   699 C CZ  . PHE A 1 103 ? -15.013 0.978   6.780   1.00 90.32 ? 103 PHE A CZ  1 
ATOM   700 N N   . MET A 1 104 ? -18.540 2.390   3.432   1.00 86.88 ? 104 MET A N   1 
ATOM   701 C CA  . MET A 1 104 ? -17.994 3.641   2.923   1.00 86.69 ? 104 MET A CA  1 
ATOM   702 C C   . MET A 1 104 ? -16.587 3.884   3.456   1.00 85.66 ? 104 MET A C   1 
ATOM   703 O O   . MET A 1 104 ? -16.347 3.857   4.663   1.00 84.87 ? 104 MET A O   1 
ATOM   704 C CB  . MET A 1 104 ? -18.919 4.829   3.221   1.00 87.75 ? 104 MET A CB  1 
ATOM   705 C CG  . MET A 1 104 ? -19.206 5.077   4.695   1.00 88.12 ? 104 MET A CG  1 
ATOM   706 S SD  . MET A 1 104 ? -20.486 6.326   4.944   1.00 86.90 ? 104 MET A SD  1 
ATOM   707 C CE  . MET A 1 104 ? -20.819 6.147   6.691   1.00 86.88 ? 104 MET A CE  1 
ATOM   708 N N   . CYS A 1 105 ? -15.659 4.103   2.534   1.00 85.45 ? 105 CYS A N   1 
ATOM   709 C CA  . CYS A 1 105 ? -14.271 4.361   2.876   1.00 85.76 ? 105 CYS A CA  1 
ATOM   710 C C   . CYS A 1 105 ? -14.097 5.825   3.247   1.00 85.37 ? 105 CYS A C   1 
ATOM   711 O O   . CYS A 1 105 ? -14.361 6.711   2.437   1.00 84.17 ? 105 CYS A O   1 
ATOM   712 C CB  . CYS A 1 105 ? -13.375 4.017   1.690   1.00 86.19 ? 105 CYS A CB  1 
ATOM   713 S SG  . CYS A 1 105 ? -14.253 4.000   0.113   1.00 86.34 ? 105 CYS A SG  1 
ATOM   714 N N   . GLU A 1 106 ? -13.658 6.076   4.475   1.00 86.03 ? 106 GLU A N   1 
ATOM   715 C CA  . GLU A 1 106 ? -13.457 7.442   4.943   1.00 86.99 ? 106 GLU A CA  1 
ATOM   716 C C   . GLU A 1 106 ? -11.982 7.735   5.181   1.00 86.12 ? 106 GLU A C   1 
ATOM   717 O O   . GLU A 1 106 ? -11.283 6.962   5.837   1.00 86.29 ? 106 GLU A O   1 
ATOM   718 C CB  . GLU A 1 106 ? -14.261 7.700   6.219   1.00 88.46 ? 106 GLU A CB  1 
ATOM   719 C CG  . GLU A 1 106 ? -14.689 9.148   6.392   1.00 89.99 ? 106 GLU A CG  1 
ATOM   720 C CD  . GLU A 1 106 ? -15.517 9.369   7.643   1.00 91.05 ? 106 GLU A CD  1 
ATOM   721 O OE1 . GLU A 1 106 ? -15.838 8.377   8.331   1.00 91.41 ? 106 GLU A OE1 1 
ATOM   722 O OE2 . GLU A 1 106 ? -15.846 10.535  7.938   1.00 91.26 ? 106 GLU A OE2 1 
ATOM   723 N N   . TYR A 1 107 ? -11.515 8.859   4.648   1.00 84.25 ? 107 TYR A N   1 
ATOM   724 C CA  . TYR A 1 107 ? -10.114 9.236   4.776   1.00 82.60 ? 107 TYR A CA  1 
ATOM   725 C C   . TYR A 1 107 ? -9.835  10.117  5.990   1.00 79.84 ? 107 TYR A C   1 
ATOM   726 O O   . TYR A 1 107 ? -10.677 10.916  6.401   1.00 78.84 ? 107 TYR A O   1 
ATOM   727 C CB  . TYR A 1 107 ? -9.629  9.922   3.498   1.00 84.29 ? 107 TYR A CB  1 
ATOM   728 C CG  . TYR A 1 107 ? -9.479  8.969   2.337   1.00 86.35 ? 107 TYR A CG  1 
ATOM   729 C CD1 . TYR A 1 107 ? -8.679  7.840   2.444   1.00 87.11 ? 107 TYR A CD1 1 
ATOM   730 C CD2 . TYR A 1 107 ? -10.141 9.191   1.140   1.00 87.33 ? 107 TYR A CD2 1 
ATOM   731 C CE1 . TYR A 1 107 ? -8.537  6.961   1.390   1.00 87.77 ? 107 TYR A CE1 1 
ATOM   732 C CE2 . TYR A 1 107 ? -10.007 8.317   0.076   1.00 88.12 ? 107 TYR A CE2 1 
ATOM   733 C CZ  . TYR A 1 107 ? -9.203  7.203   0.208   1.00 88.03 ? 107 TYR A CZ  1 
ATOM   734 O OH  . TYR A 1 107 ? -9.062  6.327   -0.844  1.00 87.51 ? 107 TYR A OH  1 
ATOM   735 N N   . ALA A 1 108 ? -8.642  9.955   6.556   1.00 76.42 ? 108 ALA A N   1 
ATOM   736 C CA  . ALA A 1 108 ? -8.222  10.724  7.721   1.00 72.90 ? 108 ALA A CA  1 
ATOM   737 C C   . ALA A 1 108 ? -8.008  12.188  7.363   1.00 69.73 ? 108 ALA A C   1 
ATOM   738 O O   . ALA A 1 108 ? -7.963  12.550  6.188   1.00 67.30 ? 108 ALA A O   1 
ATOM   739 C CB  . ALA A 1 108 ? -6.953  10.137  8.315   1.00 73.25 ? 108 ALA A CB  1 
ATOM   740 N N   . ASP A 1 109 ? -7.878  13.024  8.384   1.00 67.36 ? 109 ASP A N   1 
ATOM   741 C CA  . ASP A 1 109 ? -7.685  14.449  8.172   1.00 65.79 ? 109 ASP A CA  1 
ATOM   742 C C   . ASP A 1 109 ? -6.365  14.737  7.475   1.00 63.24 ? 109 ASP A C   1 
ATOM   743 O O   . ASP A 1 109 ? -6.340  15.229  6.351   1.00 62.95 ? 109 ASP A O   1 
ATOM   744 C CB  . ASP A 1 109 ? -7.739  15.201  9.502   1.00 67.74 ? 109 ASP A CB  1 
ATOM   745 C CG  . ASP A 1 109 ? -9.133  15.243  10.091  1.00 70.03 ? 109 ASP A CG  1 
ATOM   746 O OD1 . ASP A 1 109 ? -10.069 15.659  9.378   1.00 69.99 ? 109 ASP A OD1 1 
ATOM   747 O OD2 . ASP A 1 109 ? -9.386  14.880  11.259  1.00 71.25 ? 109 ASP A OD2 1 
ATOM   748 N N   . GLU A 1 110 ? -5.268  14.415  8.148   1.00 60.68 ? 110 GLU A N   1 
ATOM   749 C CA  . GLU A 1 110 ? -3.943  14.718  7.627   1.00 57.70 ? 110 GLU A CA  1 
ATOM   750 C C   . GLU A 1 110 ? -3.419  13.636  6.692   1.00 53.57 ? 110 GLU A C   1 
ATOM   751 O O   . GLU A 1 110 ? -3.459  12.448  7.014   1.00 51.52 ? 110 GLU A O   1 
ATOM   752 C CB  . GLU A 1 110 ? -2.966  14.958  8.781   1.00 59.85 ? 110 GLU A CB  1 
ATOM   753 C CG  . GLU A 1 110 ? -3.504  15.877  9.871   1.00 61.43 ? 110 GLU A CG  1 
ATOM   754 C CD  . GLU A 1 110 ? -3.836  17.274  9.369   1.00 63.00 ? 110 GLU A CD  1 
ATOM   755 O OE1 . GLU A 1 110 ? -3.155  17.757  8.441   1.00 63.69 ? 110 GLU A OE1 1 
ATOM   756 O OE2 . GLU A 1 110 ? -4.777  17.896  9.908   1.00 62.98 ? 110 GLU A OE2 1 
ATOM   757 N N   . THR A 1 111 ? -2.924  14.059  5.532   1.00 48.34 ? 111 THR A N   1 
ATOM   758 C CA  . THR A 1 111 ? -2.383  13.135  4.546   1.00 42.73 ? 111 THR A CA  1 
ATOM   759 C C   . THR A 1 111 ? -0.996  12.658  4.960   1.00 40.78 ? 111 THR A C   1 
ATOM   760 O O   . THR A 1 111 ? -0.460  13.088  5.984   1.00 41.25 ? 111 THR A O   1 
ATOM   761 C CB  . THR A 1 111 ? -2.323  13.796  3.171   1.00 42.13 ? 111 THR A CB  1 
ATOM   762 O OG1 . THR A 1 111 ? -1.621  15.037  3.273   1.00 42.63 ? 111 THR A OG1 1 
ATOM   763 C CG2 . THR A 1 111 ? -3.709  14.221  2.730   1.00 43.87 ? 111 THR A CG2 1 
ATOM   764 N N   . ALA A 1 112 ? -0.411  11.773  4.162   1.00 34.88 ? 112 ALA A N   1 
ATOM   765 C CA  . ALA A 1 112 ? 0.881   11.209  4.517   1.00 32.62 ? 112 ALA A CA  1 
ATOM   766 C C   . ALA A 1 112 ? 1.836   11.023  3.344   1.00 32.53 ? 112 ALA A C   1 
ATOM   767 O O   . ALA A 1 112 ? 1.536   11.358  2.200   1.00 34.09 ? 112 ALA A O   1 
ATOM   768 C CB  . ALA A 1 112 ? 0.691   9.890   5.248   1.00 29.23 ? 112 ALA A CB  1 
ATOM   769 N N   . THR A 1 113 ? 2.997   10.473  3.670   1.00 31.31 ? 113 THR A N   1 
ATOM   770 C CA  . THR A 1 113 ? 4.052   10.196  2.720   1.00 28.04 ? 113 THR A CA  1 
ATOM   771 C C   . THR A 1 113 ? 3.875   8.798   2.132   1.00 26.38 ? 113 THR A C   1 
ATOM   772 O O   . THR A 1 113 ? 3.242   7.947   2.756   1.00 22.69 ? 113 THR A O   1 
ATOM   773 C CB  . THR A 1 113 ? 5.384   10.288  3.463   1.00 27.62 ? 113 THR A CB  1 
ATOM   774 O OG1 . THR A 1 113 ? 5.714   11.669  3.657   1.00 30.05 ? 113 THR A OG1 1 
ATOM   775 C CG2 . THR A 1 113 ? 6.528   9.772   2.615   1.00 29.24 ? 113 THR A CG2 1 
ATOM   776 N N   . ILE A 1 114 ? 4.415   8.573   0.929   1.00 20.11 ? 114 ILE A N   1 
ATOM   777 C CA  . ILE A 1 114 ? 4.342   7.263   0.296   1.00 20.59 ? 114 ILE A CA  1 
ATOM   778 C C   . ILE A 1 114 ? 4.930   6.209   1.219   1.00 20.38 ? 114 ILE A C   1 
ATOM   779 O O   . ILE A 1 114 ? 4.480   5.071   1.235   1.00 22.95 ? 114 ILE A O   1 
ATOM   780 C CB  . ILE A 1 114 ? 5.104   7.257   -1.049  1.00 17.33 ? 114 ILE A CB  1 
ATOM   781 C CG1 . ILE A 1 114 ? 5.056   5.868   -1.699  1.00 15.98 ? 114 ILE A CG1 1 
ATOM   782 C CG2 . ILE A 1 114 ? 6.554   7.676   -0.847  1.00 18.85 ? 114 ILE A CG2 1 
ATOM   783 C CD1 . ILE A 1 114 ? 5.346   5.887   -3.200  1.00 18.48 ? 114 ILE A CD1 1 
ATOM   784 N N   . VAL A 1 115 ? 5.946   6.597   1.980   1.00 24.86 ? 115 VAL A N   1 
ATOM   785 C CA  . VAL A 1 115 ? 6.595   5.706   2.934   1.00 26.96 ? 115 VAL A CA  1 
ATOM   786 C C   . VAL A 1 115 ? 5.649   5.337   4.066   1.00 32.49 ? 115 VAL A C   1 
ATOM   787 O O   . VAL A 1 115 ? 5.511   4.166   4.412   1.00 35.26 ? 115 VAL A O   1 
ATOM   788 C CB  . VAL A 1 115 ? 7.866   6.354   3.528   1.00 25.79 ? 115 VAL A CB  1 
ATOM   789 C CG1 . VAL A 1 115 ? 8.308   5.631   4.792   1.00 26.36 ? 115 VAL A CG1 1 
ATOM   790 C CG2 . VAL A 1 115 ? 8.983   6.370   2.500   1.00 27.15 ? 115 VAL A CG2 1 
ATOM   791 N N   . GLU A 1 116 ? 4.994   6.342   4.639   1.00 34.69 ? 116 GLU A N   1 
ATOM   792 C CA  . GLU A 1 116 ? 4.058   6.117   5.734   1.00 38.08 ? 116 GLU A CA  1 
ATOM   793 C C   . GLU A 1 116 ? 2.793   5.427   5.223   1.00 38.45 ? 116 GLU A C   1 
ATOM   794 O O   . GLU A 1 116 ? 2.101   4.734   5.969   1.00 34.79 ? 116 GLU A O   1 
ATOM   795 C CB  . GLU A 1 116 ? 3.710   7.442   6.417   1.00 42.25 ? 116 GLU A CB  1 
ATOM   796 C CG  . GLU A 1 116 ? 2.674   7.336   7.529   1.00 49.99 ? 116 GLU A CG  1 
ATOM   797 C CD  . GLU A 1 116 ? 3.264   6.932   8.867   1.00 54.40 ? 116 GLU A CD  1 
ATOM   798 O OE1 . GLU A 1 116 ? 4.163   6.060   8.896   1.00 56.83 ? 116 GLU A OE1 1 
ATOM   799 O OE2 . GLU A 1 116 ? 2.825   7.488   9.895   1.00 56.40 ? 116 GLU A OE2 1 
ATOM   800 N N   . PHE A 1 117 ? 2.496   5.626   3.941   1.00 37.60 ? 117 PHE A N   1 
ATOM   801 C CA  . PHE A 1 117 ? 1.340   5.004   3.319   1.00 36.50 ? 117 PHE A CA  1 
ATOM   802 C C   . PHE A 1 117 ? 1.587   3.503   3.189   1.00 37.17 ? 117 PHE A C   1 
ATOM   803 O O   . PHE A 1 117 ? 0.674   2.701   3.354   1.00 40.50 ? 117 PHE A O   1 
ATOM   804 C CB  . PHE A 1 117 ? 1.071   5.659   1.964   1.00 36.64 ? 117 PHE A CB  1 
ATOM   805 C CG  . PHE A 1 117 ? 0.210   4.844   1.038   1.00 36.37 ? 117 PHE A CG  1 
ATOM   806 C CD1 . PHE A 1 117 ? 0.771   3.875   0.228   1.00 37.20 ? 117 PHE A CD1 1 
ATOM   807 C CD2 . PHE A 1 117 ? -1.151  5.079   0.950   1.00 36.15 ? 117 PHE A CD2 1 
ATOM   808 C CE1 . PHE A 1 117 ? -0.010  3.138   -0.635  1.00 36.93 ? 117 PHE A CE1 1 
ATOM   809 C CE2 . PHE A 1 117 ? -1.935  4.347   0.092   1.00 36.05 ? 117 PHE A CE2 1 
ATOM   810 C CZ  . PHE A 1 117 ? -1.365  3.374   -0.700  1.00 37.70 ? 117 PHE A CZ  1 
ATOM   811 N N   . LEU A 1 118 ? 2.830   3.121   2.916   1.00 34.78 ? 118 LEU A N   1 
ATOM   812 C CA  . LEU A 1 118 ? 3.165   1.705   2.803   1.00 32.25 ? 118 LEU A CA  1 
ATOM   813 C C   . LEU A 1 118 ? 3.219   1.059   4.185   1.00 31.82 ? 118 LEU A C   1 
ATOM   814 O O   . LEU A 1 118 ? 2.566   0.043   4.437   1.00 33.36 ? 118 LEU A O   1 
ATOM   815 C CB  . LEU A 1 118 ? 4.484   1.518   2.047   1.00 29.22 ? 118 LEU A CB  1 
ATOM   816 C CG  . LEU A 1 118 ? 4.407   1.958   0.580   1.00 27.94 ? 118 LEU A CG  1 
ATOM   817 C CD1 . LEU A 1 118 ? 5.761   1.895   -0.105  1.00 30.95 ? 118 LEU A CD1 1 
ATOM   818 C CD2 . LEU A 1 118 ? 3.385   1.141   -0.190  1.00 24.19 ? 118 LEU A CD2 1 
ATOM   819 N N   . ASN A 1 119 ? 3.986   1.660   5.083   1.00 27.02 ? 119 ASN A N   1 
ATOM   820 C CA  . ASN A 1 119 ? 4.078   1.157   6.444   1.00 30.90 ? 119 ASN A CA  1 
ATOM   821 C C   . ASN A 1 119 ? 2.707   0.934   7.065   1.00 30.06 ? 119 ASN A C   1 
ATOM   822 O O   . ASN A 1 119 ? 2.485   -0.049  7.755   1.00 28.92 ? 119 ASN A O   1 
ATOM   823 C CB  . ASN A 1 119 ? 4.897   2.111   7.318   1.00 29.18 ? 119 ASN A CB  1 
ATOM   824 C CG  . ASN A 1 119 ? 6.383   1.960   7.097   1.00 28.05 ? 119 ASN A CG  1 
ATOM   825 O OD1 . ASN A 1 119 ? 7.109   2.947   6.945   1.00 31.10 ? 119 ASN A OD1 1 
ATOM   826 N ND2 . ASN A 1 119 ? 6.849   0.716   7.083   1.00 26.26 ? 119 ASN A ND2 1 
ATOM   827 N N   . ARG A 1 120 ? 1.782   1.845   6.804   1.00 30.77 ? 120 ARG A N   1 
ATOM   828 C CA  . ARG A 1 120 ? 0.450   1.736   7.378   1.00 31.78 ? 120 ARG A CA  1 
ATOM   829 C C   . ARG A 1 120 ? -0.305  0.501   6.883   1.00 31.79 ? 120 ARG A C   1 
ATOM   830 O O   . ARG A 1 120 ? -1.044  -0.128  7.641   1.00 29.17 ? 120 ARG A O   1 
ATOM   831 C CB  . ARG A 1 120 ? -0.362  3.002   7.105   1.00 31.95 ? 120 ARG A CB  1 
ATOM   832 C CG  . ARG A 1 120 ? -1.718  2.998   7.776   1.00 35.70 ? 120 ARG A CG  1 
ATOM   833 C CD  . ARG A 1 120 ? -1.653  2.794   9.281   1.00 39.17 ? 120 ARG A CD  1 
ATOM   834 N NE  . ARG A 1 120 ? -2.771  1.989   9.758   1.00 42.98 ? 120 ARG A NE  1 
ATOM   835 C CZ  . ARG A 1 120 ? -3.953  2.480   10.099  1.00 44.86 ? 120 ARG A CZ  1 
ATOM   836 N NH1 . ARG A 1 120 ? -4.181  3.787   10.026  1.00 44.80 ? 120 ARG A NH1 1 
ATOM   837 N NH2 . ARG A 1 120 ? -4.909  1.665   10.519  1.00 47.16 ? 120 ARG A NH2 1 
ATOM   838 N N   . TRP A 1 121 ? -0.111  0.152   5.613   1.00 29.94 ? 121 TRP A N   1 
ATOM   839 C CA  . TRP A 1 121 ? -0.792  -0.998  5.032   1.00 27.29 ? 121 TRP A CA  1 
ATOM   840 C C   . TRP A 1 121 ? -0.017  -2.287  5.258   1.00 27.46 ? 121 TRP A C   1 
ATOM   841 O O   . TRP A 1 121 ? -0.593  -3.377  5.284   1.00 24.40 ? 121 TRP A O   1 
ATOM   842 C CB  . TRP A 1 121 ? -1.048  -0.762  3.547   1.00 24.67 ? 121 TRP A CB  1 
ATOM   843 C CG  . TRP A 1 121 ? -2.145  0.229   3.330   1.00 22.01 ? 121 TRP A CG  1 
ATOM   844 C CD1 . TRP A 1 121 ? -2.011  1.513   2.901   1.00 19.37 ? 121 TRP A CD1 1 
ATOM   845 C CD2 . TRP A 1 121 ? -3.543  0.025   3.556   1.00 19.75 ? 121 TRP A CD2 1 
ATOM   846 N NE1 . TRP A 1 121 ? -3.242  2.116   2.824   1.00 22.04 ? 121 TRP A NE1 1 
ATOM   847 C CE2 . TRP A 1 121 ? -4.201  1.224   3.224   1.00 20.66 ? 121 TRP A CE2 1 
ATOM   848 C CE3 . TRP A 1 121 ? -4.311  -1.056  3.992   1.00 19.39 ? 121 TRP A CE3 1 
ATOM   849 C CZ2 . TRP A 1 121 ? -5.578  1.375   3.323   1.00 18.21 ? 121 TRP A CZ2 1 
ATOM   850 C CZ3 . TRP A 1 121 ? -5.673  -0.907  4.082   1.00 18.66 ? 121 TRP A CZ3 1 
ATOM   851 C CH2 . TRP A 1 121 ? -6.295  0.300   3.749   1.00 20.27 ? 121 TRP A CH2 1 
ATOM   852 N N   . ILE A 1 122 ? 1.297   -2.158  5.413   1.00 29.74 ? 122 ILE A N   1 
ATOM   853 C CA  . ILE A 1 122 ? 2.137   -3.298  5.738   1.00 31.36 ? 122 ILE A CA  1 
ATOM   854 C C   . ILE A 1 122 ? 1.745   -3.774  7.137   1.00 34.74 ? 122 ILE A C   1 
ATOM   855 O O   . ILE A 1 122 ? 1.587   -4.975  7.381   1.00 33.05 ? 122 ILE A O   1 
ATOM   856 C CB  . ILE A 1 122 ? 3.625   -2.905  5.672   1.00 29.95 ? 122 ILE A CB  1 
ATOM   857 C CG1 . ILE A 1 122 ? 4.107   -2.902  4.220   1.00 29.98 ? 122 ILE A CG1 1 
ATOM   858 C CG2 . ILE A 1 122 ? 4.474   -3.850  6.503   1.00 30.22 ? 122 ILE A CG2 1 
ATOM   859 C CD1 . ILE A 1 122 ? 5.474   -2.304  4.036   1.00 30.05 ? 122 ILE A CD1 1 
ATOM   860 N N   . THR A 1 123 ? 1.573   -2.819  8.049   1.00 35.51 ? 123 THR A N   1 
ATOM   861 C CA  . THR A 1 123 ? 1.141   -3.135  9.405   1.00 37.16 ? 123 THR A CA  1 
ATOM   862 C C   . THR A 1 123 ? -0.202  -3.842  9.323   1.00 35.99 ? 123 THR A C   1 
ATOM   863 O O   . THR A 1 123 ? -0.401  -4.890  9.927   1.00 36.98 ? 123 THR A O   1 
ATOM   864 C CB  . THR A 1 123 ? 0.988   -1.854  10.252  1.00 35.73 ? 123 THR A CB  1 
ATOM   865 O OG1 . THR A 1 123 ? 2.235   -1.155  10.310  1.00 36.72 ? 123 THR A OG1 1 
ATOM   866 C CG2 . THR A 1 123 ? 0.714   -2.209  11.706  1.00 35.59 ? 123 THR A CG2 1 
ATOM   867 N N   . PHE A 1 124 ? -1.114  -3.250  8.558   1.00 36.61 ? 124 PHE A N   1 
ATOM   868 C CA  . PHE A 1 124 ? -2.453  -3.792  8.364   1.00 36.57 ? 124 PHE A CA  1 
ATOM   869 C C   . PHE A 1 124 ? -2.396  -5.252  7.940   1.00 36.12 ? 124 PHE A C   1 
ATOM   870 O O   . PHE A 1 124 ? -3.047  -6.102  8.540   1.00 38.03 ? 124 PHE A O   1 
ATOM   871 C CB  . PHE A 1 124 ? -3.217  -2.952  7.339   1.00 34.64 ? 124 PHE A CB  1 
ATOM   872 C CG  . PHE A 1 124 ? -4.389  -3.658  6.715   1.00 34.05 ? 124 PHE A CG  1 
ATOM   873 C CD1 . PHE A 1 124 ? -5.638  -3.606  7.303   1.00 33.29 ? 124 PHE A CD1 1 
ATOM   874 C CD2 . PHE A 1 124 ? -4.241  -4.353  5.523   1.00 31.75 ? 124 PHE A CD2 1 
ATOM   875 C CE1 . PHE A 1 124 ? -6.717  -4.243  6.726   1.00 33.81 ? 124 PHE A CE1 1 
ATOM   876 C CE2 . PHE A 1 124 ? -5.311  -4.994  4.942   1.00 31.16 ? 124 PHE A CE2 1 
ATOM   877 C CZ  . PHE A 1 124 ? -6.552  -4.940  5.540   1.00 34.65 ? 124 PHE A CZ  1 
ATOM   878 N N   . CYS A 1 125 ? -1.600  -5.534  6.915   1.00 36.82 ? 125 CYS A N   1 
ATOM   879 C CA  . CYS A 1 125 ? -1.437  -6.897  6.421   1.00 36.49 ? 125 CYS A CA  1 
ATOM   880 C C   . CYS A 1 125 ? -0.925  -7.829  7.506   1.00 38.09 ? 125 CYS A C   1 
ATOM   881 O O   . CYS A 1 125 ? -1.508  -8.883  7.746   1.00 37.41 ? 125 CYS A O   1 
ATOM   882 C CB  . CYS A 1 125 ? -0.492  -6.932  5.221   1.00 33.14 ? 125 CYS A CB  1 
ATOM   883 S SG  . CYS A 1 125 ? -1.223  -6.319  3.683   1.00 32.25 ? 125 CYS A SG  1 
ATOM   884 N N   . GLN A 1 126 ? 0.164   -7.435  8.161   1.00 38.89 ? 126 GLN A N   1 
ATOM   885 C CA  . GLN A 1 126 ? 0.758   -8.247  9.215   1.00 39.77 ? 126 GLN A CA  1 
ATOM   886 C C   . GLN A 1 126 ? -0.232  -8.461  10.345  1.00 41.44 ? 126 GLN A C   1 
ATOM   887 O O   . GLN A 1 126 ? -0.287  -9.540  10.934  1.00 40.35 ? 126 GLN A O   1 
ATOM   888 C CB  . GLN A 1 126 ? 2.023   -7.584  9.761   1.00 42.41 ? 126 GLN A CB  1 
ATOM   889 C CG  . GLN A 1 126 ? 3.191   -7.561  8.787   1.00 42.76 ? 126 GLN A CG  1 
ATOM   890 C CD  . GLN A 1 126 ? 4.291   -6.613  9.227   1.00 43.20 ? 126 GLN A CD  1 
ATOM   891 O OE1 . GLN A 1 126 ? 5.421   -6.697  8.744   1.00 42.98 ? 126 GLN A OE1 1 
ATOM   892 N NE2 . GLN A 1 126 ? 3.963   -5.708  10.146  1.00 43.35 ? 126 GLN A NE2 1 
ATOM   893 N N   . SER A 1 127 ? -1.018  -7.427  10.635  1.00 43.54 ? 127 SER A N   1 
ATOM   894 C CA  . SER A 1 127 ? -2.006  -7.487  11.706  1.00 47.65 ? 127 SER A CA  1 
ATOM   895 C C   . SER A 1 127 ? -3.185  -8.409  11.385  1.00 49.63 ? 127 SER A C   1 
ATOM   896 O O   . SER A 1 127 ? -3.876  -8.872  12.291  1.00 50.36 ? 127 SER A O   1 
ATOM   897 C CB  . SER A 1 127 ? -2.514  -6.085  12.051  1.00 48.84 ? 127 SER A CB  1 
ATOM   898 O OG  . SER A 1 127 ? -3.284  -6.109  13.241  1.00 52.17 ? 127 SER A OG  1 
ATOM   899 N N   . ILE A 1 128 ? -3.424  -8.663  10.101  1.00 50.17 ? 128 ILE A N   1 
ATOM   900 C CA  . ILE A 1 128 ? -4.494  -9.573  9.707   1.00 52.28 ? 128 ILE A CA  1 
ATOM   901 C C   . ILE A 1 128 ? -3.946  -10.996 9.682   1.00 54.20 ? 128 ILE A C   1 
ATOM   902 O O   . ILE A 1 128 ? -4.662  -11.957 9.963   1.00 55.91 ? 128 ILE A O   1 
ATOM   903 C CB  . ILE A 1 128 ? -5.076  -9.186  8.339   1.00 51.99 ? 128 ILE A CB  1 
ATOM   904 C CG1 . ILE A 1 128 ? -5.457  -7.707  8.323   1.00 52.06 ? 128 ILE A CG1 1 
ATOM   905 C CG2 . ILE A 1 128 ? -6.295  -10.030 8.023   1.00 51.98 ? 128 ILE A CG2 1 
ATOM   906 C CD1 . ILE A 1 128 ? -6.579  -7.354  9.275   1.00 52.66 ? 128 ILE A CD1 1 
ATOM   907 N N   . ILE A 1 129 ? -2.662  -11.114 9.360   1.00 54.56 ? 129 ILE A N   1 
ATOM   908 C CA  . ILE A 1 129 ? -1.977  -12.401 9.334   1.00 55.29 ? 129 ILE A CA  1 
ATOM   909 C C   . ILE A 1 129 ? -1.778  -12.930 10.752  1.00 57.24 ? 129 ILE A C   1 
ATOM   910 O O   . ILE A 1 129 ? -1.629  -14.132 10.964  1.00 56.73 ? 129 ILE A O   1 
ATOM   911 C CB  . ILE A 1 129 ? -0.609  -12.258 8.635   1.00 52.89 ? 129 ILE A CB  1 
ATOM   912 C CG1 . ILE A 1 129 ? -0.781  -11.625 7.256   1.00 50.90 ? 129 ILE A CG1 1 
ATOM   913 C CG2 . ILE A 1 129 ? 0.089   -13.606 8.528   1.00 52.56 ? 129 ILE A CG2 1 
ATOM   914 C CD1 . ILE A 1 129 ? 0.505   -11.465 6.493   1.00 49.62 ? 129 ILE A CD1 1 
ATOM   915 N N   . SER A 1 130 ? -1.777  -12.023 11.722  1.00 60.45 ? 130 SER A N   1 
ATOM   916 C CA  . SER A 1 130 ? -1.585  -12.394 13.117  1.00 63.07 ? 130 SER A CA  1 
ATOM   917 C C   . SER A 1 130 ? -2.836  -13.044 13.688  1.00 64.36 ? 130 SER A C   1 
ATOM   918 O O   . SER A 1 130 ? -2.761  -13.850 14.613  1.00 64.02 ? 130 SER A O   1 
ATOM   919 C CB  . SER A 1 130 ? -1.211  -11.168 13.951  1.00 63.63 ? 130 SER A CB  1 
ATOM   920 O OG  . SER A 1 130 ? -2.287  -10.246 14.006  1.00 63.84 ? 130 SER A OG  1 
ATOM   921 N N   . THR A 1 131 ? -3.987  -12.689 13.126  1.00 66.00 ? 131 THR A N   1 
ATOM   922 C CA  . THR A 1 131 ? -5.266  -13.213 13.590  1.00 67.97 ? 131 THR A CA  1 
ATOM   923 C C   . THR A 1 131 ? -5.562  -14.598 13.031  1.00 67.93 ? 131 THR A C   1 
ATOM   924 O O   . THR A 1 131 ? -6.271  -15.383 13.654  1.00 67.99 ? 131 THR A O   1 
ATOM   925 C CB  . THR A 1 131 ? -6.397  -12.255 13.210  1.00 69.64 ? 131 THR A CB  1 
ATOM   926 O OG1 . THR A 1 131 ? -6.395  -12.056 11.791  1.00 70.08 ? 131 THR A OG1 1 
ATOM   927 C CG2 . THR A 1 131 ? -6.123  -10.867 13.762  1.00 70.78 ? 131 THR A CG2 1 
ATOM   928 N N   . LEU A 1 132 ? -5.025  -14.893 11.851  1.00 67.43 ? 132 LEU A N   1 
ATOM   929 C CA  . LEU A 1 132 ? -5.227  -16.198 11.232  1.00 68.07 ? 132 LEU A CA  1 
ATOM   930 C C   . LEU A 1 132 ? -3.902  -16.886 10.931  1.00 68.40 ? 132 LEU A C   1 
ATOM   931 O O   . LEU A 1 132 ? -3.873  -18.044 10.513  1.00 67.94 ? 132 LEU A O   1 
ATOM   932 C CB  . LEU A 1 132 ? -6.069  -16.076 9.958   1.00 68.55 ? 132 LEU A CB  1 
ATOM   933 C CG  . LEU A 1 132 ? -5.661  -15.023 8.926   1.00 69.05 ? 132 LEU A CG  1 
ATOM   934 C CD1 . LEU A 1 132 ? -4.257  -15.278 8.406   1.00 69.77 ? 132 LEU A CD1 1 
ATOM   935 C CD2 . LEU A 1 132 ? -6.658  -14.997 7.780   1.00 69.03 ? 132 LEU A CD2 1 
HETATM 936 O O9  . MPE B 2 .   ? 14.192  10.227  -10.999 1.00 48.10 ? 201 MPE A O9  1 
HETATM 937 C C7  . MPE B 2 .   ? 14.234  10.882  -9.973  1.00 47.38 ? 201 MPE A C7  1 
HETATM 938 O O8  . MPE B 2 .   ? 15.155  11.658  -9.786  1.00 48.26 ? 201 MPE A O8  1 
HETATM 939 C C6  . MPE B 2 .   ? 13.158  10.707  -8.950  1.00 46.33 ? 201 MPE A C6  1 
HETATM 940 N N5  . MPE B 2 .   ? 12.757  9.323   -8.940  1.00 44.80 ? 201 MPE A N5  1 
HETATM 941 O O4  . MPE B 2 .   ? 12.438  8.672   -7.709  1.00 43.68 ? 201 MPE A O4  1 
HETATM 942 C C3  . MPE B 2 .   ? 13.423  7.872   -7.070  1.00 39.81 ? 201 MPE A C3  1 
HETATM 943 C C2  . MPE B 2 .   ? 13.347  8.156   -5.581  1.00 35.93 ? 201 MPE A C2  1 
HETATM 944 S S1  . MPE B 2 .   ? 12.690  6.743   -4.680  1.00 33.81 ? 201 MPE A S1  1 
HETATM 945 C C10 . MPE B 2 .   ? 11.983  11.557  -9.256  1.00 48.87 ? 201 MPE A C10 1 
HETATM 946 C C11 . MPE B 2 .   ? 11.991  12.593  -10.168 1.00 49.65 ? 201 MPE A C11 1 
HETATM 947 N N12 . MPE B 2 .   ? 10.733  13.122  -10.159 1.00 50.00 ? 201 MPE A N12 1 
HETATM 948 C C13 . MPE B 2 .   ? 9.905   12.491  -9.291  1.00 49.80 ? 201 MPE A C13 1 
HETATM 949 C C15 . MPE B 2 .   ? 8.576   12.669  -8.943  1.00 50.40 ? 201 MPE A C15 1 
HETATM 950 C C14 . MPE B 2 .   ? 10.660  11.408  -8.626  1.00 50.12 ? 201 MPE A C14 1 
HETATM 951 C C18 . MPE B 2 .   ? 10.055  10.594  -7.682  1.00 50.96 ? 201 MPE A C18 1 
HETATM 952 C C17 . MPE B 2 .   ? 8.718   10.815  -7.376  1.00 50.77 ? 201 MPE A C17 1 
HETATM 953 C C16 . MPE B 2 .   ? 7.992   11.836  -7.992  1.00 50.64 ? 201 MPE A C16 1 
HETATM 954 C C1  . GOL C 3 .   ? 17.098  6.326   2.476   1.00 60.53 ? 202 GOL A C1  1 
HETATM 955 O O1  . GOL C 3 .   ? 17.672  7.079   1.430   1.00 60.60 ? 202 GOL A O1  1 
HETATM 956 C C2  . GOL C 3 .   ? 18.174  5.885   3.464   1.00 61.09 ? 202 GOL A C2  1 
HETATM 957 O O2  . GOL C 3 .   ? 18.009  6.586   4.678   1.00 60.06 ? 202 GOL A O2  1 
HETATM 958 C C3  . GOL C 3 .   ? 19.566  6.149   2.898   1.00 60.81 ? 202 GOL A C3  1 
HETATM 959 O O3  . GOL C 3 .   ? 20.007  5.017   2.180   1.00 60.90 ? 202 GOL A O3  1 
HETATM 960 O O   . HOH D 4 .   ? 6.526   -10.572 -6.439  1.00 37.13 ? 203 HOH A O   1 
HETATM 961 O O   . HOH D 4 .   ? -8.100  -22.140 -7.290  1.00 35.47 ? 204 HOH A O   1 
HETATM 962 O O   . HOH D 4 .   ? 3.823   10.932  6.803   1.00 24.08 ? 205 HOH A O   1 
HETATM 963 O O   . HOH D 4 .   ? -13.181 -10.494 -6.507  1.00 28.23 ? 206 HOH A O   1 
HETATM 964 O O   . HOH D 4 .   ? 5.856   10.432  -1.632  1.00 34.75 ? 207 HOH A O   1 
HETATM 965 O O   . HOH D 4 .   ? -2.001  -0.625  9.941   1.00 26.02 ? 208 HOH A O   1 
HETATM 966 O O   . HOH D 4 .   ? -4.980  5.139   1.195   1.00 23.66 ? 209 HOH A O   1 
HETATM 967 O O   . HOH D 4 .   ? 4.980   -10.756 -4.719  1.00 36.72 ? 210 HOH A O   1 
HETATM 968 O O   . HOH D 4 .   ? 17.704  1.707   -10.623 1.00 28.23 ? 211 HOH A O   1 
HETATM 969 O O   . HOH D 4 .   ? 17.914  6.897   -6.495  1.00 27.67 ? 212 HOH A O   1 
HETATM 970 O O   . HOH D 4 .   ? 16.386  5.550   -9.026  1.00 26.74 ? 213 HOH A O   1 
HETATM 971 O O   . HOH D 4 .   ? 8.274   -3.609  6.116   1.00 25.60 ? 214 HOH A O   1 
HETATM 972 O O   . HOH D 4 .   ? -17.657 6.958   7.121   1.00 71.10 ? 215 HOH A O   1 
# 
